data_5T0F
# 
_entry.id   5T0F 
# 
_audit_conform.dict_name       mmcif_pdbx.dic 
_audit_conform.dict_version    5.379 
_audit_conform.dict_location   http://mmcif.pdb.org/dictionaries/ascii/mmcif_pdbx.dic 
# 
loop_
_database_2.database_id 
_database_2.database_code 
_database_2.pdbx_database_accession 
_database_2.pdbx_DOI 
PDB   5T0F         pdb_00005t0f 10.2210/pdb5t0f/pdb 
WWPDB D_1000223421 ?            ?                   
# 
loop_
_pdbx_database_related.db_name 
_pdbx_database_related.details 
_pdbx_database_related.db_id 
_pdbx_database_related.content_type 
PDB . 4RRU unspecified 
PDB . 4RQW unspecified 
PDB . 4RS9 unspecified 
# 
_pdbx_database_status.status_code                     REL 
_pdbx_database_status.status_code_sf                  REL 
_pdbx_database_status.status_code_mr                  ? 
_pdbx_database_status.entry_id                        5T0F 
_pdbx_database_status.recvd_initial_deposition_date   2016-08-16 
_pdbx_database_status.SG_entry                        N 
_pdbx_database_status.deposit_site                    RCSB 
_pdbx_database_status.process_site                    RCSB 
_pdbx_database_status.status_code_cs                  ? 
_pdbx_database_status.methods_development_category    ? 
_pdbx_database_status.pdb_format_compatible           Y 
_pdbx_database_status.status_code_nmr_data            ? 
# 
loop_
_audit_author.name 
_audit_author.pdbx_ordinal 
'Ke, J.'          1 
'Zhang, F.'       2 
'Brunzelle, J.S.' 3 
'He, S.Y.'        4 
'Xu, H.E.'        5 
'Melcher, K.'     6 
# 
_citation.abstract                  ? 
_citation.abstract_id_CAS           ? 
_citation.book_id_ISBN              ? 
_citation.book_publisher            ? 
_citation.book_publisher_city       ? 
_citation.book_title                ? 
_citation.coordinate_linkage        ? 
_citation.country                   US 
_citation.database_id_Medline       ? 
_citation.details                   ? 
_citation.id                        primary 
_citation.journal_abbrev            'Proc. Natl. Acad. Sci. U.S.A.' 
_citation.journal_id_ASTM           PNASA6 
_citation.journal_id_CSD            0040 
_citation.journal_id_ISSN           1091-6490 
_citation.journal_full              ? 
_citation.journal_issue             ? 
_citation.journal_volume            114 
_citation.language                  ? 
_citation.page_first                1720 
_citation.page_last                 1725 
_citation.title                     
'Structural insights into alternative splicing-mediated desensitization of jasmonate signaling.' 
_citation.year                      2017 
_citation.database_id_CSD           ? 
_citation.pdbx_database_id_DOI      10.1073/pnas.1616938114 
_citation.pdbx_database_id_PubMed   28137867 
_citation.unpublished_flag          ? 
# 
loop_
_citation_author.citation_id 
_citation_author.name 
_citation_author.ordinal 
_citation_author.identifier_ORCID 
primary 'Zhang, F.'    1  ? 
primary 'Ke, J.'       2  ? 
primary 'Zhang, L.'    3  ? 
primary 'Chen, R.'     4  ? 
primary 'Sugimoto, K.' 5  ? 
primary 'Howe, G.A.'   6  ? 
primary 'Xu, H.E.'     7  ? 
primary 'Zhou, M.'     8  ? 
primary 'He, S.Y.'     9  ? 
primary 'Melcher, K.'  10 ? 
# 
_cell.entry_id           5T0F 
_cell.length_a           57.321 
_cell.length_b           65.370 
_cell.length_c           125.654 
_cell.angle_alpha        90.00 
_cell.angle_beta         90.00 
_cell.angle_gamma        90.00 
_cell.Z_PDB              8 
_cell.pdbx_unique_axis   ? 
# 
_symmetry.entry_id                         5T0F 
_symmetry.space_group_name_H-M             'C 2 2 21' 
_symmetry.pdbx_full_space_group_name_H-M   ? 
_symmetry.cell_setting                     ? 
_symmetry.Int_Tables_number                20 
# 
loop_
_entity.id 
_entity.type 
_entity.src_method 
_entity.pdbx_description 
_entity.formula_weight 
_entity.pdbx_number_of_molecules 
_entity.pdbx_ec 
_entity.pdbx_mutation 
_entity.pdbx_fragment 
_entity.details 
1 polymer man 'Transcription factor MYC3' 21872.879 1  ? ? ?                    ? 
2 polymer man 'Protein TIFY 9'            4967.769  1  ? ? 'UNP residues 16-58' ? 
3 water   nat water                       18.015    13 ? ? ?                    ? 
# 
loop_
_entity_name_com.entity_id 
_entity_name_com.name 
1 
;Basic helix-loop-helix protein 5,bHLH 5,Protein ALTERED TRYPTOPHAN REGULATION 2,Transcription factor ATR2,Transcription factor EN 36,bHLH transcription factor bHLH005
;
2 'Jasmonate ZIM domain-containing protein 10,Protein JASMONATE-ASSOCIATED 1,Protein JAZ10' 
# 
loop_
_entity_poly.entity_id 
_entity_poly.type 
_entity_poly.nstd_linkage 
_entity_poly.nstd_monomer 
_entity_poly.pdbx_seq_one_letter_code 
_entity_poly.pdbx_seq_one_letter_code_can 
_entity_poly.pdbx_strand_id 
_entity_poly.pdbx_target_identifier 
1 'polypeptide(L)' no no 
;QPQFNEDTLQQRLQALIESAGENWTYAIFWQISHDFDSSTGDNTVILGWGDGYYKGEEDKEKKKNNTNTAEQEHRKRVIR
ELNSLISGGIGVSDESNDEEVTDTEWFFLVSMTQSFVNGVGLPGESFLNSRVIWLSGSGALTGSGCERAGQGQIYGLKTM
VCIATQNGVVELGSSEVISQSSDLMHKVNNLFNFNNGGG
;
;QPQFNEDTLQQRLQALIESAGENWTYAIFWQISHDFDSSTGDNTVILGWGDGYYKGEEDKEKKKNNTNTAEQEHRKRVIR
ELNSLISGGIGVSDESNDEEVTDTEWFFLVSMTQSFVNGVGLPGESFLNSRVIWLSGSGALTGSGCERAGQGQIYGLKTM
VCIATQNGVVELGSSEVISQSSDLMHKVNNLFNFNNGGG
;
A ? 
2 'polypeptide(L)' no no KQTNNAPKPKFQKFLDRRRSFRDIQGAISKIDPEIIKSLLAST KQTNNAPKPKFQKFLDRRRSFRDIQGAISKIDPEIIKSLLAST B ? 
# 
loop_
_entity_poly_seq.entity_id 
_entity_poly_seq.num 
_entity_poly_seq.mon_id 
_entity_poly_seq.hetero 
1 1   GLN n 
1 2   PRO n 
1 3   GLN n 
1 4   PHE n 
1 5   ASN n 
1 6   GLU n 
1 7   ASP n 
1 8   THR n 
1 9   LEU n 
1 10  GLN n 
1 11  GLN n 
1 12  ARG n 
1 13  LEU n 
1 14  GLN n 
1 15  ALA n 
1 16  LEU n 
1 17  ILE n 
1 18  GLU n 
1 19  SER n 
1 20  ALA n 
1 21  GLY n 
1 22  GLU n 
1 23  ASN n 
1 24  TRP n 
1 25  THR n 
1 26  TYR n 
1 27  ALA n 
1 28  ILE n 
1 29  PHE n 
1 30  TRP n 
1 31  GLN n 
1 32  ILE n 
1 33  SER n 
1 34  HIS n 
1 35  ASP n 
1 36  PHE n 
1 37  ASP n 
1 38  SER n 
1 39  SER n 
1 40  THR n 
1 41  GLY n 
1 42  ASP n 
1 43  ASN n 
1 44  THR n 
1 45  VAL n 
1 46  ILE n 
1 47  LEU n 
1 48  GLY n 
1 49  TRP n 
1 50  GLY n 
1 51  ASP n 
1 52  GLY n 
1 53  TYR n 
1 54  TYR n 
1 55  LYS n 
1 56  GLY n 
1 57  GLU n 
1 58  GLU n 
1 59  ASP n 
1 60  LYS n 
1 61  GLU n 
1 62  LYS n 
1 63  LYS n 
1 64  LYS n 
1 65  ASN n 
1 66  ASN n 
1 67  THR n 
1 68  ASN n 
1 69  THR n 
1 70  ALA n 
1 71  GLU n 
1 72  GLN n 
1 73  GLU n 
1 74  HIS n 
1 75  ARG n 
1 76  LYS n 
1 77  ARG n 
1 78  VAL n 
1 79  ILE n 
1 80  ARG n 
1 81  GLU n 
1 82  LEU n 
1 83  ASN n 
1 84  SER n 
1 85  LEU n 
1 86  ILE n 
1 87  SER n 
1 88  GLY n 
1 89  GLY n 
1 90  ILE n 
1 91  GLY n 
1 92  VAL n 
1 93  SER n 
1 94  ASP n 
1 95  GLU n 
1 96  SER n 
1 97  ASN n 
1 98  ASP n 
1 99  GLU n 
1 100 GLU n 
1 101 VAL n 
1 102 THR n 
1 103 ASP n 
1 104 THR n 
1 105 GLU n 
1 106 TRP n 
1 107 PHE n 
1 108 PHE n 
1 109 LEU n 
1 110 VAL n 
1 111 SER n 
1 112 MET n 
1 113 THR n 
1 114 GLN n 
1 115 SER n 
1 116 PHE n 
1 117 VAL n 
1 118 ASN n 
1 119 GLY n 
1 120 VAL n 
1 121 GLY n 
1 122 LEU n 
1 123 PRO n 
1 124 GLY n 
1 125 GLU n 
1 126 SER n 
1 127 PHE n 
1 128 LEU n 
1 129 ASN n 
1 130 SER n 
1 131 ARG n 
1 132 VAL n 
1 133 ILE n 
1 134 TRP n 
1 135 LEU n 
1 136 SER n 
1 137 GLY n 
1 138 SER n 
1 139 GLY n 
1 140 ALA n 
1 141 LEU n 
1 142 THR n 
1 143 GLY n 
1 144 SER n 
1 145 GLY n 
1 146 CYS n 
1 147 GLU n 
1 148 ARG n 
1 149 ALA n 
1 150 GLY n 
1 151 GLN n 
1 152 GLY n 
1 153 GLN n 
1 154 ILE n 
1 155 TYR n 
1 156 GLY n 
1 157 LEU n 
1 158 LYS n 
1 159 THR n 
1 160 MET n 
1 161 VAL n 
1 162 CYS n 
1 163 ILE n 
1 164 ALA n 
1 165 THR n 
1 166 GLN n 
1 167 ASN n 
1 168 GLY n 
1 169 VAL n 
1 170 VAL n 
1 171 GLU n 
1 172 LEU n 
1 173 GLY n 
1 174 SER n 
1 175 SER n 
1 176 GLU n 
1 177 VAL n 
1 178 ILE n 
1 179 SER n 
1 180 GLN n 
1 181 SER n 
1 182 SER n 
1 183 ASP n 
1 184 LEU n 
1 185 MET n 
1 186 HIS n 
1 187 LYS n 
1 188 VAL n 
1 189 ASN n 
1 190 ASN n 
1 191 LEU n 
1 192 PHE n 
1 193 ASN n 
1 194 PHE n 
1 195 ASN n 
1 196 ASN n 
1 197 GLY n 
1 198 GLY n 
1 199 GLY n 
2 1   LYS n 
2 2   GLN n 
2 3   THR n 
2 4   ASN n 
2 5   ASN n 
2 6   ALA n 
2 7   PRO n 
2 8   LYS n 
2 9   PRO n 
2 10  LYS n 
2 11  PHE n 
2 12  GLN n 
2 13  LYS n 
2 14  PHE n 
2 15  LEU n 
2 16  ASP n 
2 17  ARG n 
2 18  ARG n 
2 19  ARG n 
2 20  SER n 
2 21  PHE n 
2 22  ARG n 
2 23  ASP n 
2 24  ILE n 
2 25  GLN n 
2 26  GLY n 
2 27  ALA n 
2 28  ILE n 
2 29  SER n 
2 30  LYS n 
2 31  ILE n 
2 32  ASP n 
2 33  PRO n 
2 34  GLU n 
2 35  ILE n 
2 36  ILE n 
2 37  LYS n 
2 38  SER n 
2 39  LEU n 
2 40  LEU n 
2 41  ALA n 
2 42  SER n 
2 43  THR n 
# 
loop_
_entity_src_gen.entity_id 
_entity_src_gen.pdbx_src_id 
_entity_src_gen.pdbx_alt_source_flag 
_entity_src_gen.pdbx_seq_type 
_entity_src_gen.pdbx_beg_seq_num 
_entity_src_gen.pdbx_end_seq_num 
_entity_src_gen.gene_src_common_name 
_entity_src_gen.gene_src_genus 
_entity_src_gen.pdbx_gene_src_gene 
_entity_src_gen.gene_src_species 
_entity_src_gen.gene_src_strain 
_entity_src_gen.gene_src_tissue 
_entity_src_gen.gene_src_tissue_fraction 
_entity_src_gen.gene_src_details 
_entity_src_gen.pdbx_gene_src_fragment 
_entity_src_gen.pdbx_gene_src_scientific_name 
_entity_src_gen.pdbx_gene_src_ncbi_taxonomy_id 
_entity_src_gen.pdbx_gene_src_variant 
_entity_src_gen.pdbx_gene_src_cell_line 
_entity_src_gen.pdbx_gene_src_atcc 
_entity_src_gen.pdbx_gene_src_organ 
_entity_src_gen.pdbx_gene_src_organelle 
_entity_src_gen.pdbx_gene_src_cell 
_entity_src_gen.pdbx_gene_src_cellular_location 
_entity_src_gen.host_org_common_name 
_entity_src_gen.pdbx_host_org_scientific_name 
_entity_src_gen.pdbx_host_org_ncbi_taxonomy_id 
_entity_src_gen.host_org_genus 
_entity_src_gen.pdbx_host_org_gene 
_entity_src_gen.pdbx_host_org_organ 
_entity_src_gen.host_org_species 
_entity_src_gen.pdbx_host_org_tissue 
_entity_src_gen.pdbx_host_org_tissue_fraction 
_entity_src_gen.pdbx_host_org_strain 
_entity_src_gen.pdbx_host_org_variant 
_entity_src_gen.pdbx_host_org_cell_line 
_entity_src_gen.pdbx_host_org_atcc 
_entity_src_gen.pdbx_host_org_culture_collection 
_entity_src_gen.pdbx_host_org_cell 
_entity_src_gen.pdbx_host_org_organelle 
_entity_src_gen.pdbx_host_org_cellular_location 
_entity_src_gen.pdbx_host_org_vector_type 
_entity_src_gen.pdbx_host_org_vector 
_entity_src_gen.host_org_details 
_entity_src_gen.expression_system_id 
_entity_src_gen.plasmid_name 
_entity_src_gen.plasmid_details 
_entity_src_gen.pdbx_description 
1 1 sample 'Biological sequence' 1 199 'Mouse-ear cress' ? 'MYC3, ATR2, BHLH5, EN36, At5g46760, MZA15.18' ? ? ? ? ? ? 
'Arabidopsis thaliana' 3702 ? ? ? ? ? ? ? ? 'Escherichia coli' 562 ? ? ? ? ? ? ? ? ? ? ? ? ? ? PLASMID ? ? ? ? ? ? 
2 1 sample 'Biological sequence' 1 43  'Mouse-ear cress' ? 'TIFY9, JAS1, JAZ10, At5g13220, T31B5.40'      ? ? ? ? ? ? 
'Arabidopsis thaliana' 3702 ? ? ? ? ? ? ? ? 'Escherichia coli' 562 ? ? ? ? ? ? ? ? ? ? ? ? ? ? ?       ? ? ? ? ? ? 
# 
loop_
_struct_ref.id 
_struct_ref.db_name 
_struct_ref.db_code 
_struct_ref.pdbx_db_accession 
_struct_ref.pdbx_db_isoform 
_struct_ref.entity_id 
_struct_ref.pdbx_seq_one_letter_code 
_struct_ref.pdbx_align_begin 
1 UNP MYC3_ARATH Q9FIP9 ? 1 
;QPQFNEDTLQQRLQALIESAGENWTYAIFWQISHDFDSSTGDNTVILGWGDGYYKGEEDKEKKKNNTNTAEQEHRKRVIR
ELNSLISGGIGVSDESNDEEVTDTEWFFLVSMTQSFVNGVGLPGESFLNSRVIWLSGSGALTGSGCERAGQGQIYGLKTM
VCIATQNGVVELGSSEVISQSSDLMHKVNNLFNFNNGGG
;
44 
2 UNP TIF9_ARATH Q93ZM9 ? 2 KQTNNAPKPKFQKFLDRRRSFRDIQGAISKIDPEIIKSLLAST 16 
# 
loop_
_struct_ref_seq.align_id 
_struct_ref_seq.ref_id 
_struct_ref_seq.pdbx_PDB_id_code 
_struct_ref_seq.pdbx_strand_id 
_struct_ref_seq.seq_align_beg 
_struct_ref_seq.pdbx_seq_align_beg_ins_code 
_struct_ref_seq.seq_align_end 
_struct_ref_seq.pdbx_seq_align_end_ins_code 
_struct_ref_seq.pdbx_db_accession 
_struct_ref_seq.db_align_beg 
_struct_ref_seq.pdbx_db_align_beg_ins_code 
_struct_ref_seq.db_align_end 
_struct_ref_seq.pdbx_db_align_end_ins_code 
_struct_ref_seq.pdbx_auth_seq_align_beg 
_struct_ref_seq.pdbx_auth_seq_align_end 
1 1 5T0F A 1 ? 199 ? Q9FIP9 44 ? 242 ? 44 242 
2 2 5T0F B 1 ? 43  ? Q93ZM9 16 ? 58  ? 16 58  
# 
loop_
_chem_comp.id 
_chem_comp.type 
_chem_comp.mon_nstd_flag 
_chem_comp.name 
_chem_comp.pdbx_synonyms 
_chem_comp.formula 
_chem_comp.formula_weight 
ALA 'L-peptide linking' y ALANINE         ? 'C3 H7 N O2'     89.093  
ARG 'L-peptide linking' y ARGININE        ? 'C6 H15 N4 O2 1' 175.209 
ASN 'L-peptide linking' y ASPARAGINE      ? 'C4 H8 N2 O3'    132.118 
ASP 'L-peptide linking' y 'ASPARTIC ACID' ? 'C4 H7 N O4'     133.103 
CYS 'L-peptide linking' y CYSTEINE        ? 'C3 H7 N O2 S'   121.158 
GLN 'L-peptide linking' y GLUTAMINE       ? 'C5 H10 N2 O3'   146.144 
GLU 'L-peptide linking' y 'GLUTAMIC ACID' ? 'C5 H9 N O4'     147.129 
GLY 'peptide linking'   y GLYCINE         ? 'C2 H5 N O2'     75.067  
HIS 'L-peptide linking' y HISTIDINE       ? 'C6 H10 N3 O2 1' 156.162 
HOH non-polymer         . WATER           ? 'H2 O'           18.015  
ILE 'L-peptide linking' y ISOLEUCINE      ? 'C6 H13 N O2'    131.173 
LEU 'L-peptide linking' y LEUCINE         ? 'C6 H13 N O2'    131.173 
LYS 'L-peptide linking' y LYSINE          ? 'C6 H15 N2 O2 1' 147.195 
MET 'L-peptide linking' y METHIONINE      ? 'C5 H11 N O2 S'  149.211 
PHE 'L-peptide linking' y PHENYLALANINE   ? 'C9 H11 N O2'    165.189 
PRO 'L-peptide linking' y PROLINE         ? 'C5 H9 N O2'     115.130 
SER 'L-peptide linking' y SERINE          ? 'C3 H7 N O3'     105.093 
THR 'L-peptide linking' y THREONINE       ? 'C4 H9 N O3'     119.119 
TRP 'L-peptide linking' y TRYPTOPHAN      ? 'C11 H12 N2 O2'  204.225 
TYR 'L-peptide linking' y TYROSINE        ? 'C9 H11 N O3'    181.189 
VAL 'L-peptide linking' y VALINE          ? 'C5 H11 N O2'    117.146 
# 
_exptl.absorpt_coefficient_mu     ? 
_exptl.absorpt_correction_T_max   ? 
_exptl.absorpt_correction_T_min   ? 
_exptl.absorpt_correction_type    ? 
_exptl.absorpt_process_details    ? 
_exptl.entry_id                   5T0F 
_exptl.crystals_number            1 
_exptl.details                    ? 
_exptl.method                     'X-RAY DIFFRACTION' 
_exptl.method_details             ? 
# 
_exptl_crystal.colour                      ? 
_exptl_crystal.density_diffrn              ? 
_exptl_crystal.density_Matthews            2.19 
_exptl_crystal.density_method              ? 
_exptl_crystal.density_percent_sol         43.91 
_exptl_crystal.description                 ? 
_exptl_crystal.F_000                       ? 
_exptl_crystal.id                          1 
_exptl_crystal.preparation                 ? 
_exptl_crystal.size_max                    ? 
_exptl_crystal.size_mid                    ? 
_exptl_crystal.size_min                    ? 
_exptl_crystal.size_rad                    ? 
_exptl_crystal.colour_lustre               ? 
_exptl_crystal.colour_modifier             ? 
_exptl_crystal.colour_primary              ? 
_exptl_crystal.density_meas                ? 
_exptl_crystal.density_meas_esd            ? 
_exptl_crystal.density_meas_gt             ? 
_exptl_crystal.density_meas_lt             ? 
_exptl_crystal.density_meas_temp           ? 
_exptl_crystal.density_meas_temp_esd       ? 
_exptl_crystal.density_meas_temp_gt        ? 
_exptl_crystal.density_meas_temp_lt        ? 
_exptl_crystal.pdbx_crystal_image_url      ? 
_exptl_crystal.pdbx_crystal_image_format   ? 
_exptl_crystal.pdbx_mosaicity              ? 
_exptl_crystal.pdbx_mosaicity_esd          ? 
# 
_exptl_crystal_grow.apparatus       ? 
_exptl_crystal_grow.atmosphere      ? 
_exptl_crystal_grow.crystal_id      1 
_exptl_crystal_grow.details         ? 
_exptl_crystal_grow.method          'VAPOR DIFFUSION, SITTING DROP' 
_exptl_crystal_grow.method_ref      ? 
_exptl_crystal_grow.pH              6.0 
_exptl_crystal_grow.pressure        ? 
_exptl_crystal_grow.pressure_esd    ? 
_exptl_crystal_grow.seeding         ? 
_exptl_crystal_grow.seeding_ref     ? 
_exptl_crystal_grow.temp            293 
_exptl_crystal_grow.temp_details    ? 
_exptl_crystal_grow.temp_esd        ? 
_exptl_crystal_grow.time            ? 
_exptl_crystal_grow.pdbx_details    '0.1 M Tris, pH 6.0, 20% (w/v) polyethylene glycol monomethyl ether 2,000' 
_exptl_crystal_grow.pdbx_pH_range   ? 
# 
_diffrn.ambient_environment    ? 
_diffrn.ambient_temp           100 
_diffrn.ambient_temp_details   'liquid nitrogen' 
_diffrn.ambient_temp_esd       ? 
_diffrn.crystal_id             1 
_diffrn.crystal_support        ? 
_diffrn.crystal_treatment      ? 
_diffrn.details                ? 
_diffrn.id                     1 
_diffrn.ambient_pressure       ? 
_diffrn.ambient_pressure_esd   ? 
_diffrn.ambient_pressure_gt    ? 
_diffrn.ambient_pressure_lt    ? 
_diffrn.ambient_temp_gt        ? 
_diffrn.ambient_temp_lt        ? 
# 
_diffrn_detector.details                      ? 
_diffrn_detector.detector                     CCD 
_diffrn_detector.diffrn_id                    1 
_diffrn_detector.type                         'MARMOSAIC 300 mm CCD' 
_diffrn_detector.area_resol_mean              ? 
_diffrn_detector.dtime                        ? 
_diffrn_detector.pdbx_frames_total            ? 
_diffrn_detector.pdbx_collection_time_total   ? 
_diffrn_detector.pdbx_collection_date         2015-08-14 
# 
_diffrn_radiation.collimation                      ? 
_diffrn_radiation.diffrn_id                        1 
_diffrn_radiation.filter_edge                      ? 
_diffrn_radiation.inhomogeneity                    ? 
_diffrn_radiation.monochromator                    'Ni FILTER' 
_diffrn_radiation.polarisn_norm                    ? 
_diffrn_radiation.polarisn_ratio                   ? 
_diffrn_radiation.probe                            ? 
_diffrn_radiation.type                             ? 
_diffrn_radiation.xray_symbol                      ? 
_diffrn_radiation.wavelength_id                    1 
_diffrn_radiation.pdbx_monochromatic_or_laue_m_l   M 
_diffrn_radiation.pdbx_wavelength_list             ? 
_diffrn_radiation.pdbx_wavelength                  ? 
_diffrn_radiation.pdbx_diffrn_protocol             'SINGLE WAVELENGTH' 
_diffrn_radiation.pdbx_analyzer                    ? 
_diffrn_radiation.pdbx_scattering_type             x-ray 
# 
_diffrn_radiation_wavelength.id           1 
_diffrn_radiation_wavelength.wavelength   0.9786 
_diffrn_radiation_wavelength.wt           1.0 
# 
_diffrn_source.current                     ? 
_diffrn_source.details                     ? 
_diffrn_source.diffrn_id                   1 
_diffrn_source.power                       ? 
_diffrn_source.size                        ? 
_diffrn_source.source                      SYNCHROTRON 
_diffrn_source.target                      ? 
_diffrn_source.type                        'APS BEAMLINE 21-ID-G' 
_diffrn_source.voltage                     ? 
_diffrn_source.take-off_angle              ? 
_diffrn_source.pdbx_wavelength_list        0.9786 
_diffrn_source.pdbx_wavelength             ? 
_diffrn_source.pdbx_synchrotron_beamline   21-ID-G 
_diffrn_source.pdbx_synchrotron_site       APS 
# 
_reflns.B_iso_Wilson_estimate            ? 
_reflns.entry_id                         5T0F 
_reflns.data_reduction_details           ? 
_reflns.data_reduction_method            ? 
_reflns.d_resolution_high                2.4 
_reflns.d_resolution_low                 50 
_reflns.details                          ? 
_reflns.limit_h_max                      ? 
_reflns.limit_h_min                      ? 
_reflns.limit_k_max                      ? 
_reflns.limit_k_min                      ? 
_reflns.limit_l_max                      ? 
_reflns.limit_l_min                      ? 
_reflns.number_all                       ? 
_reflns.number_obs                       9574 
_reflns.observed_criterion               ? 
_reflns.observed_criterion_F_max         ? 
_reflns.observed_criterion_F_min         ? 
_reflns.observed_criterion_I_max         ? 
_reflns.observed_criterion_I_min         ? 
_reflns.observed_criterion_sigma_F       ? 
_reflns.observed_criterion_sigma_I       ? 
_reflns.percent_possible_obs             100 
_reflns.R_free_details                   ? 
_reflns.Rmerge_F_all                     ? 
_reflns.Rmerge_F_obs                     ? 
_reflns.Friedel_coverage                 ? 
_reflns.number_gt                        ? 
_reflns.threshold_expression             ? 
_reflns.pdbx_redundancy                  14.3 
_reflns.pdbx_Rmerge_I_obs                0.067 
_reflns.pdbx_Rmerge_I_all                ? 
_reflns.pdbx_Rsym_value                  ? 
_reflns.pdbx_netI_over_av_sigmaI         ? 
_reflns.pdbx_netI_over_sigmaI            26.1 
_reflns.pdbx_res_netI_over_av_sigmaI_2   ? 
_reflns.pdbx_res_netI_over_sigmaI_2      ? 
_reflns.pdbx_chi_squared                 ? 
_reflns.pdbx_scaling_rejects             ? 
_reflns.pdbx_d_res_high_opt              ? 
_reflns.pdbx_d_res_low_opt               ? 
_reflns.pdbx_d_res_opt_method            ? 
_reflns.phase_calculation_details        ? 
_reflns.pdbx_Rrim_I_all                  ? 
_reflns.pdbx_Rpim_I_all                  ? 
_reflns.pdbx_d_opt                       ? 
_reflns.pdbx_number_measured_all         ? 
_reflns.pdbx_diffrn_id                   1 
_reflns.pdbx_ordinal                     1 
_reflns.pdbx_CC_half                     1.0 
_reflns.pdbx_R_split                     ? 
# 
_reflns_shell.d_res_high                  2.4 
_reflns_shell.d_res_low                   2.49 
_reflns_shell.meanI_over_sigI_all         ? 
_reflns_shell.meanI_over_sigI_obs         3.5 
_reflns_shell.number_measured_all         ? 
_reflns_shell.number_measured_obs         ? 
_reflns_shell.number_possible             ? 
_reflns_shell.number_unique_all           ? 
_reflns_shell.number_unique_obs           ? 
_reflns_shell.percent_possible_all        99.9 
_reflns_shell.percent_possible_obs        ? 
_reflns_shell.Rmerge_F_all                ? 
_reflns_shell.Rmerge_F_obs                ? 
_reflns_shell.Rmerge_I_all                ? 
_reflns_shell.Rmerge_I_obs                1.0 
_reflns_shell.meanI_over_sigI_gt          ? 
_reflns_shell.meanI_over_uI_all           ? 
_reflns_shell.meanI_over_uI_gt            ? 
_reflns_shell.number_measured_gt          ? 
_reflns_shell.number_unique_gt            ? 
_reflns_shell.percent_possible_gt         ? 
_reflns_shell.Rmerge_F_gt                 ? 
_reflns_shell.Rmerge_I_gt                 ? 
_reflns_shell.pdbx_redundancy             14.9 
_reflns_shell.pdbx_Rsym_value             ? 
_reflns_shell.pdbx_chi_squared            ? 
_reflns_shell.pdbx_netI_over_sigmaI_all   ? 
_reflns_shell.pdbx_netI_over_sigmaI_obs   ? 
_reflns_shell.pdbx_Rrim_I_all             ? 
_reflns_shell.pdbx_Rpim_I_all             ? 
_reflns_shell.pdbx_rejects                ? 
_reflns_shell.pdbx_ordinal                1 
_reflns_shell.pdbx_diffrn_id              1 
_reflns_shell.pdbx_CC_half                0.935 
_reflns_shell.pdbx_R_split                ? 
# 
_refine.pdbx_refine_id                           'X-RAY DIFFRACTION' 
_refine.entry_id                                 5T0F 
_refine.pdbx_diffrn_id                           1 
_refine.pdbx_TLS_residual_ADP_flag               ? 
_refine.ls_number_reflns_obs                     17783 
_refine.ls_number_reflns_all                     ? 
_refine.pdbx_ls_sigma_I                          ? 
_refine.pdbx_ls_sigma_F                          1.51 
_refine.pdbx_data_cutoff_high_absF               ? 
_refine.pdbx_data_cutoff_low_absF                ? 
_refine.pdbx_data_cutoff_high_rms_absF           ? 
_refine.ls_d_res_low                             31.632 
_refine.ls_d_res_high                            2.400 
_refine.ls_percent_reflns_obs                    99.78 
_refine.ls_R_factor_obs                          0.2280 
_refine.ls_R_factor_all                          ? 
_refine.ls_R_factor_R_work                       0.2259 
_refine.ls_R_factor_R_free                       0.2696 
_refine.ls_R_factor_R_free_error                 ? 
_refine.ls_R_factor_R_free_error_details         ? 
_refine.ls_percent_reflns_R_free                 4.89 
_refine.ls_number_reflns_R_free                  870 
_refine.ls_number_parameters                     ? 
_refine.ls_number_restraints                     ? 
_refine.occupancy_min                            ? 
_refine.occupancy_max                            ? 
_refine.correlation_coeff_Fo_to_Fc               ? 
_refine.correlation_coeff_Fo_to_Fc_free          ? 
_refine.B_iso_mean                               ? 
_refine.aniso_B[1][1]                            ? 
_refine.aniso_B[2][2]                            ? 
_refine.aniso_B[3][3]                            ? 
_refine.aniso_B[1][2]                            ? 
_refine.aniso_B[1][3]                            ? 
_refine.aniso_B[2][3]                            ? 
_refine.solvent_model_details                    'FLAT BULK SOLVENT MODEL' 
_refine.solvent_model_param_ksol                 ? 
_refine.solvent_model_param_bsol                 ? 
_refine.pdbx_solvent_vdw_probe_radii             1.11 
_refine.pdbx_solvent_ion_probe_radii             ? 
_refine.pdbx_solvent_shrinkage_radii             0.90 
_refine.pdbx_ls_cross_valid_method               'FREE R-VALUE' 
_refine.details                                  ? 
_refine.pdbx_starting_model                      4RQW 
_refine.pdbx_method_to_determine_struct          'MOLECULAR REPLACEMENT' 
_refine.pdbx_isotropic_thermal_model             ? 
_refine.pdbx_stereochemistry_target_values       ML 
_refine.pdbx_stereochem_target_val_spec_case     ? 
_refine.pdbx_R_Free_selection_details            ? 
_refine.pdbx_overall_ESU_R                       ? 
_refine.pdbx_overall_ESU_R_Free                  ? 
_refine.overall_SU_ML                            0.29 
_refine.pdbx_overall_phase_error                 30.61 
_refine.overall_SU_B                             ? 
_refine.overall_SU_R_Cruickshank_DPI             ? 
_refine.pdbx_overall_SU_R_free_Cruickshank_DPI   ? 
_refine.pdbx_overall_SU_R_Blow_DPI               ? 
_refine.pdbx_overall_SU_R_free_Blow_DPI          ? 
# 
_refine_hist.pdbx_refine_id                   'X-RAY DIFFRACTION' 
_refine_hist.cycle_id                         LAST 
_refine_hist.pdbx_number_atoms_protein        1516 
_refine_hist.pdbx_number_atoms_nucleic_acid   0 
_refine_hist.pdbx_number_atoms_ligand         0 
_refine_hist.number_atoms_solvent             13 
_refine_hist.number_atoms_total               1529 
_refine_hist.d_res_high                       2.400 
_refine_hist.d_res_low                        31.632 
# 
loop_
_refine_ls_restr.type 
_refine_ls_restr.dev_ideal 
_refine_ls_restr.dev_ideal_target 
_refine_ls_restr.weight 
_refine_ls_restr.number 
_refine_ls_restr.pdbx_refine_id 
_refine_ls_restr.pdbx_restraint_function 
f_bond_d           0.007  ? ? 1538 'X-RAY DIFFRACTION' ? 
f_angle_d          1.143  ? ? 2076 'X-RAY DIFFRACTION' ? 
f_dihedral_angle_d 16.811 ? ? 542  'X-RAY DIFFRACTION' ? 
f_chiral_restr     0.039  ? ? 236  'X-RAY DIFFRACTION' ? 
f_plane_restr      0.004  ? ? 266  'X-RAY DIFFRACTION' ? 
# 
loop_
_refine_ls_shell.pdbx_refine_id 
_refine_ls_shell.pdbx_total_number_of_bins_used 
_refine_ls_shell.d_res_high 
_refine_ls_shell.d_res_low 
_refine_ls_shell.number_reflns_R_work 
_refine_ls_shell.R_factor_R_work 
_refine_ls_shell.percent_reflns_obs 
_refine_ls_shell.R_factor_R_free 
_refine_ls_shell.R_factor_R_free_error 
_refine_ls_shell.percent_reflns_R_free 
_refine_ls_shell.number_reflns_R_free 
_refine_ls_shell.number_reflns_all 
_refine_ls_shell.R_factor_all 
'X-RAY DIFFRACTION' . 2.4000 2.5503  2834 0.3126 100.00 0.3503 . . 139 . . 
'X-RAY DIFFRACTION' . 2.5503 2.7472  2773 0.3037 100.00 0.3960 . . 152 . . 
'X-RAY DIFFRACTION' . 2.7472 3.0234  2818 0.2914 100.00 0.3242 . . 151 . . 
'X-RAY DIFFRACTION' . 3.0234 3.4604  2799 0.2530 100.00 0.2901 . . 172 . . 
'X-RAY DIFFRACTION' . 3.4604 4.3580  2856 0.2130 100.00 0.2390 . . 141 . . 
'X-RAY DIFFRACTION' . 4.3580 31.6351 2833 0.1857 100.00 0.2237 . . 115 . . 
# 
_struct.entry_id                     5T0F 
_struct.title                        
'Crystal structure of the Myc3 N-terminal domain [44-242] in complex with JAZ10 CMID domain [16-58] from arabidopsis' 
_struct.pdbx_model_details           ? 
_struct.pdbx_formula_weight          ? 
_struct.pdbx_formula_weight_method   ? 
_struct.pdbx_model_type_details      ? 
_struct.pdbx_CASP_flag               N 
# 
_struct_keywords.entry_id        5T0F 
_struct_keywords.text            
'transcriptional repression, jasmonate signaling, MYC3, JAZ10 CMID, alternative splicing, desensitization, TRANSCRIPTION' 
_struct_keywords.pdbx_keywords   TRANSCRIPTION 
# 
loop_
_struct_asym.id 
_struct_asym.pdbx_blank_PDB_chainid_flag 
_struct_asym.pdbx_modified 
_struct_asym.entity_id 
_struct_asym.details 
A N N 1 ? 
B N N 2 ? 
C N N 3 ? 
D N N 3 ? 
# 
_struct_biol.id        1 
_struct_biol.details   'dimer according to size exclusion chromatography' 
# 
loop_
_struct_conf.conf_type_id 
_struct_conf.id 
_struct_conf.pdbx_PDB_helix_id 
_struct_conf.beg_label_comp_id 
_struct_conf.beg_label_asym_id 
_struct_conf.beg_label_seq_id 
_struct_conf.pdbx_beg_PDB_ins_code 
_struct_conf.end_label_comp_id 
_struct_conf.end_label_asym_id 
_struct_conf.end_label_seq_id 
_struct_conf.pdbx_end_PDB_ins_code 
_struct_conf.beg_auth_comp_id 
_struct_conf.beg_auth_asym_id 
_struct_conf.beg_auth_seq_id 
_struct_conf.end_auth_comp_id 
_struct_conf.end_auth_asym_id 
_struct_conf.end_auth_seq_id 
_struct_conf.pdbx_PDB_helix_class 
_struct_conf.details 
_struct_conf.pdbx_PDB_helix_length 
HELX_P HELX_P1  AA1 THR A 8   ? GLU A 18  ? THR A 51  GLU A 61  1 ? 11 
HELX_P HELX_P2  AA2 ASN A 68  ? SER A 87  ? ASN A 111 SER A 130 1 ? 20 
HELX_P HELX_P3  AA3 THR A 102 ? SER A 111 ? THR A 145 SER A 154 1 ? 10 
HELX_P HELX_P4  AA4 MET A 112 ? GLN A 114 ? MET A 155 GLN A 157 5 ? 3  
HELX_P HELX_P5  AA5 VAL A 120 ? ASN A 129 ? VAL A 163 ASN A 172 1 ? 10 
HELX_P HELX_P6  AA6 GLY A 137 ? SER A 144 ? GLY A 180 SER A 187 1 ? 8  
HELX_P HELX_P7  AA7 CYS A 146 ? TYR A 155 ? CYS A 189 TYR A 198 1 ? 10 
HELX_P HELX_P8  AA8 SER A 181 ? PHE A 192 ? SER A 224 PHE A 235 1 ? 12 
HELX_P HELX_P9  AA9 SER B 20  ? LYS B 30  ? SER B 35  LYS B 45  1 ? 11 
HELX_P HELX_P10 AB1 ASP B 32  ? ALA B 41  ? ASP B 47  ALA B 56  1 ? 10 
# 
_struct_conf_type.id          HELX_P 
_struct_conf_type.criteria    ? 
_struct_conf_type.reference   ? 
# 
_struct_mon_prot_cis.pdbx_id                1 
_struct_mon_prot_cis.label_comp_id          LEU 
_struct_mon_prot_cis.label_seq_id           15 
_struct_mon_prot_cis.label_asym_id          B 
_struct_mon_prot_cis.label_alt_id           . 
_struct_mon_prot_cis.pdbx_PDB_ins_code      ? 
_struct_mon_prot_cis.auth_comp_id           LEU 
_struct_mon_prot_cis.auth_seq_id            30 
_struct_mon_prot_cis.auth_asym_id           B 
_struct_mon_prot_cis.pdbx_label_comp_id_2   ASP 
_struct_mon_prot_cis.pdbx_label_seq_id_2    16 
_struct_mon_prot_cis.pdbx_label_asym_id_2   B 
_struct_mon_prot_cis.pdbx_PDB_ins_code_2    ? 
_struct_mon_prot_cis.pdbx_auth_comp_id_2    ASP 
_struct_mon_prot_cis.pdbx_auth_seq_id_2     31 
_struct_mon_prot_cis.pdbx_auth_asym_id_2    B 
_struct_mon_prot_cis.pdbx_PDB_model_num     1 
_struct_mon_prot_cis.pdbx_omega_angle       -29.16 
# 
_struct_sheet.id               AA1 
_struct_sheet.type             ? 
_struct_sheet.number_strands   6 
_struct_sheet.details          ? 
# 
loop_
_struct_sheet_order.sheet_id 
_struct_sheet_order.range_id_1 
_struct_sheet_order.range_id_2 
_struct_sheet_order.offset 
_struct_sheet_order.sense 
AA1 1 2 ? anti-parallel 
AA1 2 3 ? anti-parallel 
AA1 3 4 ? anti-parallel 
AA1 4 5 ? anti-parallel 
AA1 5 6 ? anti-parallel 
# 
loop_
_struct_sheet_range.sheet_id 
_struct_sheet_range.id 
_struct_sheet_range.beg_label_comp_id 
_struct_sheet_range.beg_label_asym_id 
_struct_sheet_range.beg_label_seq_id 
_struct_sheet_range.pdbx_beg_PDB_ins_code 
_struct_sheet_range.end_label_comp_id 
_struct_sheet_range.end_label_asym_id 
_struct_sheet_range.end_label_seq_id 
_struct_sheet_range.pdbx_end_PDB_ins_code 
_struct_sheet_range.beg_auth_comp_id 
_struct_sheet_range.beg_auth_asym_id 
_struct_sheet_range.beg_auth_seq_id 
_struct_sheet_range.end_auth_comp_id 
_struct_sheet_range.end_auth_asym_id 
_struct_sheet_range.end_auth_seq_id 
AA1 1 PHE A 116 ? VAL A 117 ? PHE A 159 VAL A 160 
AA1 2 ASP A 42  ? TYR A 54  ? ASP A 85  TYR A 97  
AA1 3 TYR A 26  ? ASP A 37  ? TYR A 69  ASP A 80  
AA1 4 GLY A 168 ? SER A 174 ? GLY A 211 SER A 217 
AA1 5 THR A 159 ? ALA A 164 ? THR A 202 ALA A 207 
AA1 6 ILE A 133 ? SER A 136 ? ILE A 176 SER A 179 
# 
loop_
_pdbx_struct_sheet_hbond.sheet_id 
_pdbx_struct_sheet_hbond.range_id_1 
_pdbx_struct_sheet_hbond.range_id_2 
_pdbx_struct_sheet_hbond.range_1_label_atom_id 
_pdbx_struct_sheet_hbond.range_1_label_comp_id 
_pdbx_struct_sheet_hbond.range_1_label_asym_id 
_pdbx_struct_sheet_hbond.range_1_label_seq_id 
_pdbx_struct_sheet_hbond.range_1_PDB_ins_code 
_pdbx_struct_sheet_hbond.range_1_auth_atom_id 
_pdbx_struct_sheet_hbond.range_1_auth_comp_id 
_pdbx_struct_sheet_hbond.range_1_auth_asym_id 
_pdbx_struct_sheet_hbond.range_1_auth_seq_id 
_pdbx_struct_sheet_hbond.range_2_label_atom_id 
_pdbx_struct_sheet_hbond.range_2_label_comp_id 
_pdbx_struct_sheet_hbond.range_2_label_asym_id 
_pdbx_struct_sheet_hbond.range_2_label_seq_id 
_pdbx_struct_sheet_hbond.range_2_PDB_ins_code 
_pdbx_struct_sheet_hbond.range_2_auth_atom_id 
_pdbx_struct_sheet_hbond.range_2_auth_comp_id 
_pdbx_struct_sheet_hbond.range_2_auth_asym_id 
_pdbx_struct_sheet_hbond.range_2_auth_seq_id 
AA1 1 2 O PHE A 116 ? O PHE A 159 N LEU A 47  ? N LEU A 90  
AA1 2 3 O GLY A 48  ? O GLY A 91  N GLN A 31  ? N GLN A 74  
AA1 3 4 N TRP A 30  ? N TRP A 73  O VAL A 169 ? O VAL A 212 
AA1 4 5 O VAL A 170 ? O VAL A 213 N ILE A 163 ? N ILE A 206 
AA1 5 6 O MET A 160 ? O MET A 203 N LEU A 135 ? N LEU A 178 
# 
_atom_sites.entry_id                    5T0F 
_atom_sites.fract_transf_matrix[1][1]   -0.01400261 
_atom_sites.fract_transf_matrix[1][2]   0.00823314 
_atom_sites.fract_transf_matrix[1][3]   0.00636437 
_atom_sites.fract_transf_matrix[2][1]   0.00448680 
_atom_sites.fract_transf_matrix[2][2]   -0.00337030 
_atom_sites.fract_transf_matrix[2][3]   0.01423160 
_atom_sites.fract_transf_matrix[3][1]   0.00413334 
_atom_sites.fract_transf_matrix[3][2]   0.00679351 
_atom_sites.fract_transf_matrix[3][3]   0.00030571 
_atom_sites.fract_transf_vector[1]      -0.326394 
_atom_sites.fract_transf_vector[2]      -0.183372 
_atom_sites.fract_transf_vector[3]      0.125266 
# 
loop_
_atom_type.symbol 
C 
N 
O 
S 
# 
loop_
_atom_site.group_PDB 
_atom_site.id 
_atom_site.type_symbol 
_atom_site.label_atom_id 
_atom_site.label_alt_id 
_atom_site.label_comp_id 
_atom_site.label_asym_id 
_atom_site.label_entity_id 
_atom_site.label_seq_id 
_atom_site.pdbx_PDB_ins_code 
_atom_site.Cartn_x 
_atom_site.Cartn_y 
_atom_site.Cartn_z 
_atom_site.occupancy 
_atom_site.B_iso_or_equiv 
_atom_site.pdbx_formal_charge 
_atom_site.auth_seq_id 
_atom_site.auth_comp_id 
_atom_site.auth_asym_id 
_atom_site.auth_atom_id 
_atom_site.pdbx_PDB_model_num 
ATOM   1    N N   . THR A 1 8   ? -11.012 8.649   10.764  1.00 79.93  ? 51  THR A N   1 
ATOM   2    C CA  . THR A 1 8   ? -9.607  8.409   11.072  1.00 77.66  ? 51  THR A CA  1 
ATOM   3    C C   . THR A 1 8   ? -8.765  8.207   9.816   1.00 74.95  ? 51  THR A C   1 
ATOM   4    O O   . THR A 1 8   ? -9.056  8.769   8.758   1.00 72.89  ? 51  THR A O   1 
ATOM   5    C CB  . THR A 1 8   ? -9.433  7.183   11.979  1.00 77.28  ? 51  THR A CB  1 
ATOM   6    O OG1 . THR A 1 8   ? -10.190 6.089   11.447  1.00 86.14  ? 51  THR A OG1 1 
ATOM   7    C CG2 . THR A 1 8   ? -9.916  7.493   13.388  1.00 76.61  ? 51  THR A CG2 1 
ATOM   8    N N   . LEU A 1 9   ? -7.726  7.391   9.941   1.00 72.42  ? 52  LEU A N   1 
ATOM   9    C CA  . LEU A 1 9   ? -6.682  7.304   8.924   1.00 71.41  ? 52  LEU A CA  1 
ATOM   10   C C   . LEU A 1 9   ? -7.176  6.785   7.573   1.00 73.10  ? 52  LEU A C   1 
ATOM   11   O O   . LEU A 1 9   ? -6.823  7.337   6.533   1.00 70.58  ? 52  LEU A O   1 
ATOM   12   C CB  . LEU A 1 9   ? -5.541  6.424   9.426   1.00 67.52  ? 52  LEU A CB  1 
ATOM   13   C CG  . LEU A 1 9   ? -4.247  6.514   8.627   1.00 62.99  ? 52  LEU A CG  1 
ATOM   14   C CD1 . LEU A 1 9   ? -3.904  7.968   8.392   1.00 72.15  ? 52  LEU A CD1 1 
ATOM   15   C CD2 . LEU A 1 9   ? -3.132  5.822   9.389   1.00 54.08  ? 52  LEU A CD2 1 
ATOM   16   N N   . GLN A 1 10  ? -7.982  5.725   7.589   1.00 67.79  ? 53  GLN A N   1 
ATOM   17   C CA  . GLN A 1 10  ? -8.503  5.166   6.349   1.00 67.67  ? 53  GLN A CA  1 
ATOM   18   C C   . GLN A 1 10  ? -9.366  6.191   5.635   1.00 70.79  ? 53  GLN A C   1 
ATOM   19   O O   . GLN A 1 10  ? -9.279  6.349   4.416   1.00 71.11  ? 53  GLN A O   1 
ATOM   20   C CB  . GLN A 1 10  ? -9.306  3.887   6.612   1.00 67.77  ? 53  GLN A CB  1 
ATOM   21   C CG  . GLN A 1 10  ? -8.561  2.609   6.250   1.00 64.98  ? 53  GLN A CG  1 
ATOM   22   C CD  . GLN A 1 10  ? -9.406  1.361   6.422   1.00 62.91  ? 53  GLN A CD  1 
ATOM   23   O OE1 . GLN A 1 10  ? -10.428 1.192   5.756   1.00 68.84  ? 53  GLN A OE1 1 
ATOM   24   N NE2 . GLN A 1 10  ? -8.983  0.481   7.318   1.00 59.07  ? 53  GLN A NE2 1 
ATOM   25   N N   . GLN A 1 11  ? -10.189 6.890   6.410   1.00 74.86  ? 54  GLN A N   1 
ATOM   26   C CA  . GLN A 1 11  ? -11.049 7.940   5.874   1.00 75.22  ? 54  GLN A CA  1 
ATOM   27   C C   . GLN A 1 11  ? -10.231 8.986   5.119   1.00 75.55  ? 54  GLN A C   1 
ATOM   28   O O   . GLN A 1 11  ? -10.559 9.348   3.988   1.00 72.96  ? 54  GLN A O   1 
ATOM   29   C CB  . GLN A 1 11  ? -11.849 8.602   6.999   1.00 75.01  ? 54  GLN A CB  1 
ATOM   30   N N   . ARG A 1 12  ? -9.150  9.450   5.737   1.00 74.74  ? 55  ARG A N   1 
ATOM   31   C CA  . ARG A 1 12  ? -8.304  10.468  5.127   1.00 75.17  ? 55  ARG A CA  1 
ATOM   32   C C   . ARG A 1 12  ? -7.476  9.920   3.963   1.00 75.81  ? 55  ARG A C   1 
ATOM   33   O O   . ARG A 1 12  ? -7.084  10.668  3.072   1.00 74.99  ? 55  ARG A O   1 
ATOM   34   C CB  . ARG A 1 12  ? -7.397  11.092  6.185   1.00 81.73  ? 55  ARG A CB  1 
ATOM   35   C CG  . ARG A 1 12  ? -8.141  12.037  7.114   1.00 84.80  ? 55  ARG A CG  1 
ATOM   36   C CD  . ARG A 1 12  ? -7.245  12.590  8.198   1.00 84.74  ? 55  ARG A CD  1 
ATOM   37   N NE  . ARG A 1 12  ? -6.953  11.599  9.229   1.00 81.90  ? 55  ARG A NE  1 
ATOM   38   C CZ  . ARG A 1 12  ? -5.755  11.427  9.775   1.00 85.96  ? 55  ARG A CZ  1 
ATOM   39   N NH1 . ARG A 1 12  ? -4.732  12.176  9.379   1.00 87.34  ? 55  ARG A NH1 1 
ATOM   40   N NH2 . ARG A 1 12  ? -5.576  10.506  10.712  1.00 80.70  ? 55  ARG A NH2 1 
ATOM   41   N N   . LEU A 1 13  ? -7.219  8.615   3.972   1.00 79.68  ? 56  LEU A N   1 
ATOM   42   C CA  . LEU A 1 13  ? -6.563  7.960   2.841   1.00 74.33  ? 56  LEU A CA  1 
ATOM   43   C C   . LEU A 1 13  ? -7.494  7.883   1.635   1.00 78.30  ? 56  LEU A C   1 
ATOM   44   O O   . LEU A 1 13  ? -7.072  8.120   0.503   1.00 80.32  ? 56  LEU A O   1 
ATOM   45   C CB  . LEU A 1 13  ? -6.094  6.556   3.221   1.00 66.75  ? 56  LEU A CB  1 
ATOM   46   C CG  . LEU A 1 13  ? -4.691  6.434   3.809   1.00 66.47  ? 56  LEU A CG  1 
ATOM   47   C CD1 . LEU A 1 13  ? -4.496  5.052   4.408   1.00 59.64  ? 56  LEU A CD1 1 
ATOM   48   C CD2 . LEU A 1 13  ? -3.648  6.702   2.745   1.00 59.58  ? 56  LEU A CD2 1 
ATOM   49   N N   . GLN A 1 14  ? -8.758  7.540   1.878   1.00 74.45  ? 57  GLN A N   1 
ATOM   50   C CA  . GLN A 1 14  ? -9.743  7.515   0.804   1.00 80.50  ? 57  GLN A CA  1 
ATOM   51   C C   . GLN A 1 14  ? -9.972  8.924   0.294   1.00 86.22  ? 57  GLN A C   1 
ATOM   52   O O   . GLN A 1 14  ? -10.099 9.149   -0.910  1.00 92.07  ? 57  GLN A O   1 
ATOM   53   C CB  . GLN A 1 14  ? -11.071 6.914   1.264   1.00 80.75  ? 57  GLN A CB  1 
ATOM   54   C CG  . GLN A 1 14  ? -12.160 6.967   0.188   1.00 83.36  ? 57  GLN A CG  1 
ATOM   55   C CD  . GLN A 1 14  ? -13.410 6.212   0.593   1.00 82.66  ? 57  GLN A CD  1 
ATOM   56   O OE1 . GLN A 1 14  ? -13.547 5.793   1.742   1.00 84.56  ? 57  GLN A OE1 1 
ATOM   57   N NE2 . GLN A 1 14  ? -14.325 6.026   -0.352  1.00 80.17  ? 57  GLN A NE2 1 
ATOM   58   N N   . ALA A 1 15  ? -10.024 9.866   1.228   1.00 79.40  ? 58  ALA A N   1 
ATOM   59   C CA  . ALA A 1 15  ? -10.216 11.266  0.895   1.00 83.29  ? 58  ALA A CA  1 
ATOM   60   C C   . ALA A 1 15  ? -9.175  11.730  -0.113  1.00 90.38  ? 58  ALA A C   1 
ATOM   61   O O   . ALA A 1 15  ? -9.502  12.380  -1.102  1.00 95.36  ? 58  ALA A O   1 
ATOM   62   C CB  . ALA A 1 15  ? -10.152 12.115  2.151   1.00 88.47  ? 58  ALA A CB  1 
ATOM   63   N N   . LEU A 1 16  ? -7.924  11.364  0.140   1.00 87.38  ? 59  LEU A N   1 
ATOM   64   C CA  . LEU A 1 16  ? -6.799  11.837  -0.653  1.00 88.22  ? 59  LEU A CA  1 
ATOM   65   C C   . LEU A 1 16  ? -6.906  11.486  -2.133  1.00 90.11  ? 59  LEU A C   1 
ATOM   66   O O   . LEU A 1 16  ? -6.520  12.278  -2.990  1.00 95.22  ? 59  LEU A O   1 
ATOM   67   C CB  . LEU A 1 16  ? -5.497  11.279  -0.077  1.00 86.22  ? 59  LEU A CB  1 
ATOM   68   C CG  . LEU A 1 16  ? -4.212  11.507  -0.874  1.00 87.08  ? 59  LEU A CG  1 
ATOM   69   C CD1 . LEU A 1 16  ? -3.927  12.992  -1.041  1.00 89.06  ? 59  LEU A CD1 1 
ATOM   70   C CD2 . LEU A 1 16  ? -3.059  10.806  -0.186  1.00 79.28  ? 59  LEU A CD2 1 
ATOM   71   N N   . ILE A 1 17  ? -7.436  10.305  -2.440  1.00 89.77  ? 60  ILE A N   1 
ATOM   72   C CA  . ILE A 1 17  ? -7.473  9.853   -3.828  1.00 93.67  ? 60  ILE A CA  1 
ATOM   73   C C   . ILE A 1 17  ? -8.860  9.910   -4.454  1.00 96.64  ? 60  ILE A C   1 
ATOM   74   O O   . ILE A 1 17  ? -9.011  9.692   -5.657  1.00 94.84  ? 60  ILE A O   1 
ATOM   75   C CB  . ILE A 1 17  ? -6.947  8.420   -3.966  1.00 90.18  ? 60  ILE A CB  1 
ATOM   76   C CG1 . ILE A 1 17  ? -7.746  7.470   -3.080  1.00 85.24  ? 60  ILE A CG1 1 
ATOM   77   C CG2 . ILE A 1 17  ? -5.480  8.364   -3.609  1.00 87.26  ? 60  ILE A CG2 1 
ATOM   78   C CD1 . ILE A 1 17  ? -7.930  6.117   -3.702  1.00 86.48  ? 60  ILE A CD1 1 
ATOM   79   N N   . GLU A 1 18  ? -9.873  10.195  -3.645  1.00 98.21  ? 61  GLU A N   1 
ATOM   80   C CA  . GLU A 1 18  ? -11.213 10.378  -4.183  1.00 101.77 ? 61  GLU A CA  1 
ATOM   81   C C   . GLU A 1 18  ? -11.420 11.845  -4.545  1.00 104.65 ? 61  GLU A C   1 
ATOM   82   O O   . GLU A 1 18  ? -12.517 12.253  -4.921  1.00 108.17 ? 61  GLU A O   1 
ATOM   83   C CB  . GLU A 1 18  ? -12.271 9.922   -3.185  1.00 98.41  ? 61  GLU A CB  1 
ATOM   84   C CG  . GLU A 1 18  ? -12.950 8.584   -3.479  1.00 96.03  ? 61  GLU A CG  1 
ATOM   85   C CD  . GLU A 1 18  ? -14.034 8.320   -2.457  1.00 99.32  ? 61  GLU A CD  1 
ATOM   86   O OE1 . GLU A 1 18  ? -14.219 9.226   -1.625  1.00 103.12 ? 61  GLU A OE1 1 
ATOM   87   O OE2 . GLU A 1 18  ? -14.684 7.248   -2.464  1.00 92.60  ? 61  GLU A OE2 1 
ATOM   88   N N   . SER A 1 19  ? -10.355 12.631  -4.416  1.00 103.70 ? 62  SER A N   1 
ATOM   89   C CA  . SER A 1 19  ? -10.365 14.028  -4.829  1.00 108.37 ? 62  SER A CA  1 
ATOM   90   C C   . SER A 1 19  ? -9.108  14.338  -5.623  1.00 110.54 ? 62  SER A C   1 
ATOM   91   O O   . SER A 1 19  ? -8.943  15.444  -6.136  1.00 114.05 ? 62  SER A O   1 
ATOM   92   C CB  . SER A 1 19  ? -10.451 14.962  -3.625  1.00 114.20 ? 62  SER A CB  1 
ATOM   93   O OG  . SER A 1 19  ? -9.155  15.253  -3.129  1.00 114.77 ? 62  SER A OG  1 
ATOM   94   N N   . ALA A 1 20  ? -8.218  13.353  -5.704  1.00 110.00 ? 63  ALA A N   1 
ATOM   95   C CA  . ALA A 1 20  ? -6.942  13.517  -6.394  1.00 110.80 ? 63  ALA A CA  1 
ATOM   96   C C   . ALA A 1 20  ? -7.145  13.930  -7.845  1.00 107.91 ? 63  ALA A C   1 
ATOM   97   O O   . ALA A 1 20  ? -8.139  13.562  -8.473  1.00 106.91 ? 63  ALA A O   1 
ATOM   98   C CB  . ALA A 1 20  ? -6.136  12.234  -6.320  1.00 99.98  ? 63  ALA A CB  1 
ATOM   99   N N   . GLY A 1 21  ? -6.199  14.704  -8.368  1.00 104.30 ? 64  GLY A N   1 
ATOM   100  C CA  . GLY A 1 21  ? -6.274  15.181  -9.734  1.00 102.02 ? 64  GLY A CA  1 
ATOM   101  C C   . GLY A 1 21  ? -6.368  14.056  -10.744 1.00 97.53  ? 64  GLY A C   1 
ATOM   102  O O   . GLY A 1 21  ? -7.210  14.086  -11.639 1.00 94.03  ? 64  GLY A O   1 
ATOM   103  N N   . GLU A 1 22  ? -5.508  13.053  -10.590 1.00 100.81 ? 65  GLU A N   1 
ATOM   104  C CA  . GLU A 1 22  ? -5.466  11.933  -11.524 1.00 97.70  ? 65  GLU A CA  1 
ATOM   105  C C   . GLU A 1 22  ? -6.032  10.655  -10.910 1.00 90.50  ? 65  GLU A C   1 
ATOM   106  O O   . GLU A 1 22  ? -6.606  10.677  -9.822  1.00 92.74  ? 65  GLU A O   1 
ATOM   107  C CB  . GLU A 1 22  ? -4.032  11.692  -12.002 1.00 92.96  ? 65  GLU A CB  1 
ATOM   108  N N   . ASN A 1 23  ? -5.863  9.543   -11.620 1.00 84.42  ? 66  ASN A N   1 
ATOM   109  C CA  . ASN A 1 23  ? -6.372  8.254   -11.167 1.00 87.87  ? 66  ASN A CA  1 
ATOM   110  C C   . ASN A 1 23  ? -5.321  7.447   -10.400 1.00 85.23  ? 66  ASN A C   1 
ATOM   111  O O   . ASN A 1 23  ? -4.521  6.726   -10.996 1.00 83.90  ? 66  ASN A O   1 
ATOM   112  C CB  . ASN A 1 23  ? -6.891  7.451   -12.370 1.00 92.69  ? 66  ASN A CB  1 
ATOM   113  C CG  . ASN A 1 23  ? -7.474  6.090   -11.982 1.00 95.22  ? 66  ASN A CG  1 
ATOM   114  O OD1 . ASN A 1 23  ? -7.627  5.769   -10.801 1.00 89.98  ? 66  ASN A OD1 1 
ATOM   115  N ND2 . ASN A 1 23  ? -7.814  5.290   -12.991 1.00 98.15  ? 66  ASN A ND2 1 
ATOM   116  N N   . TRP A 1 24  ? -5.330  7.568   -9.074  1.00 77.95  ? 67  TRP A N   1 
ATOM   117  C CA  . TRP A 1 24  ? -4.472  6.739   -8.234  1.00 73.46  ? 67  TRP A CA  1 
ATOM   118  C C   . TRP A 1 24  ? -5.168  5.420   -7.901  1.00 76.22  ? 67  TRP A C   1 
ATOM   119  O O   . TRP A 1 24  ? -6.347  5.402   -7.545  1.00 78.89  ? 67  TRP A O   1 
ATOM   120  C CB  . TRP A 1 24  ? -4.090  7.475   -6.948  1.00 72.91  ? 67  TRP A CB  1 
ATOM   121  C CG  . TRP A 1 24  ? -3.256  8.709   -7.174  1.00 78.22  ? 67  TRP A CG  1 
ATOM   122  C CD1 . TRP A 1 24  ? -3.668  10.003  -7.066  1.00 79.66  ? 67  TRP A CD1 1 
ATOM   123  C CD2 . TRP A 1 24  ? -1.869  8.761   -7.548  1.00 69.11  ? 67  TRP A CD2 1 
ATOM   124  N NE1 . TRP A 1 24  ? -2.630  10.856  -7.347  1.00 76.02  ? 67  TRP A NE1 1 
ATOM   125  C CE2 . TRP A 1 24  ? -1.516  10.119  -7.647  1.00 72.07  ? 67  TRP A CE2 1 
ATOM   126  C CE3 . TRP A 1 24  ? -0.897  7.791   -7.807  1.00 68.16  ? 67  TRP A CE3 1 
ATOM   127  C CZ2 . TRP A 1 24  ? -0.229  10.532  -7.995  1.00 71.21  ? 67  TRP A CZ2 1 
ATOM   128  C CZ3 . TRP A 1 24  ? 0.377   8.203   -8.152  1.00 68.90  ? 67  TRP A CZ3 1 
ATOM   129  C CH2 . TRP A 1 24  ? 0.700   9.561   -8.243  1.00 68.74  ? 67  TRP A CH2 1 
ATOM   130  N N   . THR A 1 25  ? -4.433  4.316   -8.018  1.00 75.47  ? 68  THR A N   1 
ATOM   131  C CA  . THR A 1 25  ? -4.985  2.985   -7.763  1.00 64.62  ? 68  THR A CA  1 
ATOM   132  C C   . THR A 1 25  ? -5.191  2.724   -6.269  1.00 59.71  ? 68  THR A C   1 
ATOM   133  O O   . THR A 1 25  ? -6.233  2.221   -5.865  1.00 65.14  ? 68  THR A O   1 
ATOM   134  C CB  . THR A 1 25  ? -4.078  1.892   -8.347  1.00 61.42  ? 68  THR A CB  1 
ATOM   135  O OG1 . THR A 1 25  ? -3.703  2.245   -9.684  1.00 67.16  ? 68  THR A OG1 1 
ATOM   136  C CG2 . THR A 1 25  ? -4.796  0.561   -8.376  1.00 64.94  ? 68  THR A CG2 1 
ATOM   137  N N   . TYR A 1 26  ? -4.196  3.066   -5.455  1.00 61.81  ? 69  TYR A N   1 
ATOM   138  C CA  . TYR A 1 26  ? -4.292  2.905   -4.005  1.00 57.11  ? 69  TYR A CA  1 
ATOM   139  C C   . TYR A 1 26  ? -3.596  4.040   -3.263  1.00 58.98  ? 69  TYR A C   1 
ATOM   140  O O   . TYR A 1 26  ? -3.010  4.931   -3.872  1.00 56.32  ? 69  TYR A O   1 
ATOM   141  C CB  . TYR A 1 26  ? -3.677  1.571   -3.563  1.00 58.47  ? 69  TYR A CB  1 
ATOM   142  C CG  . TYR A 1 26  ? -2.171  1.526   -3.713  1.00 54.58  ? 69  TYR A CG  1 
ATOM   143  C CD1 . TYR A 1 26  ? -1.338  1.994   -2.706  1.00 53.02  ? 69  TYR A CD1 1 
ATOM   144  C CD2 . TYR A 1 26  ? -1.585  1.023   -4.864  1.00 50.14  ? 69  TYR A CD2 1 
ATOM   145  C CE1 . TYR A 1 26  ? 0.028   1.974   -2.843  1.00 56.35  ? 69  TYR A CE1 1 
ATOM   146  C CE2 . TYR A 1 26  ? -0.219  0.989   -5.005  1.00 55.72  ? 69  TYR A CE2 1 
ATOM   147  C CZ  . TYR A 1 26  ? 0.584   1.470   -3.993  1.00 56.81  ? 69  TYR A CZ  1 
ATOM   148  O OH  . TYR A 1 26  ? 1.950   1.446   -4.123  1.00 61.90  ? 69  TYR A OH  1 
ATOM   149  N N   . ALA A 1 27  ? -3.643  3.973   -1.935  1.00 54.83  ? 70  ALA A N   1 
ATOM   150  C CA  . ALA A 1 27  ? -2.873  4.868   -1.085  1.00 53.76  ? 70  ALA A CA  1 
ATOM   151  C C   . ALA A 1 27  ? -2.550  4.179   0.242   1.00 56.72  ? 70  ALA A C   1 
ATOM   152  O O   . ALA A 1 27  ? -3.410  3.529   0.834   1.00 57.49  ? 70  ALA A O   1 
ATOM   153  C CB  . ALA A 1 27  ? -3.627  6.155   -0.849  1.00 58.16  ? 70  ALA A CB  1 
ATOM   154  N N   . ILE A 1 28  ? -1.307  4.322   0.699   1.00 54.79  ? 71  ILE A N   1 
ATOM   155  C CA  . ILE A 1 28  ? -0.831  3.641   1.901   1.00 46.08  ? 71  ILE A CA  1 
ATOM   156  C C   . ILE A 1 28  ? -0.188  4.605   2.881   1.00 50.86  ? 71  ILE A C   1 
ATOM   157  O O   . ILE A 1 28  ? 0.633   5.440   2.493   1.00 50.20  ? 71  ILE A O   1 
ATOM   158  C CB  . ILE A 1 28  ? 0.198   2.543   1.549   1.00 48.01  ? 71  ILE A CB  1 
ATOM   159  C CG1 . ILE A 1 28  ? -0.483  1.393   0.804   1.00 48.50  ? 71  ILE A CG1 1 
ATOM   160  C CG2 . ILE A 1 28  ? 0.900   2.023   2.802   1.00 42.27  ? 71  ILE A CG2 1 
ATOM   161  C CD1 . ILE A 1 28  ? 0.462   0.312   0.379   1.00 44.98  ? 71  ILE A CD1 1 
ATOM   162  N N   . PHE A 1 29  ? -0.554  4.500   4.151   1.00 49.05  ? 72  PHE A N   1 
ATOM   163  C CA  . PHE A 1 29  ? 0.161   5.252   5.167   1.00 47.24  ? 72  PHE A CA  1 
ATOM   164  C C   . PHE A 1 29  ? 1.134   4.347   5.897   1.00 50.00  ? 72  PHE A C   1 
ATOM   165  O O   . PHE A 1 29  ? 0.730   3.427   6.610   1.00 51.41  ? 72  PHE A O   1 
ATOM   166  C CB  . PHE A 1 29  ? -0.791  5.899   6.168   1.00 56.06  ? 72  PHE A CB  1 
ATOM   167  C CG  . PHE A 1 29  ? -0.095  6.763   7.190   1.00 56.07  ? 72  PHE A CG  1 
ATOM   168  C CD1 . PHE A 1 29  ? 0.303   8.053   6.868   1.00 58.76  ? 72  PHE A CD1 1 
ATOM   169  C CD2 . PHE A 1 29  ? 0.171   6.286   8.467   1.00 50.40  ? 72  PHE A CD2 1 
ATOM   170  C CE1 . PHE A 1 29  ? 0.950   8.856   7.796   1.00 51.41  ? 72  PHE A CE1 1 
ATOM   171  C CE2 . PHE A 1 29  ? 0.814   7.085   9.402   1.00 60.76  ? 72  PHE A CE2 1 
ATOM   172  C CZ  . PHE A 1 29  ? 1.205   8.375   9.062   1.00 51.84  ? 72  PHE A CZ  1 
ATOM   173  N N   . TRP A 1 30  ? 2.421   4.602   5.706   1.00 49.88  ? 73  TRP A N   1 
ATOM   174  C CA  . TRP A 1 30  ? 3.437   3.899   6.463   1.00 44.35  ? 73  TRP A CA  1 
ATOM   175  C C   . TRP A 1 30  ? 3.643   4.654   7.772   1.00 51.99  ? 73  TRP A C   1 
ATOM   176  O O   . TRP A 1 30  ? 3.777   5.867   7.777   1.00 55.24  ? 73  TRP A O   1 
ATOM   177  C CB  . TRP A 1 30  ? 4.727   3.792   5.665   1.00 42.52  ? 73  TRP A CB  1 
ATOM   178  C CG  . TRP A 1 30  ? 4.558   3.085   4.357   1.00 41.05  ? 73  TRP A CG  1 
ATOM   179  C CD1 . TRP A 1 30  ? 4.511   3.651   3.116   1.00 40.33  ? 73  TRP A CD1 1 
ATOM   180  C CD2 . TRP A 1 30  ? 4.414   1.670   4.159   1.00 42.77  ? 73  TRP A CD2 1 
ATOM   181  N NE1 . TRP A 1 30  ? 4.351   2.677   2.159   1.00 43.71  ? 73  TRP A NE1 1 
ATOM   182  C CE2 . TRP A 1 30  ? 4.287   1.453   2.775   1.00 40.41  ? 73  TRP A CE2 1 
ATOM   183  C CE3 . TRP A 1 30  ? 4.378   0.569   5.019   1.00 44.48  ? 73  TRP A CE3 1 
ATOM   184  C CZ2 . TRP A 1 30  ? 4.127   0.182   2.232   1.00 39.19  ? 73  TRP A CZ2 1 
ATOM   185  C CZ3 . TRP A 1 30  ? 4.222   -0.696  4.476   1.00 40.08  ? 73  TRP A CZ3 1 
ATOM   186  C CH2 . TRP A 1 30  ? 4.101   -0.877  3.098   1.00 37.28  ? 73  TRP A CH2 1 
ATOM   187  N N   . GLN A 1 31  ? 3.651   3.928   8.882   1.00 57.23  ? 74  GLN A N   1 
ATOM   188  C CA  . GLN A 1 31  ? 3.552   4.533   10.205  1.00 56.75  ? 74  GLN A CA  1 
ATOM   189  C C   . GLN A 1 31  ? 4.812   4.310   11.028  1.00 60.12  ? 74  GLN A C   1 
ATOM   190  O O   . GLN A 1 31  ? 5.348   3.201   11.053  1.00 55.22  ? 74  GLN A O   1 
ATOM   191  C CB  . GLN A 1 31  ? 2.334   3.962   10.936  1.00 57.43  ? 74  GLN A CB  1 
ATOM   192  C CG  . GLN A 1 31  ? 2.334   4.153   12.440  1.00 65.60  ? 74  GLN A CG  1 
ATOM   193  C CD  . GLN A 1 31  ? 2.076   5.588   12.847  1.00 73.97  ? 74  GLN A CD  1 
ATOM   194  O OE1 . GLN A 1 31  ? 2.982   6.425   12.837  1.00 73.25  ? 74  GLN A OE1 1 
ATOM   195  N NE2 . GLN A 1 31  ? 0.830   5.883   13.211  1.00 81.37  ? 74  GLN A NE2 1 
ATOM   196  N N   . ILE A 1 32  ? 5.282   5.357   11.705  1.00 67.78  ? 75  ILE A N   1 
ATOM   197  C CA  . ILE A 1 32  ? 6.477   5.237   12.539  1.00 68.20  ? 75  ILE A CA  1 
ATOM   198  C C   . ILE A 1 32  ? 6.207   4.510   13.849  1.00 71.79  ? 75  ILE A C   1 
ATOM   199  O O   . ILE A 1 32  ? 5.101   4.541   14.396  1.00 70.70  ? 75  ILE A O   1 
ATOM   200  C CB  . ILE A 1 32  ? 7.103   6.605   12.890  1.00 63.25  ? 75  ILE A CB  1 
ATOM   201  C CG1 . ILE A 1 32  ? 6.106   7.473   13.651  1.00 72.90  ? 75  ILE A CG1 1 
ATOM   202  C CG2 . ILE A 1 32  ? 7.609   7.312   11.648  1.00 67.08  ? 75  ILE A CG2 1 
ATOM   203  C CD1 . ILE A 1 32  ? 6.616   8.869   13.938  1.00 83.55  ? 75  ILE A CD1 1 
ATOM   204  N N   . SER A 1 33  ? 7.251   3.853   14.333  1.00 71.93  ? 76  SER A N   1 
ATOM   205  C CA  . SER A 1 33  ? 7.271   3.229   15.642  1.00 74.47  ? 76  SER A CA  1 
ATOM   206  C C   . SER A 1 33  ? 8.727   3.174   16.074  1.00 78.84  ? 76  SER A C   1 
ATOM   207  O O   . SER A 1 33  ? 9.614   3.500   15.289  1.00 78.41  ? 76  SER A O   1 
ATOM   208  C CB  . SER A 1 33  ? 6.651   1.833   15.603  1.00 72.63  ? 76  SER A CB  1 
ATOM   209  O OG  . SER A 1 33  ? 5.360   1.867   15.026  1.00 85.38  ? 76  SER A OG  1 
ATOM   210  N N   . HIS A 1 34  ? 8.978   2.761   17.310  1.00 87.51  ? 77  HIS A N   1 
ATOM   211  C CA  . HIS A 1 34  ? 10.339  2.679   17.824  1.00 89.06  ? 77  HIS A CA  1 
ATOM   212  C C   . HIS A 1 34  ? 10.561  1.338   18.524  1.00 94.61  ? 77  HIS A C   1 
ATOM   213  O O   . HIS A 1 34  ? 9.846   1.024   19.469  1.00 100.63 ? 77  HIS A O   1 
ATOM   214  C CB  . HIS A 1 34  ? 10.612  3.831   18.803  1.00 89.76  ? 77  HIS A CB  1 
ATOM   215  C CG  . HIS A 1 34  ? 10.251  5.195   18.271  1.00 89.46  ? 77  HIS A CG  1 
ATOM   216  N ND1 . HIS A 1 34  ? 8.955   5.618   18.136  1.00 87.23  ? 77  HIS A ND1 1 
ATOM   217  C CD2 . HIS A 1 34  ? 11.040  6.224   17.873  1.00 91.56  ? 77  HIS A CD2 1 
ATOM   218  C CE1 . HIS A 1 34  ? 8.948   6.862   17.658  1.00 84.17  ? 77  HIS A CE1 1 
ATOM   219  N NE2 . HIS A 1 34  ? 10.194  7.243   17.491  1.00 88.55  ? 77  HIS A NE2 1 
ATOM   220  N N   . ASP A 1 35  ? 11.526  0.533   18.075  1.00 98.80  ? 78  ASP A N   1 
ATOM   221  C CA  . ASP A 1 35  ? 11.887  -0.670  18.838  1.00 107.15 ? 78  ASP A CA  1 
ATOM   222  C C   . ASP A 1 35  ? 13.293  -0.530  19.428  1.00 116.33 ? 78  ASP A C   1 
ATOM   223  O O   . ASP A 1 35  ? 14.196  0.024   18.799  1.00 117.06 ? 78  ASP A O   1 
ATOM   224  C CB  . ASP A 1 35  ? 11.778  -1.944  17.978  1.00 102.08 ? 78  ASP A CB  1 
ATOM   225  C CG  . ASP A 1 35  ? 10.665  -2.896  18.457  1.00 104.93 ? 78  ASP A CG  1 
ATOM   226  O OD1 . ASP A 1 35  ? 9.845   -2.490  19.305  1.00 97.98  ? 78  ASP A OD1 1 
ATOM   227  O OD2 . ASP A 1 35  ? 10.611  -4.047  17.970  1.00 107.17 ? 78  ASP A OD2 1 
ATOM   228  N N   . PHE A 1 36  ? 13.455  -1.037  20.648  1.00 120.52 ? 79  PHE A N   1 
ATOM   229  C CA  . PHE A 1 36  ? 14.688  -0.880  21.410  1.00 131.23 ? 79  PHE A CA  1 
ATOM   230  C C   . PHE A 1 36  ? 15.644  -2.043  21.173  1.00 139.27 ? 79  PHE A C   1 
ATOM   231  O O   . PHE A 1 36  ? 15.507  -3.108  21.778  1.00 138.61 ? 79  PHE A O   1 
ATOM   232  C CB  . PHE A 1 36  ? 14.380  -0.751  22.908  1.00 127.54 ? 79  PHE A CB  1 
ATOM   233  N N   . ASP A 1 37  ? 16.599  -1.835  20.273  1.00 142.51 ? 80  ASP A N   1 
ATOM   234  C CA  . ASP A 1 37  ? 17.656  -2.808  20.038  1.00 147.81 ? 80  ASP A CA  1 
ATOM   235  C C   . ASP A 1 37  ? 18.694  -2.699  21.147  1.00 155.64 ? 80  ASP A C   1 
ATOM   236  O O   . ASP A 1 37  ? 19.431  -1.717  21.222  1.00 159.58 ? 80  ASP A O   1 
ATOM   237  C CB  . ASP A 1 37  ? 18.305  -2.591  18.669  1.00 146.00 ? 80  ASP A CB  1 
ATOM   238  N N   . SER A 1 38  ? 18.742  -3.710  22.008  1.00 156.29 ? 81  SER A N   1 
ATOM   239  C CA  . SER A 1 38  ? 19.612  -3.685  23.180  1.00 157.80 ? 81  SER A CA  1 
ATOM   240  C C   . SER A 1 38  ? 21.094  -3.807  22.820  1.00 158.45 ? 81  SER A C   1 
ATOM   241  O O   . SER A 1 38  ? 21.960  -3.646  23.680  1.00 156.03 ? 81  SER A O   1 
ATOM   242  C CB  . SER A 1 38  ? 19.219  -4.804  24.149  1.00 156.48 ? 81  SER A CB  1 
ATOM   243  O OG  . SER A 1 38  ? 17.851  -4.715  24.510  1.00 151.08 ? 81  SER A OG  1 
ATOM   244  N N   . SER A 1 39  ? 21.380  -4.086  21.551  1.00 156.47 ? 82  SER A N   1 
ATOM   245  C CA  . SER A 1 39  ? 22.755  -4.273  21.094  1.00 151.62 ? 82  SER A CA  1 
ATOM   246  C C   . SER A 1 39  ? 23.429  -2.959  20.717  1.00 159.34 ? 82  SER A C   1 
ATOM   247  O O   . SER A 1 39  ? 24.572  -2.702  21.102  1.00 152.03 ? 82  SER A O   1 
ATOM   248  C CB  . SER A 1 39  ? 22.793  -5.224  19.898  1.00 145.67 ? 82  SER A CB  1 
ATOM   249  O OG  . SER A 1 39  ? 24.077  -5.232  19.293  1.00 143.28 ? 82  SER A OG  1 
ATOM   250  N N   . THR A 1 40  ? 22.721  -2.135  19.951  1.00 169.20 ? 83  THR A N   1 
ATOM   251  C CA  . THR A 1 40  ? 23.243  -0.840  19.539  1.00 172.85 ? 83  THR A CA  1 
ATOM   252  C C   . THR A 1 40  ? 22.761  0.251   20.484  1.00 173.27 ? 83  THR A C   1 
ATOM   253  O O   . THR A 1 40  ? 23.195  1.400   20.399  1.00 173.61 ? 83  THR A O   1 
ATOM   254  C CB  . THR A 1 40  ? 22.824  -0.492  18.098  1.00 173.22 ? 83  THR A CB  1 
ATOM   255  O OG1 . THR A 1 40  ? 21.394  -0.478  18.004  1.00 167.98 ? 83  THR A OG1 1 
ATOM   256  C CG2 . THR A 1 40  ? 23.384  -1.515  17.119  1.00 162.88 ? 83  THR A CG2 1 
ATOM   257  N N   . GLY A 1 41  ? 21.852  -0.122  21.382  1.00 169.90 ? 84  GLY A N   1 
ATOM   258  C CA  . GLY A 1 41  ? 21.271  0.812   22.330  1.00 165.37 ? 84  GLY A CA  1 
ATOM   259  C C   . GLY A 1 41  ? 20.449  1.879   21.635  1.00 164.51 ? 84  GLY A C   1 
ATOM   260  O O   . GLY A 1 41  ? 20.104  2.902   22.228  1.00 167.51 ? 84  GLY A O   1 
ATOM   261  N N   . ASP A 1 42  ? 20.129  1.630   20.370  1.00 164.12 ? 85  ASP A N   1 
ATOM   262  C CA  . ASP A 1 42  ? 19.441  2.614   19.550  1.00 155.33 ? 85  ASP A CA  1 
ATOM   263  C C   . ASP A 1 42  ? 17.940  2.375   19.529  1.00 139.48 ? 85  ASP A C   1 
ATOM   264  O O   . ASP A 1 42  ? 17.477  1.311   19.121  1.00 137.45 ? 85  ASP A O   1 
ATOM   265  C CB  . ASP A 1 42  ? 19.993  2.595   18.122  1.00 153.04 ? 85  ASP A CB  1 
ATOM   266  N N   . ASN A 1 43  ? 17.184  3.370   19.980  1.00 135.07 ? 86  ASN A N   1 
ATOM   267  C CA  . ASN A 1 43  ? 15.745  3.368   19.775  1.00 126.99 ? 86  ASN A CA  1 
ATOM   268  C C   . ASN A 1 43  ? 15.475  3.611   18.301  1.00 121.79 ? 86  ASN A C   1 
ATOM   269  O O   . ASN A 1 43  ? 15.104  4.714   17.900  1.00 117.90 ? 86  ASN A O   1 
ATOM   270  C CB  . ASN A 1 43  ? 15.059  4.433   20.631  1.00 119.29 ? 86  ASN A CB  1 
ATOM   271  N N   . THR A 1 44  ? 15.681  2.572   17.499  1.00 115.44 ? 87  THR A N   1 
ATOM   272  C CA  . THR A 1 44  ? 15.599  2.683   16.051  1.00 105.52 ? 87  THR A CA  1 
ATOM   273  C C   . THR A 1 44  ? 14.178  2.964   15.566  1.00 90.41  ? 87  THR A C   1 
ATOM   274  O O   . THR A 1 44  ? 13.226  2.300   15.970  1.00 85.86  ? 87  THR A O   1 
ATOM   275  C CB  . THR A 1 44  ? 16.126  1.406   15.374  1.00 105.98 ? 87  THR A CB  1 
ATOM   276  O OG1 . THR A 1 44  ? 15.594  0.258   16.044  1.00 100.77 ? 87  THR A OG1 1 
ATOM   277  C CG2 . THR A 1 44  ? 17.645  1.360   15.449  1.00 117.76 ? 87  THR A CG2 1 
ATOM   278  N N   . VAL A 1 45  ? 14.052  3.965   14.703  1.00 82.05  ? 88  VAL A N   1 
ATOM   279  C CA  . VAL A 1 45  ? 12.777  4.316   14.098  1.00 73.33  ? 88  VAL A CA  1 
ATOM   280  C C   . VAL A 1 45  ? 12.486  3.394   12.909  1.00 70.15  ? 88  VAL A C   1 
ATOM   281  O O   . VAL A 1 45  ? 13.356  3.161   12.066  1.00 66.74  ? 88  VAL A O   1 
ATOM   282  C CB  . VAL A 1 45  ? 12.770  5.788   13.642  1.00 71.41  ? 88  VAL A CB  1 
ATOM   283  C CG1 . VAL A 1 45  ? 11.462  6.141   12.958  1.00 67.73  ? 88  VAL A CG1 1 
ATOM   284  C CG2 . VAL A 1 45  ? 13.009  6.704   14.829  1.00 80.32  ? 88  VAL A CG2 1 
ATOM   285  N N   . ILE A 1 46  ? 11.268  2.860   12.857  1.00 63.33  ? 89  ILE A N   1 
ATOM   286  C CA  . ILE A 1 46  ? 10.867  1.948   11.792  1.00 61.85  ? 89  ILE A CA  1 
ATOM   287  C C   . ILE A 1 46  ? 9.512   2.339   11.200  1.00 62.62  ? 89  ILE A C   1 
ATOM   288  O O   . ILE A 1 46  ? 8.569   2.641   11.935  1.00 59.79  ? 89  ILE A O   1 
ATOM   289  C CB  . ILE A 1 46  ? 10.779  0.488   12.293  1.00 62.50  ? 89  ILE A CB  1 
ATOM   290  C CG1 . ILE A 1 46  ? 12.064  0.069   13.005  1.00 65.18  ? 89  ILE A CG1 1 
ATOM   291  C CG2 . ILE A 1 46  ? 10.505  -0.461  11.143  1.00 63.42  ? 89  ILE A CG2 1 
ATOM   292  C CD1 . ILE A 1 46  ? 11.995  -1.326  13.590  1.00 71.54  ? 89  ILE A CD1 1 
ATOM   293  N N   . LEU A 1 47  ? 9.425   2.338   9.873   1.00 57.30  ? 90  LEU A N   1 
ATOM   294  C CA  . LEU A 1 47  ? 8.152   2.511   9.182   1.00 56.77  ? 90  LEU A CA  1 
ATOM   295  C C   . LEU A 1 47  ? 7.477   1.163   8.952   1.00 50.18  ? 90  LEU A C   1 
ATOM   296  O O   . LEU A 1 47  ? 8.133   0.210   8.540   1.00 47.34  ? 90  LEU A O   1 
ATOM   297  C CB  . LEU A 1 47  ? 8.353   3.210   7.844   1.00 53.12  ? 90  LEU A CB  1 
ATOM   298  C CG  . LEU A 1 47  ? 8.942   4.607   7.915   1.00 53.89  ? 90  LEU A CG  1 
ATOM   299  C CD1 . LEU A 1 47  ? 9.245   5.105   6.518   1.00 54.01  ? 90  LEU A CD1 1 
ATOM   300  C CD2 . LEU A 1 47  ? 7.955   5.512   8.604   1.00 56.04  ? 90  LEU A CD2 1 
ATOM   301  N N   . GLY A 1 48  ? 6.174   1.092   9.220   1.00 49.04  ? 91  GLY A N   1 
ATOM   302  C CA  . GLY A 1 48  ? 5.391   -0.113  8.983   1.00 46.11  ? 91  GLY A CA  1 
ATOM   303  C C   . GLY A 1 48  ? 3.971   0.237   8.563   1.00 46.91  ? 91  GLY A C   1 
ATOM   304  O O   . GLY A 1 48  ? 3.590   1.407   8.568   1.00 49.40  ? 91  GLY A O   1 
ATOM   305  N N   . TRP A 1 49  ? 3.189   -0.771  8.200   1.00 49.58  ? 92  TRP A N   1 
ATOM   306  C CA  . TRP A 1 49  ? 1.800   -0.573  7.790   1.00 48.24  ? 92  TRP A CA  1 
ATOM   307  C C   . TRP A 1 49  ? 0.969   0.108   8.862   1.00 44.54  ? 92  TRP A C   1 
ATOM   308  O O   . TRP A 1 49  ? 0.841   -0.403  9.970   1.00 52.52  ? 92  TRP A O   1 
ATOM   309  C CB  . TRP A 1 49  ? 1.156   -1.912  7.440   1.00 42.64  ? 92  TRP A CB  1 
ATOM   310  C CG  . TRP A 1 49  ? -0.238  -1.799  6.924   1.00 47.11  ? 92  TRP A CG  1 
ATOM   311  C CD1 . TRP A 1 49  ? -1.394  -1.782  7.658   1.00 43.47  ? 92  TRP A CD1 1 
ATOM   312  C CD2 . TRP A 1 49  ? -0.631  -1.707  5.551   1.00 47.90  ? 92  TRP A CD2 1 
ATOM   313  N NE1 . TRP A 1 49  ? -2.480  -1.681  6.824   1.00 44.17  ? 92  TRP A NE1 1 
ATOM   314  C CE2 . TRP A 1 49  ? -2.042  -1.635  5.526   1.00 48.45  ? 92  TRP A CE2 1 
ATOM   315  C CE3 . TRP A 1 49  ? 0.072   -1.693  4.339   1.00 38.43  ? 92  TRP A CE3 1 
ATOM   316  C CZ2 . TRP A 1 49  ? -2.763  -1.543  4.337   1.00 46.19  ? 92  TRP A CZ2 1 
ATOM   317  C CZ3 . TRP A 1 49  ? -0.641  -1.596  3.162   1.00 42.01  ? 92  TRP A CZ3 1 
ATOM   318  C CH2 . TRP A 1 49  ? -2.050  -1.526  3.168   1.00 50.65  ? 92  TRP A CH2 1 
ATOM   319  N N   . GLY A 1 50  ? 0.397   1.256   8.525   1.00 45.76  ? 93  GLY A N   1 
ATOM   320  C CA  . GLY A 1 50  ? -0.522  1.933   9.417   1.00 47.68  ? 93  GLY A CA  1 
ATOM   321  C C   . GLY A 1 50  ? -1.949  1.651   8.998   1.00 54.85  ? 93  GLY A C   1 
ATOM   322  O O   . GLY A 1 50  ? -2.724  1.061   9.747   1.00 46.67  ? 93  GLY A O   1 
ATOM   323  N N   . ASP A 1 51  ? -2.287  2.080   7.788   1.00 50.70  ? 94  ASP A N   1 
ATOM   324  C CA  . ASP A 1 51  ? -3.597  1.822   7.207   1.00 51.59  ? 94  ASP A CA  1 
ATOM   325  C C   . ASP A 1 51  ? -3.458  1.878   5.698   1.00 53.44  ? 94  ASP A C   1 
ATOM   326  O O   . ASP A 1 51  ? -2.375  2.153   5.187   1.00 52.71  ? 94  ASP A O   1 
ATOM   327  C CB  . ASP A 1 51  ? -4.629  2.836   7.692   1.00 57.33  ? 94  ASP A CB  1 
ATOM   328  C CG  . ASP A 1 51  ? -5.833  2.180   8.341   1.00 68.29  ? 94  ASP A CG  1 
ATOM   329  O OD1 . ASP A 1 51  ? -6.111  1.002   8.027   1.00 68.50  ? 94  ASP A OD1 1 
ATOM   330  O OD2 . ASP A 1 51  ? -6.504  2.842   9.166   1.00 72.88  ? 94  ASP A OD2 1 
ATOM   331  N N   . GLY A 1 52  ? -4.545  1.624   4.980   1.00 51.53  ? 95  GLY A N   1 
ATOM   332  C CA  . GLY A 1 52  ? -4.488  1.630   3.531   1.00 50.02  ? 95  GLY A CA  1 
ATOM   333  C C   . GLY A 1 52  ? -5.854  1.732   2.890   1.00 53.04  ? 95  GLY A C   1 
ATOM   334  O O   . GLY A 1 52  ? -6.860  1.383   3.500   1.00 54.90  ? 95  GLY A O   1 
ATOM   335  N N   . TYR A 1 53  ? -5.887  2.220   1.655   1.00 55.84  ? 96  TYR A N   1 
ATOM   336  C CA  . TYR A 1 53  ? -7.124  2.282   0.893   1.00 62.14  ? 96  TYR A CA  1 
ATOM   337  C C   . TYR A 1 53  ? -6.906  1.904   -0.569  1.00 59.32  ? 96  TYR A C   1 
ATOM   338  O O   . TYR A 1 53  ? -6.207  2.606   -1.295  1.00 61.40  ? 96  TYR A O   1 
ATOM   339  C CB  . TYR A 1 53  ? -7.742  3.680   0.974   1.00 64.03  ? 96  TYR A CB  1 
ATOM   340  C CG  . TYR A 1 53  ? -9.070  3.758   0.260   1.00 68.41  ? 96  TYR A CG  1 
ATOM   341  C CD1 . TYR A 1 53  ? -10.247 3.441   0.916   1.00 68.33  ? 96  TYR A CD1 1 
ATOM   342  C CD2 . TYR A 1 53  ? -9.144  4.120   -1.079  1.00 71.83  ? 96  TYR A CD2 1 
ATOM   343  C CE1 . TYR A 1 53  ? -11.466 3.491   0.263   1.00 76.64  ? 96  TYR A CE1 1 
ATOM   344  C CE2 . TYR A 1 53  ? -10.355 4.172   -1.742  1.00 75.47  ? 96  TYR A CE2 1 
ATOM   345  C CZ  . TYR A 1 53  ? -11.513 3.858   -1.068  1.00 75.54  ? 96  TYR A CZ  1 
ATOM   346  O OH  . TYR A 1 53  ? -12.720 3.916   -1.724  1.00 80.27  ? 96  TYR A OH  1 
ATOM   347  N N   . TYR A 1 54  ? -7.517  0.808   -1.008  1.00 63.39  ? 97  TYR A N   1 
ATOM   348  C CA  . TYR A 1 54  ? -7.441  0.427   -2.415  1.00 64.86  ? 97  TYR A CA  1 
ATOM   349  C C   . TYR A 1 54  ? -8.678  0.906   -3.178  1.00 70.51  ? 97  TYR A C   1 
ATOM   350  O O   . TYR A 1 54  ? -9.806  0.748   -2.710  1.00 64.35  ? 97  TYR A O   1 
ATOM   351  C CB  . TYR A 1 54  ? -7.278  -1.087  -2.564  1.00 56.24  ? 97  TYR A CB  1 
ATOM   352  C CG  . TYR A 1 54  ? -7.022  -1.531  -3.990  1.00 62.67  ? 97  TYR A CG  1 
ATOM   353  C CD1 . TYR A 1 54  ? -8.078  -1.844  -4.844  1.00 64.40  ? 97  TYR A CD1 1 
ATOM   354  C CD2 . TYR A 1 54  ? -5.728  -1.635  -4.486  1.00 57.04  ? 97  TYR A CD2 1 
ATOM   355  C CE1 . TYR A 1 54  ? -7.850  -2.246  -6.149  1.00 60.88  ? 97  TYR A CE1 1 
ATOM   356  C CE2 . TYR A 1 54  ? -5.490  -2.037  -5.795  1.00 59.86  ? 97  TYR A CE2 1 
ATOM   357  C CZ  . TYR A 1 54  ? -6.556  -2.338  -6.620  1.00 64.91  ? 97  TYR A CZ  1 
ATOM   358  O OH  . TYR A 1 54  ? -6.328  -2.737  -7.917  1.00 65.39  ? 97  TYR A OH  1 
ATOM   359  N N   . LYS A 1 55  ? -8.457  1.499   -4.351  1.00 70.65  ? 98  LYS A N   1 
ATOM   360  C CA  . LYS A 1 55  ? -9.551  1.990   -5.183  1.00 72.31  ? 98  LYS A CA  1 
ATOM   361  C C   . LYS A 1 55  ? -9.632  1.242   -6.508  1.00 76.18  ? 98  LYS A C   1 
ATOM   362  O O   . LYS A 1 55  ? -10.715 0.859   -6.944  1.00 83.38  ? 98  LYS A O   1 
ATOM   363  C CB  . LYS A 1 55  ? -9.398  3.483   -5.453  1.00 78.59  ? 98  LYS A CB  1 
ATOM   364  C CG  . LYS A 1 55  ? -10.606 4.100   -6.137  1.00 86.01  ? 98  LYS A CG  1 
ATOM   365  C CD  . LYS A 1 55  ? -10.258 5.410   -6.826  1.00 89.20  ? 98  LYS A CD  1 
ATOM   366  C CE  . LYS A 1 55  ? -9.502  5.164   -8.125  1.00 93.76  ? 98  LYS A CE  1 
ATOM   367  N NZ  . LYS A 1 55  ? -9.061  6.444   -8.758  1.00 89.77  ? 98  LYS A NZ  1 
ATOM   368  N N   . GLY A 1 56  ? -8.486  1.058   -7.156  1.00 76.50  ? 99  GLY A N   1 
ATOM   369  C CA  . GLY A 1 56  ? -8.400  0.248   -8.361  1.00 73.16  ? 99  GLY A CA  1 
ATOM   370  C C   . GLY A 1 56  ? -8.788  0.926   -9.660  1.00 81.38  ? 99  GLY A C   1 
ATOM   371  O O   . GLY A 1 56  ? -8.443  2.084   -9.905  1.00 85.48  ? 99  GLY A O   1 
ATOM   372  N N   . GLU A 1 57  ? -9.504  0.186   -10.501 1.00 91.78  ? 100 GLU A N   1 
ATOM   373  C CA  . GLU A 1 57  ? -9.934  0.681   -11.805 1.00 95.64  ? 100 GLU A CA  1 
ATOM   374  C C   . GLU A 1 57  ? -11.358 0.246   -12.132 1.00 98.91  ? 100 GLU A C   1 
ATOM   375  O O   . GLU A 1 57  ? -12.133 1.008   -12.713 1.00 103.88 ? 100 GLU A O   1 
ATOM   376  C CB  . GLU A 1 57  ? -8.976  0.199   -12.896 1.00 97.51  ? 100 GLU A CB  1 
ATOM   377  C CG  . GLU A 1 57  ? -9.458  0.450   -14.315 1.00 101.96 ? 100 GLU A CG  1 
ATOM   378  C CD  . GLU A 1 57  ? -9.691  1.921   -14.603 1.00 106.51 ? 100 GLU A CD  1 
ATOM   379  O OE1 . GLU A 1 57  ? -9.012  2.769   -13.982 1.00 104.62 ? 100 GLU A OE1 1 
ATOM   380  O OE2 . GLU A 1 57  ? -10.558 2.225   -15.451 1.00 105.64 ? 100 GLU A OE2 1 
ATOM   381  N N   . THR A 1 67  ? -2.461  -13.691 -14.937 1.00 85.80  ? 110 THR A N   1 
ATOM   382  C CA  . THR A 1 67  ? -1.893  -14.623 -13.970 1.00 87.07  ? 110 THR A CA  1 
ATOM   383  C C   . THR A 1 67  ? -2.191  -16.064 -14.374 1.00 83.58  ? 110 THR A C   1 
ATOM   384  O O   . THR A 1 67  ? -2.857  -16.306 -15.379 1.00 86.75  ? 110 THR A O   1 
ATOM   385  C CB  . THR A 1 67  ? -2.435  -14.361 -12.550 1.00 76.49  ? 110 THR A CB  1 
ATOM   386  N N   . ASN A 1 68  ? -1.692  -17.021 -13.596 1.00 82.01  ? 111 ASN A N   1 
ATOM   387  C CA  . ASN A 1 68  ? -1.944  -18.428 -13.882 1.00 81.62  ? 111 ASN A CA  1 
ATOM   388  C C   . ASN A 1 68  ? -2.726  -19.127 -12.776 1.00 80.08  ? 111 ASN A C   1 
ATOM   389  O O   . ASN A 1 68  ? -3.035  -18.531 -11.744 1.00 81.43  ? 111 ASN A O   1 
ATOM   390  C CB  . ASN A 1 68  ? -0.631  -19.176 -14.126 1.00 83.77  ? 111 ASN A CB  1 
ATOM   391  C CG  . ASN A 1 68  ? 0.209   -19.308 -12.871 1.00 83.07  ? 111 ASN A CG  1 
ATOM   392  O OD1 . ASN A 1 68  ? -0.076  -20.129 -11.994 1.00 81.68  ? 111 ASN A OD1 1 
ATOM   393  N ND2 . ASN A 1 68  ? 1.261   -18.509 -12.784 1.00 85.51  ? 111 ASN A ND2 1 
ATOM   394  N N   . THR A 1 69  ? -3.020  -20.404 -13.007 1.00 78.53  ? 112 THR A N   1 
ATOM   395  C CA  . THR A 1 69  ? -3.832  -21.216 -12.106 1.00 76.49  ? 112 THR A CA  1 
ATOM   396  C C   . THR A 1 69  ? -3.236  -21.362 -10.710 1.00 71.57  ? 112 THR A C   1 
ATOM   397  O O   . THR A 1 69  ? -3.923  -21.149 -9.713  1.00 70.79  ? 112 THR A O   1 
ATOM   398  C CB  . THR A 1 69  ? -4.039  -22.630 -12.685 1.00 76.90  ? 112 THR A CB  1 
ATOM   399  O OG1 . THR A 1 69  ? -4.447  -22.529 -14.054 1.00 79.58  ? 112 THR A OG1 1 
ATOM   400  C CG2 . THR A 1 69  ? -5.087  -23.389 -11.890 1.00 77.24  ? 112 THR A CG2 1 
ATOM   401  N N   . ALA A 1 70  ? -1.964  -21.746 -10.645 1.00 67.75  ? 113 ALA A N   1 
ATOM   402  C CA  . ALA A 1 70  ? -1.287  -21.931 -9.366  1.00 71.32  ? 113 ALA A CA  1 
ATOM   403  C C   . ALA A 1 70  ? -1.268  -20.626 -8.571  1.00 75.29  ? 113 ALA A C   1 
ATOM   404  O O   . ALA A 1 70  ? -1.392  -20.625 -7.346  1.00 73.43  ? 113 ALA A O   1 
ATOM   405  C CB  . ALA A 1 70  ? 0.122   -22.439 -9.585  1.00 69.24  ? 113 ALA A CB  1 
ATOM   406  N N   . GLU A 1 71  ? -1.121  -19.517 -9.288  1.00 71.35  ? 114 GLU A N   1 
ATOM   407  C CA  . GLU A 1 71  ? -1.115  -18.198 -8.676  1.00 77.41  ? 114 GLU A CA  1 
ATOM   408  C C   . GLU A 1 71  ? -2.490  -17.826 -8.154  1.00 70.87  ? 114 GLU A C   1 
ATOM   409  O O   . GLU A 1 71  ? -2.644  -17.482 -6.979  1.00 70.10  ? 114 GLU A O   1 
ATOM   410  C CB  . GLU A 1 71  ? -0.639  -17.142 -9.677  1.00 77.30  ? 114 GLU A CB  1 
ATOM   411  C CG  . GLU A 1 71  ? 0.802   -16.723 -9.491  1.00 82.63  ? 114 GLU A CG  1 
ATOM   412  C CD  . GLU A 1 71  ? 1.357   -15.987 -10.692 1.00 100.46 ? 114 GLU A CD  1 
ATOM   413  O OE1 . GLU A 1 71  ? 0.569   -15.640 -11.597 1.00 100.86 ? 114 GLU A OE1 1 
ATOM   414  O OE2 . GLU A 1 71  ? 2.584   -15.760 -10.734 1.00 106.77 ? 114 GLU A OE2 1 
ATOM   415  N N   . GLN A 1 72  ? -3.487  -17.893 -9.028  1.00 61.37  ? 115 GLN A N   1 
ATOM   416  C CA  . GLN A 1 72  ? -4.822  -17.428 -8.685  1.00 59.59  ? 115 GLN A CA  1 
ATOM   417  C C   . GLN A 1 72  ? -5.496  -18.295 -7.632  1.00 65.64  ? 115 GLN A C   1 
ATOM   418  O O   . GLN A 1 72  ? -6.355  -17.820 -6.892  1.00 66.74  ? 115 GLN A O   1 
ATOM   419  C CB  . GLN A 1 72  ? -5.691  -17.349 -9.937  1.00 63.24  ? 115 GLN A CB  1 
ATOM   420  C CG  . GLN A 1 72  ? -5.619  -16.009 -10.647 1.00 67.59  ? 115 GLN A CG  1 
ATOM   421  C CD  . GLN A 1 72  ? -6.263  -14.896 -9.844  1.00 64.61  ? 115 GLN A CD  1 
ATOM   422  O OE1 . GLN A 1 72  ? -7.167  -15.137 -9.048  1.00 66.20  ? 115 GLN A OE1 1 
ATOM   423  N NE2 . GLN A 1 72  ? -5.797  -13.673 -10.046 1.00 64.37  ? 115 GLN A NE2 1 
ATOM   424  N N   . GLU A 1 73  ? -5.113  -19.565 -7.559  1.00 69.91  ? 116 GLU A N   1 
ATOM   425  C CA  . GLU A 1 73  ? -5.676  -20.445 -6.544  1.00 70.06  ? 116 GLU A CA  1 
ATOM   426  C C   . GLU A 1 73  ? -5.081  -20.092 -5.194  1.00 66.08  ? 116 GLU A C   1 
ATOM   427  O O   . GLU A 1 73  ? -5.761  -20.142 -4.166  1.00 61.86  ? 116 GLU A O   1 
ATOM   428  C CB  . GLU A 1 73  ? -5.421  -21.911 -6.884  1.00 71.37  ? 116 GLU A CB  1 
ATOM   429  C CG  . GLU A 1 73  ? -6.373  -22.456 -7.937  1.00 82.70  ? 116 GLU A CG  1 
ATOM   430  C CD  . GLU A 1 73  ? -5.926  -23.794 -8.491  1.00 89.04  ? 116 GLU A CD  1 
ATOM   431  O OE1 . GLU A 1 73  ? -4.779  -24.204 -8.209  1.00 85.40  ? 116 GLU A OE1 1 
ATOM   432  O OE2 . GLU A 1 73  ? -6.720  -24.435 -9.211  1.00 97.95  ? 116 GLU A OE2 1 
ATOM   433  N N   . HIS A 1 74  ? -3.807  -19.724 -5.206  1.00 65.93  ? 117 HIS A N   1 
ATOM   434  C CA  . HIS A 1 74  ? -3.138  -19.265 -3.998  1.00 66.60  ? 117 HIS A CA  1 
ATOM   435  C C   . HIS A 1 74  ? -3.797  -18.003 -3.444  1.00 59.83  ? 117 HIS A C   1 
ATOM   436  O O   . HIS A 1 74  ? -4.082  -17.916 -2.251  1.00 60.57  ? 117 HIS A O   1 
ATOM   437  C CB  . HIS A 1 74  ? -1.659  -19.009 -4.273  1.00 64.56  ? 117 HIS A CB  1 
ATOM   438  C CG  . HIS A 1 74  ? -0.920  -18.446 -3.098  1.00 67.83  ? 117 HIS A CG  1 
ATOM   439  N ND1 . HIS A 1 74  ? -1.155  -18.863 -1.805  1.00 67.44  ? 117 HIS A ND1 1 
ATOM   440  C CD2 . HIS A 1 74  ? 0.044   -17.503 -3.023  1.00 62.82  ? 117 HIS A CD2 1 
ATOM   441  C CE1 . HIS A 1 74  ? -0.363  -18.199 -0.984  1.00 70.18  ? 117 HIS A CE1 1 
ATOM   442  N NE2 . HIS A 1 74  ? 0.374   -17.367 -1.694  1.00 70.17  ? 117 HIS A NE2 1 
ATOM   443  N N   . ARG A 1 75  ? -4.052  -17.034 -4.318  1.00 56.95  ? 118 ARG A N   1 
ATOM   444  C CA  . ARG A 1 75  ? -4.614  -15.757 -3.896  1.00 59.47  ? 118 ARG A CA  1 
ATOM   445  C C   . ARG A 1 75  ? -6.062  -15.890 -3.435  1.00 61.49  ? 118 ARG A C   1 
ATOM   446  O O   . ARG A 1 75  ? -6.458  -15.285 -2.435  1.00 61.01  ? 118 ARG A O   1 
ATOM   447  C CB  . ARG A 1 75  ? -4.521  -14.730 -5.027  1.00 55.00  ? 118 ARG A CB  1 
ATOM   448  C CG  . ARG A 1 75  ? -3.098  -14.390 -5.440  1.00 52.54  ? 118 ARG A CG  1 
ATOM   449  C CD  . ARG A 1 75  ? -3.089  -13.331 -6.534  1.00 52.36  ? 118 ARG A CD  1 
ATOM   450  N NE  . ARG A 1 75  ? -1.791  -13.222 -7.187  1.00 52.16  ? 118 ARG A NE  1 
ATOM   451  C CZ  . ARG A 1 75  ? -1.557  -12.463 -8.253  1.00 56.83  ? 118 ARG A CZ  1 
ATOM   452  N NH1 . ARG A 1 75  ? -2.538  -11.752 -8.788  1.00 53.15  ? 118 ARG A NH1 1 
ATOM   453  N NH2 . ARG A 1 75  ? -0.342  -12.414 -8.788  1.00 64.80  ? 118 ARG A NH2 1 
ATOM   454  N N   . LYS A 1 76  ? -6.850  -16.678 -4.163  1.00 62.28  ? 119 LYS A N   1 
ATOM   455  C CA  . LYS A 1 76  ? -8.258  -16.877 -3.831  1.00 61.15  ? 119 LYS A CA  1 
ATOM   456  C C   . LYS A 1 76  ? -8.424  -17.536 -2.472  1.00 57.52  ? 119 LYS A C   1 
ATOM   457  O O   . LYS A 1 76  ? -9.311  -17.169 -1.697  1.00 58.69  ? 119 LYS A O   1 
ATOM   458  C CB  . LYS A 1 76  ? -8.946  -17.703 -4.914  1.00 64.23  ? 119 LYS A CB  1 
ATOM   459  C CG  . LYS A 1 76  ? -9.238  -16.886 -6.162  1.00 69.31  ? 119 LYS A CG  1 
ATOM   460  C CD  . LYS A 1 76  ? -9.707  -17.741 -7.320  1.00 72.11  ? 119 LYS A CD  1 
ATOM   461  C CE  . LYS A 1 76  ? -10.128 -16.859 -8.484  1.00 70.54  ? 119 LYS A CE  1 
ATOM   462  N NZ  . LYS A 1 76  ? -10.473 -17.652 -9.689  1.00 79.30  ? 119 LYS A NZ  1 
ATOM   463  N N   . ARG A 1 77  ? -7.557  -18.498 -2.185  1.00 56.38  ? 120 ARG A N   1 
ATOM   464  C CA  . ARG A 1 77  ? -7.514  -19.121 -0.871  1.00 57.37  ? 120 ARG A CA  1 
ATOM   465  C C   . ARG A 1 77  ? -7.297  -18.071 0.238   1.00 56.26  ? 120 ARG A C   1 
ATOM   466  O O   . ARG A 1 77  ? -8.037  -18.038 1.218   1.00 50.67  ? 120 ARG A O   1 
ATOM   467  C CB  . ARG A 1 77  ? -6.415  -20.183 -0.841  1.00 58.07  ? 120 ARG A CB  1 
ATOM   468  C CG  . ARG A 1 77  ? -6.472  -21.126 0.343   1.00 62.86  ? 120 ARG A CG  1 
ATOM   469  C CD  . ARG A 1 77  ? -5.268  -20.925 1.251   1.00 78.74  ? 120 ARG A CD  1 
ATOM   470  N NE  . ARG A 1 77  ? -3.997  -21.141 0.560   1.00 82.26  ? 120 ARG A NE  1 
ATOM   471  C CZ  . ARG A 1 77  ? -2.814  -20.743 1.019   1.00 78.28  ? 120 ARG A CZ  1 
ATOM   472  N NH1 . ARG A 1 77  ? -2.732  -20.095 2.178   1.00 75.24  ? 120 ARG A NH1 1 
ATOM   473  N NH2 . ARG A 1 77  ? -1.713  -20.986 0.319   1.00 74.15  ? 120 ARG A NH2 1 
ATOM   474  N N   . VAL A 1 78  ? -6.301  -17.201 0.070   1.00 58.16  ? 121 VAL A N   1 
ATOM   475  C CA  . VAL A 1 78  ? -6.004  -16.168 1.071   1.00 51.48  ? 121 VAL A CA  1 
ATOM   476  C C   . VAL A 1 78  ? -7.200  -15.248 1.299   1.00 48.38  ? 121 VAL A C   1 
ATOM   477  O O   . VAL A 1 78  ? -7.535  -14.918 2.438   1.00 47.30  ? 121 VAL A O   1 
ATOM   478  C CB  . VAL A 1 78  ? -4.788  -15.307 0.669   1.00 52.24  ? 121 VAL A CB  1 
ATOM   479  C CG1 . VAL A 1 78  ? -4.587  -14.167 1.663   1.00 45.67  ? 121 VAL A CG1 1 
ATOM   480  C CG2 . VAL A 1 78  ? -3.539  -16.160 0.572   1.00 49.90  ? 121 VAL A CG2 1 
ATOM   481  N N   . ILE A 1 79  ? -7.849  -14.850 0.209   1.00 49.03  ? 122 ILE A N   1 
ATOM   482  C CA  . ILE A 1 79  ? -8.985  -13.943 0.289   1.00 53.13  ? 122 ILE A CA  1 
ATOM   483  C C   . ILE A 1 79  ? -10.158 -14.558 1.052   1.00 53.46  ? 122 ILE A C   1 
ATOM   484  O O   . ILE A 1 79  ? -10.826 -13.879 1.834   1.00 53.56  ? 122 ILE A O   1 
ATOM   485  C CB  . ILE A 1 79  ? -9.458  -13.507 -1.111  1.00 55.05  ? 122 ILE A CB  1 
ATOM   486  C CG1 . ILE A 1 79  ? -8.342  -12.746 -1.830  1.00 58.44  ? 122 ILE A CG1 1 
ATOM   487  C CG2 . ILE A 1 79  ? -10.701 -12.630 -1.012  1.00 48.70  ? 122 ILE A CG2 1 
ATOM   488  C CD1 . ILE A 1 79  ? -7.857  -11.521 -1.087  1.00 52.66  ? 122 ILE A CD1 1 
ATOM   489  N N   . ARG A 1 80  ? -10.413 -15.844 0.857   1.00 53.20  ? 123 ARG A N   1 
ATOM   490  C CA  . ARG A 1 80  ? -11.538 -16.426 1.576   1.00 58.25  ? 123 ARG A CA  1 
ATOM   491  C C   . ARG A 1 80  ? -11.162 -16.689 3.040   1.00 56.20  ? 123 ARG A C   1 
ATOM   492  O O   . ARG A 1 80  ? -12.034 -16.705 3.907   1.00 57.01  ? 123 ARG A O   1 
ATOM   493  C CB  . ARG A 1 80  ? -12.055 -17.700 0.883   1.00 55.60  ? 123 ARG A CB  1 
ATOM   494  C CG  . ARG A 1 80  ? -11.139 -18.901 0.902   1.00 61.15  ? 123 ARG A CG  1 
ATOM   495  C CD  . ARG A 1 80  ? -11.799 -20.082 0.176   1.00 70.37  ? 123 ARG A CD  1 
ATOM   496  N NE  . ARG A 1 80  ? -11.690 -19.961 -1.275  1.00 70.14  ? 123 ARG A NE  1 
ATOM   497  C CZ  . ARG A 1 80  ? -10.883 -20.710 -2.022  1.00 68.30  ? 123 ARG A CZ  1 
ATOM   498  N NH1 . ARG A 1 80  ? -10.133 -21.649 -1.454  1.00 59.58  ? 123 ARG A NH1 1 
ATOM   499  N NH2 . ARG A 1 80  ? -10.835 -20.533 -3.337  1.00 64.96  ? 123 ARG A NH2 1 
ATOM   500  N N   . GLU A 1 81  ? -9.873  -16.858 3.328   1.00 49.46  ? 124 GLU A N   1 
ATOM   501  C CA  . GLU A 1 81  ? -9.444  -16.997 4.719   1.00 46.18  ? 124 GLU A CA  1 
ATOM   502  C C   . GLU A 1 81  ? -9.638  -15.692 5.493   1.00 51.88  ? 124 GLU A C   1 
ATOM   503  O O   . GLU A 1 81  ? -10.058 -15.703 6.651   1.00 50.37  ? 124 GLU A O   1 
ATOM   504  C CB  . GLU A 1 81  ? -7.986  -17.436 4.795   1.00 47.05  ? 124 GLU A CB  1 
ATOM   505  C CG  . GLU A 1 81  ? -7.776  -18.939 4.805   1.00 56.67  ? 124 GLU A CG  1 
ATOM   506  C CD  . GLU A 1 81  ? -6.313  -19.311 4.942   1.00 61.85  ? 124 GLU A CD  1 
ATOM   507  O OE1 . GLU A 1 81  ? -5.635  -19.441 3.904   1.00 70.69  ? 124 GLU A OE1 1 
ATOM   508  O OE2 . GLU A 1 81  ? -5.834  -19.467 6.086   1.00 62.03  ? 124 GLU A OE2 1 
ATOM   509  N N   . LEU A 1 82  ? -9.320  -14.572 4.850   1.00 52.51  ? 125 LEU A N   1 
ATOM   510  C CA  . LEU A 1 82  ? -9.548  -13.256 5.441   1.00 53.40  ? 125 LEU A CA  1 
ATOM   511  C C   . LEU A 1 82  ? -11.052 -13.032 5.586   1.00 53.64  ? 125 LEU A C   1 
ATOM   512  O O   . LEU A 1 82  ? -11.529 -12.522 6.598   1.00 51.33  ? 125 LEU A O   1 
ATOM   513  C CB  . LEU A 1 82  ? -8.907  -12.155 4.586   1.00 46.81  ? 125 LEU A CB  1 
ATOM   514  C CG  . LEU A 1 82  ? -7.375  -12.159 4.515   1.00 48.07  ? 125 LEU A CG  1 
ATOM   515  C CD1 . LEU A 1 82  ? -6.874  -11.303 3.374   1.00 49.25  ? 125 LEU A CD1 1 
ATOM   516  C CD2 . LEU A 1 82  ? -6.767  -11.691 5.827   1.00 44.03  ? 125 LEU A CD2 1 
ATOM   517  N N   . ASN A 1 83  ? -11.797 -13.441 4.569   1.00 54.49  ? 126 ASN A N   1 
ATOM   518  C CA  . ASN A 1 83  ? -13.248 -13.356 4.618   1.00 59.61  ? 126 ASN A CA  1 
ATOM   519  C C   . ASN A 1 83  ? -13.821 -14.145 5.784   1.00 59.97  ? 126 ASN A C   1 
ATOM   520  O O   . ASN A 1 83  ? -14.728 -13.677 6.469   1.00 64.26  ? 126 ASN A O   1 
ATOM   521  C CB  . ASN A 1 83  ? -13.848 -13.847 3.306   1.00 56.93  ? 126 ASN A CB  1 
ATOM   522  C CG  . ASN A 1 83  ? -14.524 -12.739 2.539   1.00 63.29  ? 126 ASN A CG  1 
ATOM   523  O OD1 . ASN A 1 83  ? -15.146 -11.853 3.134   1.00 61.83  ? 126 ASN A OD1 1 
ATOM   524  N ND2 . ASN A 1 83  ? -14.402 -12.769 1.214   1.00 62.34  ? 126 ASN A ND2 1 
ATOM   525  N N   . SER A 1 84  ? -13.281 -15.338 6.008   1.00 54.64  ? 127 SER A N   1 
ATOM   526  C CA  . SER A 1 84  ? -13.657 -16.145 7.159   1.00 52.78  ? 127 SER A CA  1 
ATOM   527  C C   . SER A 1 84  ? -13.412 -15.388 8.457   1.00 57.72  ? 127 SER A C   1 
ATOM   528  O O   . SER A 1 84  ? -14.231 -15.431 9.371   1.00 57.24  ? 127 SER A O   1 
ATOM   529  C CB  . SER A 1 84  ? -12.879 -17.461 7.167   1.00 52.03  ? 127 SER A CB  1 
ATOM   530  O OG  . SER A 1 84  ? -12.779 -17.978 8.481   1.00 59.45  ? 127 SER A OG  1 
ATOM   531  N N   . LEU A 1 85  ? -12.284 -14.684 8.524   1.00 57.06  ? 128 LEU A N   1 
ATOM   532  C CA  . LEU A 1 85  ? -11.925 -13.909 9.713   1.00 58.99  ? 128 LEU A CA  1 
ATOM   533  C C   . LEU A 1 85  ? -12.834 -12.706 9.932   1.00 59.60  ? 128 LEU A C   1 
ATOM   534  O O   . LEU A 1 85  ? -13.262 -12.429 11.049  1.00 59.67  ? 128 LEU A O   1 
ATOM   535  C CB  . LEU A 1 85  ? -10.477 -13.422 9.622   1.00 55.29  ? 128 LEU A CB  1 
ATOM   536  C CG  . LEU A 1 85  ? -9.363  -14.462 9.722   1.00 56.63  ? 128 LEU A CG  1 
ATOM   537  C CD1 . LEU A 1 85  ? -8.005  -13.765 9.833   1.00 56.08  ? 128 LEU A CD1 1 
ATOM   538  C CD2 . LEU A 1 85  ? -9.597  -15.388 10.899  1.00 51.98  ? 128 LEU A CD2 1 
ATOM   539  N N   . ILE A 1 86  ? -13.101 -11.979 8.854   1.00 62.55  ? 129 ILE A N   1 
ATOM   540  C CA  . ILE A 1 86  ? -13.870 -10.749 8.929   1.00 60.39  ? 129 ILE A CA  1 
ATOM   541  C C   . ILE A 1 86  ? -15.358 -11.040 9.068   1.00 67.01  ? 129 ILE A C   1 
ATOM   542  O O   . ILE A 1 86  ? -16.047 -10.436 9.886   1.00 75.65  ? 129 ILE A O   1 
ATOM   543  C CB  . ILE A 1 86  ? -13.646 -9.878  7.677   1.00 60.68  ? 129 ILE A CB  1 
ATOM   544  C CG1 . ILE A 1 86  ? -12.160 -9.554  7.493   1.00 56.58  ? 129 ILE A CG1 1 
ATOM   545  C CG2 . ILE A 1 86  ? -14.475 -8.617  7.750   1.00 62.66  ? 129 ILE A CG2 1 
ATOM   546  C CD1 . ILE A 1 86  ? -11.486 -9.033  8.731   1.00 64.90  ? 129 ILE A CD1 1 
ATOM   547  N N   . SER A 1 87  ? -15.844 -11.983 8.269   1.00 67.84  ? 130 SER A N   1 
ATOM   548  C CA  . SER A 1 87  ? -17.277 -12.219 8.142   1.00 70.73  ? 130 SER A CA  1 
ATOM   549  C C   . SER A 1 87  ? -17.728 -13.503 8.841   1.00 74.18  ? 130 SER A C   1 
ATOM   550  O O   . SER A 1 87  ? -17.109 -13.957 9.804   1.00 73.94  ? 130 SER A O   1 
ATOM   551  C CB  . SER A 1 87  ? -17.660 -12.268 6.658   1.00 76.38  ? 130 SER A CB  1 
ATOM   552  O OG  . SER A 1 87  ? -16.922 -11.307 5.906   1.00 76.92  ? 130 SER A OG  1 
ATOM   553  N N   . ASP A 1 98  ? -16.601 -15.806 -5.752  1.00 88.66  ? 141 ASP A N   1 
ATOM   554  C CA  . ASP A 1 98  ? -15.143 -15.829 -5.803  1.00 87.36  ? 141 ASP A CA  1 
ATOM   555  C C   . ASP A 1 98  ? -14.612 -15.171 -7.073  1.00 82.35  ? 141 ASP A C   1 
ATOM   556  O O   . ASP A 1 98  ? -14.496 -15.810 -8.117  1.00 85.19  ? 141 ASP A O   1 
ATOM   557  C CB  . ASP A 1 98  ? -14.622 -17.266 -5.704  1.00 87.12  ? 141 ASP A CB  1 
ATOM   558  C CG  . ASP A 1 98  ? -14.454 -17.732 -4.266  1.00 90.13  ? 141 ASP A CG  1 
ATOM   559  O OD1 . ASP A 1 98  ? -15.282 -17.347 -3.408  1.00 85.42  ? 141 ASP A OD1 1 
ATOM   560  O OD2 . ASP A 1 98  ? -13.487 -18.480 -3.993  1.00 81.41  ? 141 ASP A OD2 1 
ATOM   561  N N   . GLU A 1 99  ? -14.293 -13.884 -6.979  1.00 82.00  ? 142 GLU A N   1 
ATOM   562  C CA  . GLU A 1 99  ? -13.704 -13.157 -8.098  1.00 87.29  ? 142 GLU A CA  1 
ATOM   563  C C   . GLU A 1 99  ? -12.212 -13.440 -8.205  1.00 81.47  ? 142 GLU A C   1 
ATOM   564  O O   . GLU A 1 99  ? -11.604 -13.972 -7.275  1.00 79.81  ? 142 GLU A O   1 
ATOM   565  C CB  . GLU A 1 99  ? -13.933 -11.653 -7.949  1.00 81.04  ? 142 GLU A CB  1 
ATOM   566  C CG  . GLU A 1 99  ? -15.384 -11.224 -8.026  1.00 81.88  ? 142 GLU A CG  1 
ATOM   567  C CD  . GLU A 1 99  ? -15.541 -9.727  -7.860  1.00 91.68  ? 142 GLU A CD  1 
ATOM   568  O OE1 . GLU A 1 99  ? -14.554 -9.068  -7.473  1.00 99.06  ? 142 GLU A OE1 1 
ATOM   569  O OE2 . GLU A 1 99  ? -16.646 -9.204  -8.120  1.00 92.58  ? 142 GLU A OE2 1 
ATOM   570  N N   . GLU A 1 100 ? -11.618 -13.083 -9.336  1.00 69.40  ? 143 GLU A N   1 
ATOM   571  C CA  . GLU A 1 100 ? -10.178 -13.204 -9.471  1.00 70.31  ? 143 GLU A CA  1 
ATOM   572  C C   . GLU A 1 100 ? -9.482  -12.026 -8.791  1.00 73.19  ? 143 GLU A C   1 
ATOM   573  O O   . GLU A 1 100 ? -10.061 -10.948 -8.632  1.00 60.49  ? 143 GLU A O   1 
ATOM   574  C CB  . GLU A 1 100 ? -9.768  -13.290 -10.941 1.00 72.02  ? 143 GLU A CB  1 
ATOM   575  C CG  . GLU A 1 100 ? -9.675  -14.712 -11.467 1.00 77.04  ? 143 GLU A CG  1 
ATOM   576  C CD  . GLU A 1 100 ? -8.897  -14.801 -12.769 1.00 83.28  ? 143 GLU A CD  1 
ATOM   577  O OE1 . GLU A 1 100 ? -8.173  -13.834 -13.100 1.00 77.77  ? 143 GLU A OE1 1 
ATOM   578  O OE2 . GLU A 1 100 ? -9.010  -15.836 -13.463 1.00 82.79  ? 143 GLU A OE2 1 
ATOM   579  N N   . VAL A 1 101 ? -8.236  -12.249 -8.389  1.00 70.84  ? 144 VAL A N   1 
ATOM   580  C CA  . VAL A 1 101 ? -7.466  -11.250 -7.671  1.00 60.69  ? 144 VAL A CA  1 
ATOM   581  C C   . VAL A 1 101 ? -6.440  -10.610 -8.582  1.00 61.03  ? 144 VAL A C   1 
ATOM   582  O O   . VAL A 1 101 ? -5.448  -11.247 -8.929  1.00 61.62  ? 144 VAL A O   1 
ATOM   583  C CB  . VAL A 1 101 ? -6.739  -11.863 -6.468  1.00 62.66  ? 144 VAL A CB  1 
ATOM   584  C CG1 . VAL A 1 101 ? -6.316  -10.772 -5.496  1.00 63.39  ? 144 VAL A CG1 1 
ATOM   585  C CG2 . VAL A 1 101 ? -7.624  -12.881 -5.779  1.00 62.58  ? 144 VAL A CG2 1 
ATOM   586  N N   . THR A 1 102 ? -6.672  -9.355  -8.962  1.00 59.67  ? 145 THR A N   1 
ATOM   587  C CA  . THR A 1 102 ? -5.754  -8.646  -9.850  1.00 59.34  ? 145 THR A CA  1 
ATOM   588  C C   . THR A 1 102 ? -4.407  -8.411  -9.179  1.00 61.14  ? 145 THR A C   1 
ATOM   589  O O   . THR A 1 102 ? -4.309  -8.383  -7.952  1.00 59.84  ? 145 THR A O   1 
ATOM   590  C CB  . THR A 1 102 ? -6.322  -7.282  -10.305 1.00 62.66  ? 145 THR A CB  1 
ATOM   591  O OG1 . THR A 1 102 ? -6.182  -6.317  -9.255  1.00 62.52  ? 145 THR A OG1 1 
ATOM   592  C CG2 . THR A 1 102 ? -7.788  -7.409  -10.693 1.00 70.36  ? 145 THR A CG2 1 
ATOM   593  N N   . ASP A 1 103 ? -3.375  -8.231  -9.998  1.00 63.30  ? 146 ASP A N   1 
ATOM   594  C CA  . ASP A 1 103 ? -2.018  -8.023  -9.508  1.00 61.36  ? 146 ASP A CA  1 
ATOM   595  C C   . ASP A 1 103 ? -1.881  -6.778  -8.626  1.00 55.62  ? 146 ASP A C   1 
ATOM   596  O O   . ASP A 1 103 ? -1.103  -6.778  -7.676  1.00 55.22  ? 146 ASP A O   1 
ATOM   597  C CB  . ASP A 1 103 ? -1.049  -7.943  -10.688 1.00 61.62  ? 146 ASP A CB  1 
ATOM   598  C CG  . ASP A 1 103 ? -0.636  -9.314  -11.199 1.00 62.22  ? 146 ASP A CG  1 
ATOM   599  O OD1 . ASP A 1 103 ? -1.161  -10.329 -10.689 1.00 72.64  ? 146 ASP A OD1 1 
ATOM   600  O OD2 . ASP A 1 103 ? 0.215   -9.381  -12.115 1.00 67.03  ? 146 ASP A OD2 1 
ATOM   601  N N   . THR A 1 104 ? -2.644  -5.729  -8.923  1.00 56.22  ? 147 THR A N   1 
ATOM   602  C CA  . THR A 1 104 ? -2.591  -4.514  -8.109  1.00 60.34  ? 147 THR A CA  1 
ATOM   603  C C   . THR A 1 104 ? -3.255  -4.700  -6.750  1.00 55.82  ? 147 THR A C   1 
ATOM   604  O O   . THR A 1 104 ? -2.743  -4.229  -5.733  1.00 52.94  ? 147 THR A O   1 
ATOM   605  C CB  . THR A 1 104 ? -3.247  -3.314  -8.814  1.00 63.72  ? 147 THR A CB  1 
ATOM   606  O OG1 . THR A 1 104 ? -4.372  -3.759  -9.582  1.00 69.00  ? 147 THR A OG1 1 
ATOM   607  C CG2 . THR A 1 104 ? -2.244  -2.628  -9.728  1.00 56.13  ? 147 THR A CG2 1 
ATOM   608  N N   . GLU A 1 105 ? -4.395  -5.380  -6.728  1.00 59.78  ? 148 GLU A N   1 
ATOM   609  C CA  . GLU A 1 105 ? -5.035  -5.724  -5.461  1.00 60.54  ? 148 GLU A CA  1 
ATOM   610  C C   . GLU A 1 105 ? -4.087  -6.545  -4.607  1.00 51.14  ? 148 GLU A C   1 
ATOM   611  O O   . GLU A 1 105 ? -3.973  -6.354  -3.398  1.00 48.84  ? 148 GLU A O   1 
ATOM   612  C CB  . GLU A 1 105 ? -6.326  -6.503  -5.701  1.00 56.36  ? 148 GLU A CB  1 
ATOM   613  C CG  . GLU A 1 105 ? -7.402  -5.685  -6.369  1.00 62.34  ? 148 GLU A CG  1 
ATOM   614  C CD  . GLU A 1 105 ? -8.585  -6.517  -6.786  1.00 61.80  ? 148 GLU A CD  1 
ATOM   615  O OE1 . GLU A 1 105 ? -8.447  -7.757  -6.833  1.00 63.05  ? 148 GLU A OE1 1 
ATOM   616  O OE2 . GLU A 1 105 ? -9.649  -5.928  -7.067  1.00 68.16  ? 148 GLU A OE2 1 
ATOM   617  N N   . TRP A 1 106 ? -3.391  -7.453  -5.269  1.00 50.79  ? 149 TRP A N   1 
ATOM   618  C CA  . TRP A 1 106 ? -2.475  -8.361  -4.606  1.00 52.65  ? 149 TRP A CA  1 
ATOM   619  C C   . TRP A 1 106 ? -1.194  -7.647  -4.136  1.00 49.68  ? 149 TRP A C   1 
ATOM   620  O O   . TRP A 1 106 ? -0.693  -7.909  -3.043  1.00 44.51  ? 149 TRP A O   1 
ATOM   621  C CB  . TRP A 1 106 ? -2.160  -9.503  -5.557  1.00 47.10  ? 149 TRP A CB  1 
ATOM   622  C CG  . TRP A 1 106 ? -1.350  -10.565 -4.977  1.00 48.52  ? 149 TRP A CG  1 
ATOM   623  C CD1 . TRP A 1 106 ? -0.099  -10.914 -5.349  1.00 45.42  ? 149 TRP A CD1 1 
ATOM   624  C CD2 . TRP A 1 106 ? -1.723  -11.451 -3.914  1.00 51.58  ? 149 TRP A CD2 1 
ATOM   625  N NE1 . TRP A 1 106 ? 0.347   -11.968 -4.583  1.00 47.56  ? 149 TRP A NE1 1 
ATOM   626  C CE2 . TRP A 1 106 ? -0.633  -12.317 -3.699  1.00 51.97  ? 149 TRP A CE2 1 
ATOM   627  C CE3 . TRP A 1 106 ? -2.868  -11.599 -3.132  1.00 54.52  ? 149 TRP A CE3 1 
ATOM   628  C CZ2 . TRP A 1 106 ? -0.657  -13.313 -2.731  1.00 43.12  ? 149 TRP A CZ2 1 
ATOM   629  C CZ3 . TRP A 1 106 ? -2.885  -12.590 -2.166  1.00 49.73  ? 149 TRP A CZ3 1 
ATOM   630  C CH2 . TRP A 1 106 ? -1.785  -13.428 -1.975  1.00 45.48  ? 149 TRP A CH2 1 
ATOM   631  N N   . PHE A 1 107 ? -0.674  -6.734  -4.948  1.00 48.84  ? 150 PHE A N   1 
ATOM   632  C CA  . PHE A 1 107 ? 0.472   -5.939  -4.521  1.00 51.32  ? 150 PHE A CA  1 
ATOM   633  C C   . PHE A 1 107 ? 0.114   -5.123  -3.282  1.00 48.66  ? 150 PHE A C   1 
ATOM   634  O O   . PHE A 1 107 ? 0.861   -5.101  -2.305  1.00 44.29  ? 150 PHE A O   1 
ATOM   635  C CB  . PHE A 1 107 ? 0.946   -5.020  -5.640  1.00 52.39  ? 150 PHE A CB  1 
ATOM   636  C CG  . PHE A 1 107 ? 2.217   -4.284  -5.316  1.00 54.16  ? 150 PHE A CG  1 
ATOM   637  C CD1 . PHE A 1 107 ? 3.446   -4.927  -5.388  1.00 51.39  ? 150 PHE A CD1 1 
ATOM   638  C CD2 . PHE A 1 107 ? 2.184   -2.951  -4.939  1.00 51.29  ? 150 PHE A CD2 1 
ATOM   639  C CE1 . PHE A 1 107 ? 4.615   -4.256  -5.089  1.00 52.21  ? 150 PHE A CE1 1 
ATOM   640  C CE2 . PHE A 1 107 ? 3.351   -2.271  -4.641  1.00 50.32  ? 150 PHE A CE2 1 
ATOM   641  C CZ  . PHE A 1 107 ? 4.568   -2.925  -4.716  1.00 50.70  ? 150 PHE A CZ  1 
ATOM   642  N N   . PHE A 1 108 ? -1.042  -4.470  -3.325  1.00 46.75  ? 151 PHE A N   1 
ATOM   643  C CA  . PHE A 1 108 ? -1.554  -3.725  -2.181  1.00 46.88  ? 151 PHE A CA  1 
ATOM   644  C C   . PHE A 1 108 ? -1.554  -4.543  -0.890  1.00 46.72  ? 151 PHE A C   1 
ATOM   645  O O   . PHE A 1 108 ? -1.105  -4.072  0.156   1.00 43.41  ? 151 PHE A O   1 
ATOM   646  C CB  . PHE A 1 108 ? -2.973  -3.236  -2.467  1.00 50.73  ? 151 PHE A CB  1 
ATOM   647  C CG  . PHE A 1 108 ? -3.574  -2.438  -1.347  1.00 52.16  ? 151 PHE A CG  1 
ATOM   648  C CD1 . PHE A 1 108 ? -3.335  -1.080  -1.249  1.00 51.75  ? 151 PHE A CD1 1 
ATOM   649  C CD2 . PHE A 1 108 ? -4.378  -3.046  -0.394  1.00 48.62  ? 151 PHE A CD2 1 
ATOM   650  C CE1 . PHE A 1 108 ? -3.885  -0.338  -0.223  1.00 51.70  ? 151 PHE A CE1 1 
ATOM   651  C CE2 . PHE A 1 108 ? -4.926  -2.316  0.638   1.00 50.12  ? 151 PHE A CE2 1 
ATOM   652  C CZ  . PHE A 1 108 ? -4.680  -0.958  0.725   1.00 54.25  ? 151 PHE A CZ  1 
ATOM   653  N N   . LEU A 1 109 ? -2.067  -5.773  -0.978  1.00 44.77  ? 152 LEU A N   1 
ATOM   654  C CA  . LEU A 1 109 ? -2.240  -6.633  0.192   1.00 42.38  ? 152 LEU A CA  1 
ATOM   655  C C   . LEU A 1 109 ? -0.921  -7.125  0.759   1.00 43.77  ? 152 LEU A C   1 
ATOM   656  O O   . LEU A 1 109 ? -0.685  -7.037  1.965   1.00 42.62  ? 152 LEU A O   1 
ATOM   657  C CB  . LEU A 1 109 ? -3.120  -7.843  -0.148  1.00 50.93  ? 152 LEU A CB  1 
ATOM   658  C CG  . LEU A 1 109 ? -3.222  -8.922  0.940   1.00 46.47  ? 152 LEU A CG  1 
ATOM   659  C CD1 . LEU A 1 109 ? -3.833  -8.352  2.213   1.00 42.96  ? 152 LEU A CD1 1 
ATOM   660  C CD2 . LEU A 1 109 ? -4.012  -10.138 0.465   1.00 48.40  ? 152 LEU A CD2 1 
ATOM   661  N N   . VAL A 1 110 ? -0.064  -7.656  -0.107  1.00 47.06  ? 153 VAL A N   1 
ATOM   662  C CA  . VAL A 1 110 ? 1.238   -8.156  0.328   1.00 47.77  ? 153 VAL A CA  1 
ATOM   663  C C   . VAL A 1 110 ? 2.086   -7.018  0.931   1.00 46.94  ? 153 VAL A C   1 
ATOM   664  O O   . VAL A 1 110 ? 3.039   -7.278  1.674   1.00 47.39  ? 153 VAL A O   1 
ATOM   665  C CB  . VAL A 1 110 ? 1.992   -8.846  -0.849  1.00 48.33  ? 153 VAL A CB  1 
ATOM   666  C CG1 . VAL A 1 110 ? 3.293   -9.456  -0.391  1.00 48.34  ? 153 VAL A CG1 1 
ATOM   667  C CG2 . VAL A 1 110 ? 1.127   -9.927  -1.469  1.00 46.39  ? 153 VAL A CG2 1 
ATOM   668  N N   . SER A 1 111 ? 1.723   -5.763  0.651   1.00 41.64  ? 154 SER A N   1 
ATOM   669  C CA  . SER A 1 111 ? 2.456   -4.622  1.213   1.00 41.66  ? 154 SER A CA  1 
ATOM   670  C C   . SER A 1 111 ? 2.299   -4.533  2.723   1.00 42.24  ? 154 SER A C   1 
ATOM   671  O O   . SER A 1 111 ? 3.132   -3.933  3.401   1.00 44.01  ? 154 SER A O   1 
ATOM   672  C CB  . SER A 1 111 ? 2.010   -3.300  0.584   1.00 44.54  ? 154 SER A CB  1 
ATOM   673  O OG  . SER A 1 111 ? 2.454   -3.187  -0.757  1.00 43.59  ? 154 SER A OG  1 
ATOM   674  N N   . MET A 1 112 ? 1.239   -5.133  3.255   1.00 40.74  ? 155 MET A N   1 
ATOM   675  C CA  . MET A 1 112 ? 1.041   -5.167  4.704   1.00 40.21  ? 155 MET A CA  1 
ATOM   676  C C   . MET A 1 112 ? 2.162   -5.890  5.430   1.00 40.54  ? 155 MET A C   1 
ATOM   677  O O   . MET A 1 112 ? 2.321   -5.731  6.633   1.00 43.79  ? 155 MET A O   1 
ATOM   678  C CB  . MET A 1 112 ? -0.284  -5.843  5.057   1.00 38.40  ? 155 MET A CB  1 
ATOM   679  C CG  . MET A 1 112 ? -1.504  -5.023  4.742   1.00 41.39  ? 155 MET A CG  1 
ATOM   680  S SD  . MET A 1 112 ? -3.033  -5.769  5.335   1.00 50.01  ? 155 MET A SD  1 
ATOM   681  C CE  . MET A 1 112 ? -4.117  -5.091  4.095   1.00 50.27  ? 155 MET A CE  1 
ATOM   682  N N   . THR A 1 113 ? 2.922   -6.707  4.710   1.00 40.33  ? 156 THR A N   1 
ATOM   683  C CA  . THR A 1 113 ? 3.972   -7.497  5.338   1.00 46.27  ? 156 THR A CA  1 
ATOM   684  C C   . THR A 1 113 ? 5.268   -6.708  5.501   1.00 47.40  ? 156 THR A C   1 
ATOM   685  O O   . THR A 1 113 ? 6.159   -7.119  6.244   1.00 44.77  ? 156 THR A O   1 
ATOM   686  C CB  . THR A 1 113 ? 4.274   -8.768  4.526   1.00 50.18  ? 156 THR A CB  1 
ATOM   687  O OG1 . THR A 1 113 ? 4.756   -8.396  3.230   1.00 47.71  ? 156 THR A OG1 1 
ATOM   688  C CG2 . THR A 1 113 ? 3.025   -9.607  4.365   1.00 48.50  ? 156 THR A CG2 1 
ATOM   689  N N   . GLN A 1 114 ? 5.368   -5.573  4.815   1.00 44.34  ? 157 GLN A N   1 
ATOM   690  C CA  . GLN A 1 114 ? 6.640   -4.863  4.711   1.00 47.25  ? 157 GLN A CA  1 
ATOM   691  C C   . GLN A 1 114 ? 6.882   -3.809  5.790   1.00 43.59  ? 157 GLN A C   1 
ATOM   692  O O   . GLN A 1 114 ? 5.989   -3.040  6.132   1.00 46.52  ? 157 GLN A O   1 
ATOM   693  C CB  . GLN A 1 114 ? 6.744   -4.210  3.332   1.00 47.00  ? 157 GLN A CB  1 
ATOM   694  C CG  . GLN A 1 114 ? 7.245   -5.161  2.257   1.00 53.27  ? 157 GLN A CG  1 
ATOM   695  C CD  . GLN A 1 114 ? 7.074   -4.608  0.859   1.00 61.50  ? 157 GLN A CD  1 
ATOM   696  O OE1 . GLN A 1 114 ? 7.751   -3.652  0.451   1.00 40.52  ? 157 GLN A OE1 1 
ATOM   697  N NE2 . GLN A 1 114 ? 6.161   -5.222  0.099   1.00 72.10  ? 157 GLN A NE2 1 
ATOM   698  N N   . SER A 1 115 ? 8.100   -3.774  6.317   1.00 45.76  ? 158 SER A N   1 
ATOM   699  C CA  . SER A 1 115 ? 8.511   -2.679  7.181   1.00 49.98  ? 158 SER A CA  1 
ATOM   700  C C   . SER A 1 115 ? 9.845   -2.097  6.703   1.00 48.67  ? 158 SER A C   1 
ATOM   701  O O   . SER A 1 115 ? 10.582  -2.746  5.966   1.00 43.19  ? 158 SER A O   1 
ATOM   702  C CB  . SER A 1 115 ? 8.608   -3.140  8.632   1.00 44.76  ? 158 SER A CB  1 
ATOM   703  O OG  . SER A 1 115 ? 9.751   -3.948  8.822   1.00 55.10  ? 158 SER A OG  1 
ATOM   704  N N   . PHE A 1 116 ? 10.139  -0.865  7.117   1.00 46.97  ? 159 PHE A N   1 
ATOM   705  C CA  . PHE A 1 116 ? 11.319  -0.147  6.635   1.00 48.34  ? 159 PHE A CA  1 
ATOM   706  C C   . PHE A 1 116 ? 12.028  0.602   7.759   1.00 46.46  ? 159 PHE A C   1 
ATOM   707  O O   . PHE A 1 116 ? 11.463  1.532   8.339   1.00 45.86  ? 159 PHE A O   1 
ATOM   708  C CB  . PHE A 1 116 ? 10.936  0.852   5.535   1.00 47.16  ? 159 PHE A CB  1 
ATOM   709  C CG  . PHE A 1 116 ? 10.093  0.265   4.439   1.00 47.84  ? 159 PHE A CG  1 
ATOM   710  C CD1 . PHE A 1 116 ? 8.706   0.248   4.543   1.00 45.80  ? 159 PHE A CD1 1 
ATOM   711  C CD2 . PHE A 1 116 ? 10.686  -0.260  3.300   1.00 45.03  ? 159 PHE A CD2 1 
ATOM   712  C CE1 . PHE A 1 116 ? 7.924   -0.293  3.532   1.00 41.73  ? 159 PHE A CE1 1 
ATOM   713  C CE2 . PHE A 1 116 ? 9.912   -0.800  2.284   1.00 44.86  ? 159 PHE A CE2 1 
ATOM   714  C CZ  . PHE A 1 116 ? 8.525   -0.817  2.403   1.00 41.70  ? 159 PHE A CZ  1 
ATOM   715  N N   . VAL A 1 117 ? 13.253  0.195   8.074   1.00 43.62  ? 160 VAL A N   1 
ATOM   716  C CA  . VAL A 1 117 ? 14.080  0.960   8.998   1.00 50.43  ? 160 VAL A CA  1 
ATOM   717  C C   . VAL A 1 117 ? 14.297  2.354   8.401   1.00 46.70  ? 160 VAL A C   1 
ATOM   718  O O   . VAL A 1 117 ? 14.427  2.496   7.186   1.00 46.59  ? 160 VAL A O   1 
ATOM   719  C CB  . VAL A 1 117 ? 15.432  0.264   9.266   1.00 55.15  ? 160 VAL A CB  1 
ATOM   720  C CG1 . VAL A 1 117 ? 16.296  1.095   10.214  1.00 51.31  ? 160 VAL A CG1 1 
ATOM   721  C CG2 . VAL A 1 117 ? 15.205  -1.134  9.839   1.00 39.11  ? 160 VAL A CG2 1 
ATOM   722  N N   . ASN A 1 118 ? 14.288  3.378   9.249   1.00 49.27  ? 161 ASN A N   1 
ATOM   723  C CA  . ASN A 1 118 ? 14.456  4.765   8.808   1.00 45.19  ? 161 ASN A CA  1 
ATOM   724  C C   . ASN A 1 118 ? 15.620  4.916   7.847   1.00 44.49  ? 161 ASN A C   1 
ATOM   725  O O   . ASN A 1 118 ? 16.719  4.452   8.133   1.00 47.22  ? 161 ASN A O   1 
ATOM   726  C CB  . ASN A 1 118 ? 14.666  5.671   10.009  1.00 47.59  ? 161 ASN A CB  1 
ATOM   727  C CG  . ASN A 1 118 ? 14.198  7.089   9.763   1.00 47.26  ? 161 ASN A CG  1 
ATOM   728  O OD1 . ASN A 1 118 ? 13.956  7.495   8.627   1.00 49.66  ? 161 ASN A OD1 1 
ATOM   729  N ND2 . ASN A 1 118 ? 14.076  7.853   10.835  1.00 51.31  ? 161 ASN A ND2 1 
ATOM   730  N N   . GLY A 1 119 ? 15.370  5.529   6.693   1.00 43.62  ? 162 GLY A N   1 
ATOM   731  C CA  . GLY A 1 119 ? 16.405  5.675   5.679   1.00 45.40  ? 162 GLY A CA  1 
ATOM   732  C C   . GLY A 1 119 ? 16.419  4.587   4.618   1.00 46.39  ? 162 GLY A C   1 
ATOM   733  O O   . GLY A 1 119 ? 16.946  4.782   3.524   1.00 40.92  ? 162 GLY A O   1 
ATOM   734  N N   . VAL A 1 120 ? 15.824  3.442   4.936   1.00 51.88  ? 163 VAL A N   1 
ATOM   735  C CA  . VAL A 1 120 ? 15.858  2.279   4.054   1.00 48.72  ? 163 VAL A CA  1 
ATOM   736  C C   . VAL A 1 120 ? 14.648  2.224   3.135   1.00 45.32  ? 163 VAL A C   1 
ATOM   737  O O   . VAL A 1 120 ? 13.536  2.508   3.557   1.00 48.24  ? 163 VAL A O   1 
ATOM   738  C CB  . VAL A 1 120 ? 15.932  0.991   4.872   1.00 51.24  ? 163 VAL A CB  1 
ATOM   739  C CG1 . VAL A 1 120 ? 15.991  -0.231  3.960   1.00 45.59  ? 163 VAL A CG1 1 
ATOM   740  C CG2 . VAL A 1 120 ? 17.144  1.045   5.809   1.00 47.77  ? 163 VAL A CG2 1 
ATOM   741  N N   . GLY A 1 121 ? 14.872  1.877   1.871   1.00 46.62  ? 164 GLY A N   1 
ATOM   742  C CA  . GLY A 1 121 ? 13.779  1.684   0.930   1.00 49.70  ? 164 GLY A CA  1 
ATOM   743  C C   . GLY A 1 121 ? 13.072  2.977   0.576   1.00 52.74  ? 164 GLY A C   1 
ATOM   744  O O   . GLY A 1 121 ? 13.294  4.006   1.208   1.00 46.26  ? 164 GLY A O   1 
ATOM   745  N N   . LEU A 1 122 ? 12.217  2.928   -0.437  1.00 47.51  ? 165 LEU A N   1 
ATOM   746  C CA  . LEU A 1 122 ? 11.510  4.121   -0.882  1.00 53.16  ? 165 LEU A CA  1 
ATOM   747  C C   . LEU A 1 122 ? 10.783  4.842   0.260   1.00 53.08  ? 165 LEU A C   1 
ATOM   748  O O   . LEU A 1 122 ? 10.856  6.063   0.353   1.00 54.16  ? 165 LEU A O   1 
ATOM   749  C CB  . LEU A 1 122 ? 10.518  3.772   -1.993  1.00 59.74  ? 165 LEU A CB  1 
ATOM   750  C CG  . LEU A 1 122 ? 10.147  4.928   -2.923  1.00 61.51  ? 165 LEU A CG  1 
ATOM   751  C CD1 . LEU A 1 122 ? 11.387  5.429   -3.647  1.00 50.92  ? 165 LEU A CD1 1 
ATOM   752  C CD2 . LEU A 1 122 ? 9.075   4.500   -3.923  1.00 65.78  ? 165 LEU A CD2 1 
ATOM   753  N N   . PRO A 1 123 ? 10.092  4.098   1.143   1.00 52.51  ? 166 PRO A N   1 
ATOM   754  C CA  . PRO A 1 123 ? 9.438   4.890   2.191   1.00 51.31  ? 166 PRO A CA  1 
ATOM   755  C C   . PRO A 1 123 ? 10.417  5.447   3.211   1.00 46.96  ? 166 PRO A C   1 
ATOM   756  O O   . PRO A 1 123 ? 10.232  6.574   3.655   1.00 53.70  ? 166 PRO A O   1 
ATOM   757  C CB  . PRO A 1 123 ? 8.477   3.885   2.851   1.00 44.76  ? 166 PRO A CB  1 
ATOM   758  C CG  . PRO A 1 123 ? 8.337   2.772   1.865   1.00 47.97  ? 166 PRO A CG  1 
ATOM   759  C CD  . PRO A 1 123 ? 9.664   2.689   1.179   1.00 47.75  ? 166 PRO A CD  1 
ATOM   760  N N   . GLY A 1 124 ? 11.438  4.681   3.577   1.00 45.94  ? 167 GLY A N   1 
ATOM   761  C CA  . GLY A 1 124 ? 12.391  5.126   4.579   1.00 46.52  ? 167 GLY A CA  1 
ATOM   762  C C   . GLY A 1 124 ? 13.288  6.280   4.150   1.00 50.49  ? 167 GLY A C   1 
ATOM   763  O O   . GLY A 1 124 ? 13.731  7.069   4.988   1.00 44.56  ? 167 GLY A O   1 
ATOM   764  N N   . GLU A 1 125 ? 13.575  6.365   2.852   1.00 47.07  ? 168 GLU A N   1 
ATOM   765  C CA  . GLU A 1 125 ? 14.366  7.460   2.304   1.00 52.33  ? 168 GLU A CA  1 
ATOM   766  C C   . GLU A 1 125 ? 13.558  8.744   2.347   1.00 55.09  ? 168 GLU A C   1 
ATOM   767  O O   . GLU A 1 125 ? 14.068  9.799   2.727   1.00 53.55  ? 168 GLU A O   1 
ATOM   768  C CB  . GLU A 1 125 ? 14.792  7.176   0.861   1.00 49.75  ? 168 GLU A CB  1 
ATOM   769  C CG  . GLU A 1 125 ? 15.674  5.968   0.671   1.00 50.36  ? 168 GLU A CG  1 
ATOM   770  C CD  . GLU A 1 125 ? 16.161  5.848   -0.759  1.00 60.51  ? 168 GLU A CD  1 
ATOM   771  O OE1 . GLU A 1 125 ? 16.380  6.900   -1.407  1.00 65.19  ? 168 GLU A OE1 1 
ATOM   772  O OE2 . GLU A 1 125 ? 16.323  4.707   -1.239  1.00 61.89  ? 168 GLU A OE2 1 
ATOM   773  N N   . SER A 1 126 ? 12.294  8.640   1.944   1.00 50.53  ? 169 SER A N   1 
ATOM   774  C CA  . SER A 1 126 ? 11.389  9.779   1.955   1.00 50.55  ? 169 SER A CA  1 
ATOM   775  C C   . SER A 1 126 ? 11.265  10.397  3.346   1.00 53.19  ? 169 SER A C   1 
ATOM   776  O O   . SER A 1 126 ? 11.301  11.618  3.497   1.00 55.54  ? 169 SER A O   1 
ATOM   777  C CB  . SER A 1 126 ? 10.014  9.367   1.449   1.00 48.39  ? 169 SER A CB  1 
ATOM   778  O OG  . SER A 1 126 ? 9.054   10.374  1.713   1.00 51.35  ? 169 SER A OG  1 
ATOM   779  N N   . PHE A 1 127 ? 11.134  9.554   4.360   1.00 51.66  ? 170 PHE A N   1 
ATOM   780  C CA  . PHE A 1 127 ? 10.927  10.040  5.717   1.00 50.72  ? 170 PHE A CA  1 
ATOM   781  C C   . PHE A 1 127 ? 12.180  10.660  6.297   1.00 51.93  ? 170 PHE A C   1 
ATOM   782  O O   . PHE A 1 127 ? 12.149  11.776  6.817   1.00 57.79  ? 170 PHE A O   1 
ATOM   783  C CB  . PHE A 1 127 ? 10.465  8.913   6.633   1.00 46.74  ? 170 PHE A CB  1 
ATOM   784  C CG  . PHE A 1 127 ? 10.170  9.364   8.031   1.00 52.62  ? 170 PHE A CG  1 
ATOM   785  C CD1 . PHE A 1 127 ? 9.095   10.200  8.287   1.00 51.63  ? 170 PHE A CD1 1 
ATOM   786  C CD2 . PHE A 1 127 ? 10.965  8.957   9.089   1.00 56.65  ? 170 PHE A CD2 1 
ATOM   787  C CE1 . PHE A 1 127 ? 8.815   10.616  9.572   1.00 60.28  ? 170 PHE A CE1 1 
ATOM   788  C CE2 . PHE A 1 127 ? 10.690  9.371   10.380  1.00 60.52  ? 170 PHE A CE2 1 
ATOM   789  C CZ  . PHE A 1 127 ? 9.614   10.202  10.622  1.00 63.33  ? 170 PHE A CZ  1 
ATOM   790  N N   . LEU A 1 128 ? 13.280  9.923   6.208   1.00 49.91  ? 171 LEU A N   1 
ATOM   791  C CA  . LEU A 1 128 ? 14.540  10.354  6.790   1.00 55.45  ? 171 LEU A CA  1 
ATOM   792  C C   . LEU A 1 128 ? 14.962  11.705  6.235   1.00 51.97  ? 171 LEU A C   1 
ATOM   793  O O   . LEU A 1 128 ? 15.518  12.531  6.950   1.00 57.11  ? 171 LEU A O   1 
ATOM   794  C CB  . LEU A 1 128 ? 15.633  9.319   6.532   1.00 48.60  ? 171 LEU A CB  1 
ATOM   795  C CG  . LEU A 1 128 ? 16.924  9.613   7.296   1.00 47.54  ? 171 LEU A CG  1 
ATOM   796  C CD1 . LEU A 1 128 ? 16.627  9.716   8.777   1.00 47.35  ? 171 LEU A CD1 1 
ATOM   797  C CD2 . LEU A 1 128 ? 17.946  8.532   7.029   1.00 48.86  ? 171 LEU A CD2 1 
ATOM   798  N N   . ASN A 1 129 ? 14.669  11.925  4.958   1.00 50.04  ? 172 ASN A N   1 
ATOM   799  C CA  . ASN A 1 129 ? 15.083  13.134  4.267   1.00 49.50  ? 172 ASN A CA  1 
ATOM   800  C C   . ASN A 1 129 ? 13.940  14.127  4.044   1.00 52.69  ? 172 ASN A C   1 
ATOM   801  O O   . ASN A 1 129 ? 14.119  15.122  3.353   1.00 39.52  ? 172 ASN A O   1 
ATOM   802  C CB  . ASN A 1 129 ? 15.729  12.754  2.933   1.00 46.87  ? 172 ASN A CB  1 
ATOM   803  C CG  . ASN A 1 129 ? 17.055  12.035  3.119   1.00 54.42  ? 172 ASN A CG  1 
ATOM   804  O OD1 . ASN A 1 129 ? 18.112  12.669  3.174   1.00 56.02  ? 172 ASN A OD1 1 
ATOM   805  N ND2 . ASN A 1 129 ? 17.007  10.710  3.235   1.00 45.52  ? 172 ASN A ND2 1 
ATOM   806  N N   . SER A 1 130 ? 12.770  13.841  4.624   1.00 51.82  ? 173 SER A N   1 
ATOM   807  C CA  . SER A 1 130 ? 11.621  14.752  4.586   1.00 44.63  ? 173 SER A CA  1 
ATOM   808  C C   . SER A 1 130 ? 11.277  15.243  3.190   1.00 49.91  ? 173 SER A C   1 
ATOM   809  O O   . SER A 1 130 ? 10.834  16.381  3.015   1.00 53.41  ? 173 SER A O   1 
ATOM   810  C CB  . SER A 1 130 ? 11.870  15.971  5.482   1.00 50.71  ? 173 SER A CB  1 
ATOM   811  O OG  . SER A 1 130 ? 11.999  15.609  6.848   1.00 53.02  ? 173 SER A OG  1 
ATOM   812  N N   . ARG A 1 131 ? 11.483  14.400  2.187   1.00 48.04  ? 174 ARG A N   1 
ATOM   813  C CA  . ARG A 1 131 ? 11.197  14.818  0.825   1.00 47.75  ? 174 ARG A CA  1 
ATOM   814  C C   . ARG A 1 131 ? 10.271  13.866  0.073   1.00 51.00  ? 174 ARG A C   1 
ATOM   815  O O   . ARG A 1 131 ? 10.057  12.733  0.486   1.00 49.70  ? 174 ARG A O   1 
ATOM   816  C CB  . ARG A 1 131 ? 12.501  14.983  0.056   1.00 51.01  ? 174 ARG A CB  1 
ATOM   817  C CG  . ARG A 1 131 ? 13.189  13.689  -0.280  1.00 54.07  ? 174 ARG A CG  1 
ATOM   818  C CD  . ARG A 1 131 ? 14.474  13.965  -1.029  1.00 56.17  ? 174 ARG A CD  1 
ATOM   819  N NE  . ARG A 1 131 ? 15.111  12.740  -1.488  1.00 55.58  ? 174 ARG A NE  1 
ATOM   820  C CZ  . ARG A 1 131 ? 14.987  12.257  -2.718  1.00 57.65  ? 174 ARG A CZ  1 
ATOM   821  N NH1 . ARG A 1 131 ? 14.256  12.905  -3.614  1.00 57.87  ? 174 ARG A NH1 1 
ATOM   822  N NH2 . ARG A 1 131 ? 15.596  11.128  -3.055  1.00 51.17  ? 174 ARG A NH2 1 
ATOM   823  N N   . VAL A 1 132 ? 9.728   14.361  -1.035  1.00 54.27  ? 175 VAL A N   1 
ATOM   824  C CA  . VAL A 1 132 ? 8.866   13.609  -1.930  1.00 50.28  ? 175 VAL A CA  1 
ATOM   825  C C   . VAL A 1 132 ? 9.693   12.856  -2.966  1.00 53.26  ? 175 VAL A C   1 
ATOM   826  O O   . VAL A 1 132 ? 10.609  13.422  -3.561  1.00 51.37  ? 175 VAL A O   1 
ATOM   827  C CB  . VAL A 1 132 ? 7.880   14.554  -2.639  1.00 53.31  ? 175 VAL A CB  1 
ATOM   828  C CG1 . VAL A 1 132 ? 7.034   13.813  -3.663  1.00 53.74  ? 175 VAL A CG1 1 
ATOM   829  C CG2 . VAL A 1 132 ? 7.013   15.255  -1.613  1.00 57.89  ? 175 VAL A CG2 1 
ATOM   830  N N   . ILE A 1 133 ? 9.385   11.578  -3.176  1.00 51.43  ? 176 ILE A N   1 
ATOM   831  C CA  . ILE A 1 133 ? 10.091  10.803  -4.191  1.00 52.98  ? 176 ILE A CA  1 
ATOM   832  C C   . ILE A 1 133 ? 9.122   10.269  -5.241  1.00 55.18  ? 176 ILE A C   1 
ATOM   833  O O   . ILE A 1 133 ? 8.287   9.415   -4.957  1.00 52.97  ? 176 ILE A O   1 
ATOM   834  C CB  . ILE A 1 133 ? 10.876  9.636   -3.584  1.00 49.22  ? 176 ILE A CB  1 
ATOM   835  C CG1 . ILE A 1 133 ? 11.745  10.131  -2.427  1.00 49.42  ? 176 ILE A CG1 1 
ATOM   836  C CG2 . ILE A 1 133 ? 11.736  8.983   -4.651  1.00 51.69  ? 176 ILE A CG2 1 
ATOM   837  C CD1 . ILE A 1 133 ? 12.732  9.113   -1.914  1.00 50.92  ? 176 ILE A CD1 1 
ATOM   838  N N   . TRP A 1 134 ? 9.257   10.782  -6.458  1.00 56.31  ? 177 TRP A N   1 
ATOM   839  C CA  . TRP A 1 134 ? 8.294   10.540  -7.517  1.00 52.07  ? 177 TRP A CA  1 
ATOM   840  C C   . TRP A 1 134 ? 8.910   9.748   -8.652  1.00 58.43  ? 177 TRP A C   1 
ATOM   841  O O   . TRP A 1 134 ? 9.759   10.254  -9.380  1.00 57.99  ? 177 TRP A O   1 
ATOM   842  C CB  . TRP A 1 134 ? 7.758   11.865  -8.049  1.00 59.46  ? 177 TRP A CB  1 
ATOM   843  C CG  . TRP A 1 134 ? 6.428   11.758  -8.719  1.00 63.58  ? 177 TRP A CG  1 
ATOM   844  C CD1 . TRP A 1 134 ? 6.127   11.047  -9.848  1.00 63.20  ? 177 TRP A CD1 1 
ATOM   845  C CD2 . TRP A 1 134 ? 5.214   12.397  -8.312  1.00 60.88  ? 177 TRP A CD2 1 
ATOM   846  N NE1 . TRP A 1 134 ? 4.796   11.199  -10.160 1.00 62.60  ? 177 TRP A NE1 1 
ATOM   847  C CE2 . TRP A 1 134 ? 4.214   12.026  -9.233  1.00 61.71  ? 177 TRP A CE2 1 
ATOM   848  C CE3 . TRP A 1 134 ? 4.873   13.249  -7.254  1.00 62.22  ? 177 TRP A CE3 1 
ATOM   849  C CZ2 . TRP A 1 134 ? 2.901   12.472  -9.128  1.00 65.55  ? 177 TRP A CZ2 1 
ATOM   850  C CZ3 . TRP A 1 134 ? 3.569   13.692  -7.152  1.00 65.11  ? 177 TRP A CZ3 1 
ATOM   851  C CH2 . TRP A 1 134 ? 2.599   13.305  -8.084  1.00 68.99  ? 177 TRP A CH2 1 
ATOM   852  N N   . LEU A 1 135 ? 8.480   8.502   -8.800  1.00 56.58  ? 178 LEU A N   1 
ATOM   853  C CA  . LEU A 1 135 ? 8.922   7.671   -9.908  1.00 60.17  ? 178 LEU A CA  1 
ATOM   854  C C   . LEU A 1 135 ? 7.799   7.576   -10.933 1.00 64.15  ? 178 LEU A C   1 
ATOM   855  O O   . LEU A 1 135 ? 6.764   6.959   -10.678 1.00 66.01  ? 178 LEU A O   1 
ATOM   856  C CB  . LEU A 1 135 ? 9.338   6.284   -9.415  1.00 61.06  ? 178 LEU A CB  1 
ATOM   857  C CG  . LEU A 1 135 ? 10.415  6.277   -8.322  1.00 62.63  ? 178 LEU A CG  1 
ATOM   858  C CD1 . LEU A 1 135 ? 10.689  4.863   -7.860  1.00 52.32  ? 178 LEU A CD1 1 
ATOM   859  C CD2 . LEU A 1 135 ? 11.701  6.948   -8.801  1.00 53.50  ? 178 LEU A CD2 1 
ATOM   860  N N   . SER A 1 136 ? 8.004   8.206   -12.084 1.00 68.61  ? 179 SER A N   1 
ATOM   861  C CA  . SER A 1 136 ? 6.962   8.310   -13.100 1.00 69.32  ? 179 SER A CA  1 
ATOM   862  C C   . SER A 1 136 ? 7.341   7.511   -14.341 1.00 70.93  ? 179 SER A C   1 
ATOM   863  O O   . SER A 1 136 ? 8.375   7.763   -14.959 1.00 69.98  ? 179 SER A O   1 
ATOM   864  C CB  . SER A 1 136 ? 6.716   9.779   -13.458 1.00 70.29  ? 179 SER A CB  1 
ATOM   865  O OG  . SER A 1 136 ? 5.482   9.944   -14.136 1.00 77.22  ? 179 SER A OG  1 
ATOM   866  N N   . GLY A 1 137 ? 6.504   6.540   -14.697 1.00 68.10  ? 180 GLY A N   1 
ATOM   867  C CA  . GLY A 1 137 ? 6.778   5.673   -15.826 1.00 62.83  ? 180 GLY A CA  1 
ATOM   868  C C   . GLY A 1 137 ? 7.488   4.394   -15.420 1.00 65.10  ? 180 GLY A C   1 
ATOM   869  O O   . GLY A 1 137 ? 8.208   4.362   -14.422 1.00 67.85  ? 180 GLY A O   1 
ATOM   870  N N   . SER A 1 138 ? 7.296   3.342   -16.210 1.00 64.33  ? 181 SER A N   1 
ATOM   871  C CA  . SER A 1 138 ? 7.861   2.032   -15.902 1.00 67.72  ? 181 SER A CA  1 
ATOM   872  C C   . SER A 1 138 ? 9.385   2.056   -15.897 1.00 70.50  ? 181 SER A C   1 
ATOM   873  O O   . SER A 1 138 ? 10.023  1.212   -15.263 1.00 67.86  ? 181 SER A O   1 
ATOM   874  C CB  . SER A 1 138 ? 7.359   0.994   -16.902 1.00 72.21  ? 181 SER A CB  1 
ATOM   875  O OG  . SER A 1 138 ? 5.957   1.107   -17.071 1.00 79.17  ? 181 SER A OG  1 
ATOM   876  N N   . GLY A 1 139 ? 9.960   3.024   -16.606 1.00 70.18  ? 182 GLY A N   1 
ATOM   877  C CA  . GLY A 1 139 ? 11.401  3.195   -16.634 1.00 62.50  ? 182 GLY A CA  1 
ATOM   878  C C   . GLY A 1 139 ? 11.915  3.621   -15.275 1.00 66.18  ? 182 GLY A C   1 
ATOM   879  O O   . GLY A 1 139 ? 12.838  3.016   -14.726 1.00 67.34  ? 182 GLY A O   1 
ATOM   880  N N   . ALA A 1 140 ? 11.296  4.664   -14.734 1.00 62.12  ? 183 ALA A N   1 
ATOM   881  C CA  . ALA A 1 140 ? 11.616  5.184   -13.413 1.00 56.88  ? 183 ALA A CA  1 
ATOM   882  C C   . ALA A 1 140 ? 11.595  4.105   -12.336 1.00 63.01  ? 183 ALA A C   1 
ATOM   883  O O   . ALA A 1 140 ? 12.524  4.004   -11.534 1.00 65.57  ? 183 ALA A O   1 
ATOM   884  C CB  . ALA A 1 140 ? 10.646  6.303   -13.051 1.00 62.87  ? 183 ALA A CB  1 
ATOM   885  N N   . LEU A 1 141 ? 10.534  3.301   -12.328 1.00 60.08  ? 184 LEU A N   1 
ATOM   886  C CA  . LEU A 1 141 ? 10.344  2.273   -11.306 1.00 61.84  ? 184 LEU A CA  1 
ATOM   887  C C   . LEU A 1 141 ? 11.472  1.245   -11.306 1.00 64.56  ? 184 LEU A C   1 
ATOM   888  O O   . LEU A 1 141 ? 12.138  1.035   -10.289 1.00 63.75  ? 184 LEU A O   1 
ATOM   889  C CB  . LEU A 1 141 ? 9.001   1.564   -11.506 1.00 60.89  ? 184 LEU A CB  1 
ATOM   890  C CG  . LEU A 1 141 ? 7.742   2.434   -11.466 1.00 66.25  ? 184 LEU A CG  1 
ATOM   891  C CD1 . LEU A 1 141 ? 6.522   1.583   -11.743 1.00 64.97  ? 184 LEU A CD1 1 
ATOM   892  C CD2 . LEU A 1 141 ? 7.599   3.149   -10.131 1.00 58.87  ? 184 LEU A CD2 1 
ATOM   893  N N   . THR A 1 142 ? 11.677  0.599   -12.445 1.00 64.92  ? 185 THR A N   1 
ATOM   894  C CA  . THR A 1 142 ? 12.723  -0.406  -12.562 1.00 60.22  ? 185 THR A CA  1 
ATOM   895  C C   . THR A 1 142 ? 14.115  0.226   -12.537 1.00 64.34  ? 185 THR A C   1 
ATOM   896  O O   . THR A 1 142 ? 15.078  -0.386  -12.077 1.00 65.21  ? 185 THR A O   1 
ATOM   897  C CB  . THR A 1 142 ? 12.559  -1.226  -13.849 1.00 63.30  ? 185 THR A CB  1 
ATOM   898  O OG1 . THR A 1 142 ? 12.354  -0.334  -14.952 1.00 74.86  ? 185 THR A OG1 1 
ATOM   899  C CG2 . THR A 1 142 ? 11.359  -2.150  -13.744 1.00 66.83  ? 185 THR A CG2 1 
ATOM   900  N N   . GLY A 1 143 ? 14.217  1.457   -13.025 1.00 63.67  ? 186 GLY A N   1 
ATOM   901  C CA  . GLY A 1 143 ? 15.506  2.120   -13.120 1.00 67.36  ? 186 GLY A CA  1 
ATOM   902  C C   . GLY A 1 143 ? 15.989  2.730   -11.819 1.00 62.97  ? 186 GLY A C   1 
ATOM   903  O O   . GLY A 1 143 ? 17.090  3.272   -11.752 1.00 67.43  ? 186 GLY A O   1 
ATOM   904  N N   . SER A 1 144 ? 15.168  2.629   -10.779 1.00 62.14  ? 187 SER A N   1 
ATOM   905  C CA  . SER A 1 144 ? 15.454  3.277   -9.506  1.00 58.99  ? 187 SER A CA  1 
ATOM   906  C C   . SER A 1 144 ? 16.388  2.465   -8.611  1.00 57.81  ? 187 SER A C   1 
ATOM   907  O O   . SER A 1 144 ? 17.135  3.023   -7.814  1.00 59.39  ? 187 SER A O   1 
ATOM   908  C CB  . SER A 1 144 ? 14.155  3.544   -8.757  1.00 59.21  ? 187 SER A CB  1 
ATOM   909  O OG  . SER A 1 144 ? 13.670  2.338   -8.194  1.00 62.26  ? 187 SER A OG  1 
ATOM   910  N N   . GLY A 1 145 ? 16.331  1.146   -8.727  1.00 57.32  ? 188 GLY A N   1 
ATOM   911  C CA  . GLY A 1 145 ? 17.138  0.287   -7.881  1.00 56.33  ? 188 GLY A CA  1 
ATOM   912  C C   . GLY A 1 145 ? 16.494  0.041   -6.531  1.00 60.78  ? 188 GLY A C   1 
ATOM   913  O O   . GLY A 1 145 ? 17.095  -0.573  -5.648  1.00 62.20  ? 188 GLY A O   1 
ATOM   914  N N   . CYS A 1 146 ? 15.274  0.544   -6.362  1.00 59.88  ? 189 CYS A N   1 
ATOM   915  C CA  . CYS A 1 146 ? 14.475  0.231   -5.183  1.00 58.24  ? 189 CYS A CA  1 
ATOM   916  C C   . CYS A 1 146 ? 13.663  -1.020  -5.483  1.00 57.46  ? 189 CYS A C   1 
ATOM   917  O O   . CYS A 1 146 ? 12.923  -1.069  -6.469  1.00 54.27  ? 189 CYS A O   1 
ATOM   918  C CB  . CYS A 1 146 ? 13.557  1.397   -4.806  1.00 55.54  ? 189 CYS A CB  1 
ATOM   919  S SG  . CYS A 1 146 ? 14.419  2.979   -4.547  1.00 79.37  ? 189 CYS A SG  1 
ATOM   920  N N   . GLU A 1 147 ? 13.807  -2.035  -4.641  1.00 61.25  ? 190 GLU A N   1 
ATOM   921  C CA  . GLU A 1 147 ? 13.163  -3.308  -4.907  1.00 57.59  ? 190 GLU A CA  1 
ATOM   922  C C   . GLU A 1 147 ? 11.648  -3.162  -4.857  1.00 58.34  ? 190 GLU A C   1 
ATOM   923  O O   . GLU A 1 147 ? 10.941  -3.789  -5.646  1.00 60.37  ? 190 GLU A O   1 
ATOM   924  C CB  . GLU A 1 147 ? 13.647  -4.384  -3.931  1.00 59.31  ? 190 GLU A CB  1 
ATOM   925  C CG  . GLU A 1 147 ? 13.077  -4.308  -2.531  1.00 71.96  ? 190 GLU A CG  1 
ATOM   926  C CD  . GLU A 1 147 ? 13.437  -5.527  -1.702  1.00 87.40  ? 190 GLU A CD  1 
ATOM   927  O OE1 . GLU A 1 147 ? 12.734  -5.801  -0.702  1.00 87.45  ? 190 GLU A OE1 1 
ATOM   928  O OE2 . GLU A 1 147 ? 14.425  -6.211  -2.054  1.00 91.82  ? 190 GLU A OE2 1 
ATOM   929  N N   . ARG A 1 148 ? 11.151  -2.308  -3.967  1.00 46.03  ? 191 ARG A N   1 
ATOM   930  C CA  . ARG A 1 148 ? 9.712   -2.124  -3.843  1.00 51.46  ? 191 ARG A CA  1 
ATOM   931  C C   . ARG A 1 148 ? 9.143   -1.485  -5.112  1.00 58.71  ? 191 ARG A C   1 
ATOM   932  O O   . ARG A 1 148 ? 8.053   -1.839  -5.563  1.00 54.61  ? 191 ARG A O   1 
ATOM   933  C CB  . ARG A 1 148 ? 9.379   -1.291  -2.602  1.00 46.99  ? 191 ARG A CB  1 
ATOM   934  C CG  . ARG A 1 148 ? 7.986   -0.700  -2.615  1.00 47.51  ? 191 ARG A CG  1 
ATOM   935  C CD  . ARG A 1 148 ? 7.485   -0.304  -1.236  1.00 44.44  ? 191 ARG A CD  1 
ATOM   936  N NE  . ARG A 1 148 ? 6.042   -0.102  -1.290  1.00 41.19  ? 191 ARG A NE  1 
ATOM   937  C CZ  . ARG A 1 148 ? 5.150   -1.076  -1.146  1.00 44.28  ? 191 ARG A CZ  1 
ATOM   938  N NH1 . ARG A 1 148 ? 5.555   -2.319  -0.905  1.00 37.97  ? 191 ARG A NH1 1 
ATOM   939  N NH2 . ARG A 1 148 ? 3.857   -0.802  -1.235  1.00 44.77  ? 191 ARG A NH2 1 
ATOM   940  N N   . ALA A 1 149 ? 9.894   -0.562  -5.706  1.00 56.52  ? 192 ALA A N   1 
ATOM   941  C CA  . ALA A 1 149 ? 9.486   0.049   -6.968  1.00 56.37  ? 192 ALA A CA  1 
ATOM   942  C C   . ALA A 1 149 ? 9.541   -0.960  -8.114  1.00 56.77  ? 192 ALA A C   1 
ATOM   943  O O   . ALA A 1 149 ? 8.724   -0.915  -9.031  1.00 60.83  ? 192 ALA A O   1 
ATOM   944  C CB  . ALA A 1 149 ? 10.362  1.251   -7.287  1.00 55.59  ? 192 ALA A CB  1 
ATOM   945  N N   . GLY A 1 150 ? 10.514  -1.863  -8.062  1.00 54.48  ? 193 GLY A N   1 
ATOM   946  C CA  . GLY A 1 150 ? 10.695  -2.843  -9.115  1.00 56.18  ? 193 GLY A CA  1 
ATOM   947  C C   . GLY A 1 150 ? 9.547   -3.829  -9.137  1.00 62.38  ? 193 GLY A C   1 
ATOM   948  O O   . GLY A 1 150 ? 8.929   -4.068  -10.178 1.00 59.19  ? 193 GLY A O   1 
ATOM   949  N N   . GLN A 1 151 ? 9.263   -4.396  -7.969  1.00 61.85  ? 194 GLN A N   1 
ATOM   950  C CA  . GLN A 1 151 ? 8.132   -5.298  -7.793  1.00 62.43  ? 194 GLN A CA  1 
ATOM   951  C C   . GLN A 1 151 ? 6.832   -4.623  -8.200  1.00 58.13  ? 194 GLN A C   1 
ATOM   952  O O   . GLN A 1 151 ? 5.961   -5.246  -8.804  1.00 60.47  ? 194 GLN A O   1 
ATOM   953  C CB  . GLN A 1 151 ? 8.057   -5.772  -6.341  1.00 58.01  ? 194 GLN A CB  1 
ATOM   954  C CG  . GLN A 1 151 ? 9.251   -6.603  -5.934  1.00 57.06  ? 194 GLN A CG  1 
ATOM   955  C CD  . GLN A 1 151 ? 9.484   -7.743  -6.901  1.00 70.36  ? 194 GLN A CD  1 
ATOM   956  O OE1 . GLN A 1 151 ? 8.593   -8.553  -7.137  1.00 64.71  ? 194 GLN A OE1 1 
ATOM   957  N NE2 . GLN A 1 151 ? 10.674  -7.797  -7.485  1.00 71.39  ? 194 GLN A NE2 1 
ATOM   958  N N   . GLY A 1 152 ? 6.712   -3.343  -7.876  1.00 52.32  ? 195 GLY A N   1 
ATOM   959  C CA  . GLY A 1 152 ? 5.545   -2.573  -8.250  1.00 51.89  ? 195 GLY A CA  1 
ATOM   960  C C   . GLY A 1 152 ? 5.350   -2.549  -9.752  1.00 60.20  ? 195 GLY A C   1 
ATOM   961  O O   . GLY A 1 152 ? 4.225   -2.639  -10.234 1.00 61.77  ? 195 GLY A O   1 
ATOM   962  N N   . GLN A 1 153 ? 6.446   -2.431  -10.497 1.00 60.66  ? 196 GLN A N   1 
ATOM   963  C CA  . GLN A 1 153 ? 6.365   -2.434  -11.952 1.00 60.91  ? 196 GLN A CA  1 
ATOM   964  C C   . GLN A 1 153 ? 5.888   -3.805  -12.435 1.00 63.29  ? 196 GLN A C   1 
ATOM   965  O O   . GLN A 1 153 ? 4.985   -3.902  -13.273 1.00 58.58  ? 196 GLN A O   1 
ATOM   966  C CB  . GLN A 1 153 ? 7.713   -2.073  -12.574 1.00 58.33  ? 196 GLN A CB  1 
ATOM   967  C CG  . GLN A 1 153 ? 7.698   -1.961  -14.093 1.00 59.93  ? 196 GLN A CG  1 
ATOM   968  C CD  . GLN A 1 153 ? 7.981   -3.281  -14.778 1.00 56.15  ? 196 GLN A CD  1 
ATOM   969  O OE1 . GLN A 1 153 ? 8.721   -4.112  -14.257 1.00 59.72  ? 196 GLN A OE1 1 
ATOM   970  N NE2 . GLN A 1 153 ? 7.387   -3.484  -15.949 1.00 62.50  ? 196 GLN A NE2 1 
ATOM   971  N N   . ILE A 1 154 ? 6.498   -4.854  -11.888 1.00 62.43  ? 197 ILE A N   1 
ATOM   972  C CA  . ILE A 1 154 ? 6.106   -6.233  -12.151 1.00 57.61  ? 197 ILE A CA  1 
ATOM   973  C C   . ILE A 1 154 ? 4.601   -6.453  -11.992 1.00 61.25  ? 197 ILE A C   1 
ATOM   974  O O   . ILE A 1 154 ? 3.986   -7.159  -12.783 1.00 65.80  ? 197 ILE A O   1 
ATOM   975  C CB  . ILE A 1 154 ? 6.840   -7.208  -11.208 1.00 61.28  ? 197 ILE A CB  1 
ATOM   976  C CG1 . ILE A 1 154 ? 8.353   -7.066  -11.362 1.00 58.96  ? 197 ILE A CG1 1 
ATOM   977  C CG2 . ILE A 1 154 ? 6.396   -8.647  -11.459 1.00 57.45  ? 197 ILE A CG2 1 
ATOM   978  C CD1 . ILE A 1 154 ? 8.831   -7.283  -12.768 1.00 59.92  ? 197 ILE A CD1 1 
ATOM   979  N N   . TYR A 1 155 ? 4.011   -5.834  -10.974 1.00 61.71  ? 198 TYR A N   1 
ATOM   980  C CA  . TYR A 1 155 ? 2.613   -6.084  -10.644 1.00 60.93  ? 198 TYR A CA  1 
ATOM   981  C C   . TYR A 1 155 ? 1.671   -5.003  -11.151 1.00 62.44  ? 198 TYR A C   1 
ATOM   982  O O   . TYR A 1 155 ? 0.603   -4.774  -10.579 1.00 62.42  ? 198 TYR A O   1 
ATOM   983  C CB  . TYR A 1 155 ? 2.461   -6.270  -9.130  1.00 56.03  ? 198 TYR A CB  1 
ATOM   984  C CG  . TYR A 1 155 ? 2.977   -7.623  -8.710  1.00 62.02  ? 198 TYR A CG  1 
ATOM   985  C CD1 . TYR A 1 155 ? 4.323   -7.818  -8.448  1.00 55.94  ? 198 TYR A CD1 1 
ATOM   986  C CD2 . TYR A 1 155 ? 2.128   -8.724  -8.641  1.00 56.14  ? 198 TYR A CD2 1 
ATOM   987  C CE1 . TYR A 1 155 ? 4.801   -9.052  -8.107  1.00 63.30  ? 198 TYR A CE1 1 
ATOM   988  C CE2 . TYR A 1 155 ? 2.605   -9.967  -8.289  1.00 55.30  ? 198 TYR A CE2 1 
ATOM   989  C CZ  . TYR A 1 155 ? 3.941   -10.129 -8.021  1.00 64.11  ? 198 TYR A CZ  1 
ATOM   990  O OH  . TYR A 1 155 ? 4.410   -11.377 -7.680  1.00 73.06  ? 198 TYR A OH  1 
ATOM   991  N N   . GLY A 1 156 ? 2.072   -4.345  -12.235 1.00 60.99  ? 199 GLY A N   1 
ATOM   992  C CA  . GLY A 1 156 ? 1.170   -3.478  -12.971 1.00 63.60  ? 199 GLY A CA  1 
ATOM   993  C C   . GLY A 1 156 ? 1.241   -1.986  -12.703 1.00 58.97  ? 199 GLY A C   1 
ATOM   994  O O   . GLY A 1 156 ? 0.602   -1.207  -13.404 1.00 61.38  ? 199 GLY A O   1 
ATOM   995  N N   . LEU A 1 157 ? 2.000   -1.576  -11.694 1.00 62.35  ? 200 LEU A N   1 
ATOM   996  C CA  . LEU A 1 157 ? 2.113   -0.156  -11.389 1.00 62.37  ? 200 LEU A CA  1 
ATOM   997  C C   . LEU A 1 157 ? 3.003   0.570   -12.396 1.00 62.09  ? 200 LEU A C   1 
ATOM   998  O O   . LEU A 1 157 ? 3.980   0.016   -12.900 1.00 65.13  ? 200 LEU A O   1 
ATOM   999  C CB  . LEU A 1 157 ? 2.640   0.048   -9.970  1.00 61.52  ? 200 LEU A CB  1 
ATOM   1000 C CG  . LEU A 1 157 ? 1.687   -0.452  -8.881  1.00 59.72  ? 200 LEU A CG  1 
ATOM   1001 C CD1 . LEU A 1 157 ? 2.191   -0.074  -7.497  1.00 58.52  ? 200 LEU A CD1 1 
ATOM   1002 C CD2 . LEU A 1 157 ? 0.292   0.089   -9.111  1.00 60.13  ? 200 LEU A CD2 1 
ATOM   1003 N N   . LYS A 1 158 ? 2.641   1.813   -12.691 1.00 65.21  ? 201 LYS A N   1 
ATOM   1004 C CA  . LYS A 1 158 ? 3.412   2.647   -13.602 1.00 71.98  ? 201 LYS A CA  1 
ATOM   1005 C C   . LYS A 1 158 ? 4.005   3.843   -12.858 1.00 72.50  ? 201 LYS A C   1 
ATOM   1006 O O   . LYS A 1 158 ? 4.995   4.437   -13.289 1.00 72.04  ? 201 LYS A O   1 
ATOM   1007 C CB  . LYS A 1 158 ? 2.534   3.122   -14.764 1.00 74.64  ? 201 LYS A CB  1 
ATOM   1008 N N   . THR A 1 159 ? 3.397   4.182   -11.728 1.00 68.51  ? 202 THR A N   1 
ATOM   1009 C CA  . THR A 1 159 ? 3.798   5.351   -10.966 1.00 63.31  ? 202 THR A CA  1 
ATOM   1010 C C   . THR A 1 159 ? 3.819   5.041   -9.475  1.00 65.78  ? 202 THR A C   1 
ATOM   1011 O O   . THR A 1 159 ? 2.875   4.459   -8.946  1.00 66.14  ? 202 THR A O   1 
ATOM   1012 C CB  . THR A 1 159 ? 2.849   6.535   -11.234 1.00 65.24  ? 202 THR A CB  1 
ATOM   1013 O OG1 . THR A 1 159 ? 2.904   6.874   -12.624 1.00 72.97  ? 202 THR A OG1 1 
ATOM   1014 C CG2 . THR A 1 159 ? 3.239   7.750   -10.407 1.00 63.12  ? 202 THR A CG2 1 
ATOM   1015 N N   . MET A 1 160 ? 4.903   5.420   -8.805  1.00 66.25  ? 203 MET A N   1 
ATOM   1016 C CA  . MET A 1 160 ? 4.993   5.267   -7.359  1.00 60.12  ? 203 MET A CA  1 
ATOM   1017 C C   . MET A 1 160 ? 5.502   6.556   -6.731  1.00 56.56  ? 203 MET A C   1 
ATOM   1018 O O   . MET A 1 160 ? 6.482   7.132   -7.187  1.00 57.46  ? 203 MET A O   1 
ATOM   1019 C CB  . MET A 1 160 ? 5.901   4.091   -6.990  1.00 59.77  ? 203 MET A CB  1 
ATOM   1020 C CG  . MET A 1 160 ? 5.852   3.714   -5.516  1.00 62.13  ? 203 MET A CG  1 
ATOM   1021 S SD  . MET A 1 160 ? 6.467   2.046   -5.168  1.00 80.17  ? 203 MET A SD  1 
ATOM   1022 C CE  . MET A 1 160 ? 5.444   1.053   -6.252  1.00 53.87  ? 203 MET A CE  1 
ATOM   1023 N N   . VAL A 1 161 ? 4.813   7.012   -5.690  1.00 53.95  ? 204 VAL A N   1 
ATOM   1024 C CA  . VAL A 1 161 ? 5.170   8.245   -5.002  1.00 51.17  ? 204 VAL A CA  1 
ATOM   1025 C C   . VAL A 1 161 ? 5.191   8.054   -3.498  1.00 50.36  ? 204 VAL A C   1 
ATOM   1026 O O   . VAL A 1 161 ? 4.250   7.510   -2.938  1.00 54.54  ? 204 VAL A O   1 
ATOM   1027 C CB  . VAL A 1 161 ? 4.177   9.384   -5.307  1.00 54.37  ? 204 VAL A CB  1 
ATOM   1028 C CG1 . VAL A 1 161 ? 4.680   10.688  -4.709  1.00 57.61  ? 204 VAL A CG1 1 
ATOM   1029 C CG2 . VAL A 1 161 ? 3.958   9.523   -6.798  1.00 60.07  ? 204 VAL A CG2 1 
ATOM   1030 N N   . CYS A 1 162 ? 6.253   8.514   -2.846  1.00 54.47  ? 205 CYS A N   1 
ATOM   1031 C CA  . CYS A 1 162 ? 6.294   8.546   -1.388  1.00 50.38  ? 205 CYS A CA  1 
ATOM   1032 C C   . CYS A 1 162 ? 6.390   9.978   -0.884  1.00 53.54  ? 205 CYS A C   1 
ATOM   1033 O O   . CYS A 1 162 ? 7.269   10.739  -1.290  1.00 56.21  ? 205 CYS A O   1 
ATOM   1034 C CB  . CYS A 1 162 ? 7.463   7.718   -0.857  1.00 51.55  ? 205 CYS A CB  1 
ATOM   1035 S SG  . CYS A 1 162 ? 7.179   5.932   -0.942  1.00 50.57  ? 205 CYS A SG  1 
ATOM   1036 N N   . ILE A 1 163 ? 5.473   10.347  0.001   1.00 53.77  ? 206 ILE A N   1 
ATOM   1037 C CA  . ILE A 1 163 ? 5.443   11.699  0.527   1.00 51.58  ? 206 ILE A CA  1 
ATOM   1038 C C   . ILE A 1 163 ? 5.504   11.664  2.042   1.00 52.70  ? 206 ILE A C   1 
ATOM   1039 O O   . ILE A 1 163 ? 4.612   11.128  2.697   1.00 55.34  ? 206 ILE A O   1 
ATOM   1040 C CB  . ILE A 1 163 ? 4.184   12.458  0.063   1.00 60.55  ? 206 ILE A CB  1 
ATOM   1041 C CG1 . ILE A 1 163 ? 4.201   12.624  -1.461  1.00 62.12  ? 206 ILE A CG1 1 
ATOM   1042 C CG2 . ILE A 1 163 ? 4.106   13.826  0.730   1.00 54.27  ? 206 ILE A CG2 1 
ATOM   1043 C CD1 . ILE A 1 163 ? 2.914   13.174  -2.039  1.00 68.50  ? 206 ILE A CD1 1 
ATOM   1044 N N   . ALA A 1 164 ? 6.567   12.236  2.595   1.00 52.63  ? 207 ALA A N   1 
ATOM   1045 C CA  . ALA A 1 164 ? 6.765   12.237  4.038   1.00 53.53  ? 207 ALA A CA  1 
ATOM   1046 C C   . ALA A 1 164 ? 5.814   13.201  4.739   1.00 57.46  ? 207 ALA A C   1 
ATOM   1047 O O   . ALA A 1 164 ? 5.599   14.326  4.285   1.00 63.56  ? 207 ALA A O   1 
ATOM   1048 C CB  . ALA A 1 164 ? 8.209   12.585  4.369   1.00 52.81  ? 207 ALA A CB  1 
ATOM   1049 N N   . THR A 1 165 ? 5.239   12.747  5.843   1.00 58.80  ? 208 THR A N   1 
ATOM   1050 C CA  . THR A 1 165 ? 4.402   13.597  6.673   1.00 58.15  ? 208 THR A CA  1 
ATOM   1051 C C   . THR A 1 165 ? 5.012   13.608  8.061   1.00 61.48  ? 208 THR A C   1 
ATOM   1052 O O   . THR A 1 165 ? 6.157   13.198  8.234   1.00 64.77  ? 208 THR A O   1 
ATOM   1053 C CB  . THR A 1 165 ? 2.934   13.108  6.734   1.00 64.83  ? 208 THR A CB  1 
ATOM   1054 O OG1 . THR A 1 165 ? 2.818   12.017  7.654   1.00 64.57  ? 208 THR A OG1 1 
ATOM   1055 C CG2 . THR A 1 165 ? 2.452   12.665  5.362   1.00 54.76  ? 208 THR A CG2 1 
ATOM   1056 N N   . GLN A 1 166 ? 4.256   14.059  9.053   1.00 68.36  ? 209 GLN A N   1 
ATOM   1057 C CA  . GLN A 1 166 ? 4.817   14.243  10.387  1.00 78.18  ? 209 GLN A CA  1 
ATOM   1058 C C   . GLN A 1 166 ? 5.086   12.919  11.104  1.00 78.92  ? 209 GLN A C   1 
ATOM   1059 O O   . GLN A 1 166 ? 6.098   12.773  11.793  1.00 80.56  ? 209 GLN A O   1 
ATOM   1060 C CB  . GLN A 1 166 ? 3.888   15.109  11.236  1.00 82.07  ? 209 GLN A CB  1 
ATOM   1061 C CG  . GLN A 1 166 ? 4.510   15.580  12.537  1.00 88.08  ? 209 GLN A CG  1 
ATOM   1062 C CD  . GLN A 1 166 ? 3.497   16.226  13.459  1.00 99.47  ? 209 GLN A CD  1 
ATOM   1063 O OE1 . GLN A 1 166 ? 2.617   15.555  14.003  1.00 99.85  ? 209 GLN A OE1 1 
ATOM   1064 N NE2 . GLN A 1 166 ? 3.610   17.539  13.635  1.00 101.79 ? 209 GLN A NE2 1 
ATOM   1065 N N   . ASN A 1 167 ? 4.183   11.958  10.945  1.00 71.52  ? 210 ASN A N   1 
ATOM   1066 C CA  . ASN A 1 167 ? 4.298   10.700  11.672  1.00 73.50  ? 210 ASN A CA  1 
ATOM   1067 C C   . ASN A 1 167 ? 4.494   9.493   10.775  1.00 66.80  ? 210 ASN A C   1 
ATOM   1068 O O   . ASN A 1 167 ? 4.314   8.359   11.209  1.00 66.46  ? 210 ASN A O   1 
ATOM   1069 C CB  . ASN A 1 167 ? 3.066   10.485  12.548  1.00 73.82  ? 210 ASN A CB  1 
ATOM   1070 C CG  . ASN A 1 167 ? 3.060   11.387  13.761  1.00 87.74  ? 210 ASN A CG  1 
ATOM   1071 O OD1 . ASN A 1 167 ? 4.099   11.605  14.391  1.00 84.29  ? 210 ASN A OD1 1 
ATOM   1072 N ND2 . ASN A 1 167 ? 1.893   11.932  14.090  1.00 91.82  ? 210 ASN A ND2 1 
ATOM   1073 N N   . GLY A 1 168 ? 4.870   9.733   9.526   1.00 62.30  ? 211 GLY A N   1 
ATOM   1074 C CA  . GLY A 1 168 ? 5.110   8.638   8.612   1.00 56.40  ? 211 GLY A CA  1 
ATOM   1075 C C   . GLY A 1 168 ? 5.198   9.064   7.169   1.00 54.95  ? 211 GLY A C   1 
ATOM   1076 O O   . GLY A 1 168 ? 5.586   10.190  6.854   1.00 55.83  ? 211 GLY A O   1 
ATOM   1077 N N   . VAL A 1 169 ? 4.831   8.147   6.284   1.00 47.14  ? 212 VAL A N   1 
ATOM   1078 C CA  . VAL A 1 169 ? 4.923   8.386   4.855   1.00 51.78  ? 212 VAL A CA  1 
ATOM   1079 C C   . VAL A 1 169 ? 3.637   7.965   4.169   1.00 50.58  ? 212 VAL A C   1 
ATOM   1080 O O   . VAL A 1 169 ? 3.118   6.876   4.416   1.00 51.38  ? 212 VAL A O   1 
ATOM   1081 C CB  . VAL A 1 169 ? 6.114   7.628   4.225   1.00 48.89  ? 212 VAL A CB  1 
ATOM   1082 C CG1 . VAL A 1 169 ? 6.096   7.770   2.714   1.00 48.40  ? 212 VAL A CG1 1 
ATOM   1083 C CG2 . VAL A 1 169 ? 7.433   8.138   4.794   1.00 50.69  ? 212 VAL A CG2 1 
ATOM   1084 N N   . VAL A 1 170 ? 3.113   8.842   3.324   1.00 45.54  ? 213 VAL A N   1 
ATOM   1085 C CA  . VAL A 1 170 ? 1.979   8.494   2.503   1.00 46.88  ? 213 VAL A CA  1 
ATOM   1086 C C   . VAL A 1 170 ? 2.485   8.059   1.145   1.00 50.38  ? 213 VAL A C   1 
ATOM   1087 O O   . VAL A 1 170 ? 3.238   8.779   0.496   1.00 51.56  ? 213 VAL A O   1 
ATOM   1088 C CB  . VAL A 1 170 ? 0.996   9.664   2.344   1.00 54.85  ? 213 VAL A CB  1 
ATOM   1089 C CG1 . VAL A 1 170 ? -0.117  9.278   1.380   1.00 57.75  ? 213 VAL A CG1 1 
ATOM   1090 C CG2 . VAL A 1 170 ? 0.421   10.054  3.693   1.00 52.66  ? 213 VAL A CG2 1 
ATOM   1091 N N   . GLU A 1 171 ? 2.081   6.871   0.719   1.00 47.76  ? 214 GLU A N   1 
ATOM   1092 C CA  . GLU A 1 171 ? 2.521   6.357   -0.561  1.00 49.77  ? 214 GLU A CA  1 
ATOM   1093 C C   . GLU A 1 171 ? 1.348   6.201   -1.507  1.00 52.22  ? 214 GLU A C   1 
ATOM   1094 O O   . GLU A 1 171 ? 0.343   5.582   -1.161  1.00 55.49  ? 214 GLU A O   1 
ATOM   1095 C CB  . GLU A 1 171 ? 3.234   5.015   -0.386  1.00 48.07  ? 214 GLU A CB  1 
ATOM   1096 C CG  . GLU A 1 171 ? 3.497   4.294   -1.693  1.00 47.03  ? 214 GLU A CG  1 
ATOM   1097 C CD  . GLU A 1 171 ? 3.975   2.872   -1.486  1.00 50.37  ? 214 GLU A CD  1 
ATOM   1098 O OE1 . GLU A 1 171 ? 4.553   2.587   -0.414  1.00 46.59  ? 214 GLU A OE1 1 
ATOM   1099 O OE2 . GLU A 1 171 ? 3.769   2.036   -2.396  1.00 44.33  ? 214 GLU A OE2 1 
ATOM   1100 N N   . LEU A 1 172 ? 1.472   6.754   -2.706  1.00 50.70  ? 215 LEU A N   1 
ATOM   1101 C CA  . LEU A 1 172 ? 0.459   6.526   -3.724  1.00 55.90  ? 215 LEU A CA  1 
ATOM   1102 C C   . LEU A 1 172 ? 1.032   5.715   -4.876  1.00 56.12  ? 215 LEU A C   1 
ATOM   1103 O O   . LEU A 1 172 ? 2.200   5.861   -5.235  1.00 56.05  ? 215 LEU A O   1 
ATOM   1104 C CB  . LEU A 1 172 ? -0.111  7.845   -4.239  1.00 57.07  ? 215 LEU A CB  1 
ATOM   1105 C CG  . LEU A 1 172 ? -0.693  8.772   -3.175  1.00 61.03  ? 215 LEU A CG  1 
ATOM   1106 C CD1 . LEU A 1 172 ? 0.323   9.844   -2.791  1.00 66.80  ? 215 LEU A CD1 1 
ATOM   1107 C CD2 . LEU A 1 172 ? -1.991  9.403   -3.652  1.00 69.75  ? 215 LEU A CD2 1 
ATOM   1108 N N   . GLY A 1 173 ? 0.203   4.841   -5.434  1.00 58.77  ? 216 GLY A N   1 
ATOM   1109 C CA  . GLY A 1 173 ? 0.587   4.040   -6.578  1.00 59.19  ? 216 GLY A CA  1 
ATOM   1110 C C   . GLY A 1 173 ? -0.492  4.102   -7.635  1.00 61.20  ? 216 GLY A C   1 
ATOM   1111 O O   . GLY A 1 173 ? -1.661  4.324   -7.319  1.00 57.01  ? 216 GLY A O   1 
ATOM   1112 N N   . SER A 1 174 ? -0.101  3.913   -8.892  1.00 63.70  ? 217 SER A N   1 
ATOM   1113 C CA  . SER A 1 174 ? -1.042  3.967   -10.002 1.00 67.49  ? 217 SER A CA  1 
ATOM   1114 C C   . SER A 1 174 ? -0.587  3.118   -11.181 1.00 67.74  ? 217 SER A C   1 
ATOM   1115 O O   . SER A 1 174 ? 0.602   3.069   -11.499 1.00 63.80  ? 217 SER A O   1 
ATOM   1116 C CB  . SER A 1 174 ? -1.247  5.411   -10.460 1.00 71.75  ? 217 SER A CB  1 
ATOM   1117 O OG  . SER A 1 174 ? -2.101  5.464   -11.590 1.00 76.81  ? 217 SER A OG  1 
ATOM   1118 N N   . SER A 1 175 ? -1.541  2.450   -11.826 1.00 69.49  ? 218 SER A N   1 
ATOM   1119 C CA  . SER A 1 175 ? -1.253  1.684   -13.035 1.00 71.50  ? 218 SER A CA  1 
ATOM   1120 C C   . SER A 1 175 ? -1.066  2.629   -14.222 1.00 74.51  ? 218 SER A C   1 
ATOM   1121 O O   . SER A 1 175 ? -0.564  2.231   -15.273 1.00 71.99  ? 218 SER A O   1 
ATOM   1122 C CB  . SER A 1 175 ? -2.365  0.665   -13.317 1.00 71.86  ? 218 SER A CB  1 
ATOM   1123 O OG  . SER A 1 175 ? -3.651  1.257   -13.244 1.00 74.27  ? 218 SER A OG  1 
ATOM   1124 N N   . GLU A 1 176 ? -1.465  3.885   -14.037 1.00 73.69  ? 219 GLU A N   1 
ATOM   1125 C CA  . GLU A 1 176 ? -1.255  4.921   -15.041 1.00 78.95  ? 219 GLU A CA  1 
ATOM   1126 C C   . GLU A 1 176 ? 0.048   5.678   -14.785 1.00 77.34  ? 219 GLU A C   1 
ATOM   1127 O O   . GLU A 1 176 ? 0.642   5.554   -13.716 1.00 79.13  ? 219 GLU A O   1 
ATOM   1128 C CB  . GLU A 1 176 ? -2.432  5.900   -15.055 1.00 80.81  ? 219 GLU A CB  1 
ATOM   1129 C CG  . GLU A 1 176 ? -3.769  5.271   -15.402 1.00 84.52  ? 219 GLU A CG  1 
ATOM   1130 C CD  . GLU A 1 176 ? -4.878  6.299   -15.535 1.00 91.99  ? 219 GLU A CD  1 
ATOM   1131 O OE1 . GLU A 1 176 ? -4.846  7.312   -14.803 1.00 95.06  ? 219 GLU A OE1 1 
ATOM   1132 O OE2 . GLU A 1 176 ? -5.777  6.101   -16.379 1.00 97.78  ? 219 GLU A OE2 1 
ATOM   1133 N N   . VAL A 1 177 ? 0.489   6.464   -15.765 1.00 77.63  ? 220 VAL A N   1 
ATOM   1134 C CA  . VAL A 1 177 ? 1.698   7.271   -15.600 1.00 77.59  ? 220 VAL A CA  1 
ATOM   1135 C C   . VAL A 1 177 ? 1.349   8.713   -15.236 1.00 75.35  ? 220 VAL A C   1 
ATOM   1136 O O   . VAL A 1 177 ? 0.691   9.418   -16.000 1.00 82.05  ? 220 VAL A O   1 
ATOM   1137 C CB  . VAL A 1 177 ? 2.572   7.271   -16.868 1.00 69.89  ? 220 VAL A CB  1 
ATOM   1138 C CG1 . VAL A 1 177 ? 3.746   8.215   -16.684 1.00 74.40  ? 220 VAL A CG1 1 
ATOM   1139 C CG2 . VAL A 1 177 ? 3.065   5.865   -17.182 1.00 65.80  ? 220 VAL A CG2 1 
ATOM   1140 N N   . ILE A 1 178 ? 1.802   9.143   -14.063 1.00 74.29  ? 221 ILE A N   1 
ATOM   1141 C CA  . ILE A 1 178 ? 1.464   10.460  -13.533 1.00 75.79  ? 221 ILE A CA  1 
ATOM   1142 C C   . ILE A 1 178 ? 2.726   11.251  -13.181 1.00 73.45  ? 221 ILE A C   1 
ATOM   1143 O O   . ILE A 1 178 ? 3.664   10.711  -12.594 1.00 73.33  ? 221 ILE A O   1 
ATOM   1144 C CB  . ILE A 1 178 ? 0.563   10.335  -12.286 1.00 76.16  ? 221 ILE A CB  1 
ATOM   1145 C CG1 . ILE A 1 178 ? -0.610  9.395   -12.572 1.00 74.58  ? 221 ILE A CG1 1 
ATOM   1146 C CG2 . ILE A 1 178 ? 0.079   11.702  -11.818 1.00 71.10  ? 221 ILE A CG2 1 
ATOM   1147 C CD1 . ILE A 1 178 ? -1.479  9.118   -11.370 1.00 78.63  ? 221 ILE A CD1 1 
ATOM   1148 N N   . SER A 1 179 ? 2.749   12.529  -13.543 1.00 77.30  ? 222 SER A N   1 
ATOM   1149 C CA  . SER A 1 179 ? 3.926   13.360  -13.314 1.00 72.62  ? 222 SER A CA  1 
ATOM   1150 C C   . SER A 1 179 ? 3.710   14.305  -12.137 1.00 73.18  ? 222 SER A C   1 
ATOM   1151 O O   . SER A 1 179 ? 2.568   14.595  -11.770 1.00 71.22  ? 222 SER A O   1 
ATOM   1152 C CB  . SER A 1 179 ? 4.271   14.144  -14.575 1.00 75.24  ? 222 SER A CB  1 
ATOM   1153 O OG  . SER A 1 179 ? 4.312   13.276  -15.694 1.00 77.67  ? 222 SER A OG  1 
ATOM   1154 N N   . GLN A 1 180 ? 4.809   14.782  -11.557 1.00 69.38  ? 223 GLN A N   1 
ATOM   1155 C CA  . GLN A 1 180 ? 4.770   15.533  -10.302 1.00 74.70  ? 223 GLN A CA  1 
ATOM   1156 C C   . GLN A 1 180 ? 3.826   16.728  -10.307 1.00 82.43  ? 223 GLN A C   1 
ATOM   1157 O O   . GLN A 1 180 ? 4.116   17.766  -10.903 1.00 77.27  ? 223 GLN A O   1 
ATOM   1158 C CB  . GLN A 1 180 ? 6.165   16.029  -9.932  1.00 73.78  ? 223 GLN A CB  1 
ATOM   1159 C CG  . GLN A 1 180 ? 7.202   14.946  -9.805  1.00 73.30  ? 223 GLN A CG  1 
ATOM   1160 C CD  . GLN A 1 180 ? 8.336   15.353  -8.889  1.00 75.88  ? 223 GLN A CD  1 
ATOM   1161 O OE1 . GLN A 1 180 ? 8.110   15.751  -7.743  1.00 70.30  ? 223 GLN A OE1 1 
ATOM   1162 N NE2 . GLN A 1 180 ? 9.565   15.264  -9.390  1.00 79.66  ? 223 GLN A NE2 1 
ATOM   1163 N N   . SER A 1 181 ? 2.698   16.571  -9.627  1.00 90.01  ? 224 SER A N   1 
ATOM   1164 C CA  . SER A 1 181 ? 1.803   17.687  -9.370  1.00 91.23  ? 224 SER A CA  1 
ATOM   1165 C C   . SER A 1 181 ? 2.025   18.166  -7.945  1.00 97.28  ? 224 SER A C   1 
ATOM   1166 O O   . SER A 1 181 ? 2.017   17.366  -7.009  1.00 101.36 ? 224 SER A O   1 
ATOM   1167 C CB  . SER A 1 181 ? 0.341   17.280  -9.578  1.00 94.97  ? 224 SER A CB  1 
ATOM   1168 N N   . SER A 1 182 ? 2.243   19.464  -7.779  1.00 98.87  ? 225 SER A N   1 
ATOM   1169 C CA  . SER A 1 182 ? 2.305   20.036  -6.442  1.00 97.67  ? 225 SER A CA  1 
ATOM   1170 C C   . SER A 1 182 ? 0.918   19.953  -5.824  1.00 102.23 ? 225 SER A C   1 
ATOM   1171 O O   . SER A 1 182 ? 0.770   19.895  -4.602  1.00 100.58 ? 225 SER A O   1 
ATOM   1172 C CB  . SER A 1 182 ? 2.799   21.482  -6.482  1.00 97.58  ? 225 SER A CB  1 
ATOM   1173 O OG  . SER A 1 182 ? 2.975   21.986  -5.172  1.00 96.09  ? 225 SER A OG  1 
ATOM   1174 N N   . ASP A 1 183 ? -0.092  19.934  -6.691  1.00 102.53 ? 226 ASP A N   1 
ATOM   1175 C CA  . ASP A 1 183 ? -1.486  19.812  -6.284  1.00 103.75 ? 226 ASP A CA  1 
ATOM   1176 C C   . ASP A 1 183 ? -1.703  18.577  -5.418  1.00 106.23 ? 226 ASP A C   1 
ATOM   1177 O O   . ASP A 1 183 ? -2.527  18.587  -4.504  1.00 110.45 ? 226 ASP A O   1 
ATOM   1178 C CB  . ASP A 1 183 ? -2.398  19.763  -7.513  1.00 103.60 ? 226 ASP A CB  1 
ATOM   1179 N N   . LEU A 1 184 ? -0.956  17.512  -5.704  1.00 103.48 ? 227 LEU A N   1 
ATOM   1180 C CA  . LEU A 1 184 ? -1.020  16.305  -4.889  1.00 103.29 ? 227 LEU A CA  1 
ATOM   1181 C C   . LEU A 1 184 ? -0.366  16.533  -3.533  1.00 101.51 ? 227 LEU A C   1 
ATOM   1182 O O   . LEU A 1 184 ? -0.981  16.315  -2.490  1.00 101.34 ? 227 LEU A O   1 
ATOM   1183 C CB  . LEU A 1 184 ? -0.343  15.127  -5.587  1.00 97.70  ? 227 LEU A CB  1 
ATOM   1184 C CG  . LEU A 1 184 ? -0.333  13.863  -4.719  1.00 88.49  ? 227 LEU A CG  1 
ATOM   1185 C CD1 . LEU A 1 184 ? -1.720  13.246  -4.657  1.00 83.46  ? 227 LEU A CD1 1 
ATOM   1186 C CD2 . LEU A 1 184 ? 0.690   12.853  -5.208  1.00 79.25  ? 227 LEU A CD2 1 
ATOM   1187 N N   . MET A 1 185 ? 0.889   16.975  -3.563  1.00 100.75 ? 228 MET A N   1 
ATOM   1188 C CA  . MET A 1 185 ? 1.652   17.250  -2.349  1.00 100.65 ? 228 MET A CA  1 
ATOM   1189 C C   . MET A 1 185 ? 0.933   18.289  -1.490  1.00 106.21 ? 228 MET A C   1 
ATOM   1190 O O   . MET A 1 185 ? 1.120   18.350  -0.271  1.00 101.41 ? 228 MET A O   1 
ATOM   1191 C CB  . MET A 1 185 ? 3.061   17.728  -2.710  1.00 100.01 ? 228 MET A CB  1 
ATOM   1192 C CG  . MET A 1 185 ? 4.148   17.288  -1.745  1.00 92.87  ? 228 MET A CG  1 
ATOM   1193 S SD  . MET A 1 185 ? 4.193   18.206  -0.191  1.00 123.26 ? 228 MET A SD  1 
ATOM   1194 C CE  . MET A 1 185 ? 4.499   19.873  -0.772  1.00 102.76 ? 228 MET A CE  1 
ATOM   1195 N N   . HIS A 1 186 ? 0.108   19.104  -2.141  1.00 104.97 ? 229 HIS A N   1 
ATOM   1196 C CA  . HIS A 1 186 ? -0.752  20.044  -1.443  1.00 105.97 ? 229 HIS A CA  1 
ATOM   1197 C C   . HIS A 1 186 ? -1.765  19.300  -0.587  1.00 101.94 ? 229 HIS A C   1 
ATOM   1198 O O   . HIS A 1 186 ? -1.842  19.513  0.627   1.00 95.67  ? 229 HIS A O   1 
ATOM   1199 C CB  . HIS A 1 186 ? -1.475  20.950  -2.439  1.00 108.50 ? 229 HIS A CB  1 
ATOM   1200 N N   . LYS A 1 187 ? -2.532  18.426  -1.231  1.00 101.62 ? 230 LYS A N   1 
ATOM   1201 C CA  . LYS A 1 187 ? -3.584  17.671  -0.560  1.00 102.82 ? 230 LYS A CA  1 
ATOM   1202 C C   . LYS A 1 187 ? -3.047  16.877  0.625   1.00 96.10  ? 230 LYS A C   1 
ATOM   1203 O O   . LYS A 1 187 ? -3.634  16.895  1.707   1.00 95.91  ? 230 LYS A O   1 
ATOM   1204 C CB  . LYS A 1 187 ? -4.278  16.721  -1.541  1.00 108.19 ? 230 LYS A CB  1 
ATOM   1205 C CG  . LYS A 1 187 ? -5.018  17.401  -2.686  1.00 116.21 ? 230 LYS A CG  1 
ATOM   1206 C CD  . LYS A 1 187 ? -5.836  16.382  -3.478  1.00 119.58 ? 230 LYS A CD  1 
ATOM   1207 C CE  . LYS A 1 187 ? -6.526  17.012  -4.678  1.00 121.82 ? 230 LYS A CE  1 
ATOM   1208 N NZ  . LYS A 1 187 ? -5.558  17.442  -5.727  1.00 118.75 ? 230 LYS A NZ  1 
ATOM   1209 N N   . VAL A 1 188 ? -1.928  16.188  0.417   1.00 92.10  ? 231 VAL A N   1 
ATOM   1210 C CA  . VAL A 1 188 ? -1.342  15.348  1.456   1.00 87.17  ? 231 VAL A CA  1 
ATOM   1211 C C   . VAL A 1 188 ? -0.993  16.168  2.689   1.00 88.39  ? 231 VAL A C   1 
ATOM   1212 O O   . VAL A 1 188 ? -1.259  15.757  3.818   1.00 83.13  ? 231 VAL A O   1 
ATOM   1213 C CB  . VAL A 1 188 ? -0.077  14.622  0.958   1.00 85.81  ? 231 VAL A CB  1 
ATOM   1214 C CG1 . VAL A 1 188 ? 0.529   13.783  2.076   1.00 74.79  ? 231 VAL A CG1 1 
ATOM   1215 C CG2 . VAL A 1 188 ? -0.398  13.753  -0.251  1.00 88.04  ? 231 VAL A CG2 1 
ATOM   1216 N N   . ASN A 1 189 ? -0.404  17.339  2.462   1.00 98.39  ? 232 ASN A N   1 
ATOM   1217 C CA  . ASN A 1 189 ? -0.019  18.234  3.547   1.00 94.41  ? 232 ASN A CA  1 
ATOM   1218 C C   . ASN A 1 189 ? -1.228  18.660  4.369   1.00 94.97  ? 232 ASN A C   1 
ATOM   1219 O O   . ASN A 1 189 ? -1.138  18.840  5.580   1.00 92.86  ? 232 ASN A O   1 
ATOM   1220 C CB  . ASN A 1 189 ? 0.700   19.462  2.988   1.00 99.19  ? 232 ASN A CB  1 
ATOM   1221 C CG  . ASN A 1 189 ? 1.438   20.244  4.059   1.00 100.69 ? 232 ASN A CG  1 
ATOM   1222 O OD1 . ASN A 1 189 ? 0.828   20.954  4.857   1.00 102.06 ? 232 ASN A OD1 1 
ATOM   1223 N ND2 . ASN A 1 189 ? 2.762   20.124  4.074   1.00 100.34 ? 232 ASN A ND2 1 
ATOM   1224 N N   . ASN A 1 190 ? -2.365  18.808  3.700   1.00 94.76  ? 233 ASN A N   1 
ATOM   1225 C CA  . ASN A 1 190 ? -3.600  19.198  4.362   1.00 96.91  ? 233 ASN A CA  1 
ATOM   1226 C C   . ASN A 1 190 ? -4.208  18.068  5.196   1.00 96.30  ? 233 ASN A C   1 
ATOM   1227 O O   . ASN A 1 190 ? -4.534  18.257  6.367   1.00 95.76  ? 233 ASN A O   1 
ATOM   1228 C CB  . ASN A 1 190 ? -4.613  19.686  3.323   1.00 103.90 ? 233 ASN A CB  1 
ATOM   1229 C CG  . ASN A 1 190 ? -4.116  20.900  2.553   1.00 110.47 ? 233 ASN A CG  1 
ATOM   1230 O OD1 . ASN A 1 190 ? -3.567  21.836  3.135   1.00 110.64 ? 233 ASN A OD1 1 
ATOM   1231 N ND2 . ASN A 1 190 ? -4.300  20.885  1.238   1.00 113.53 ? 233 ASN A ND2 1 
ATOM   1232 N N   . LEU A 1 191 ? -4.344  16.891  4.592   1.00 92.11  ? 234 LEU A N   1 
ATOM   1233 C CA  . LEU A 1 191 ? -5.029  15.765  5.225   1.00 89.52  ? 234 LEU A CA  1 
ATOM   1234 C C   . LEU A 1 191 ? -4.254  15.123  6.375   1.00 86.90  ? 234 LEU A C   1 
ATOM   1235 O O   . LEU A 1 191 ? -4.806  14.329  7.133   1.00 84.85  ? 234 LEU A O   1 
ATOM   1236 C CB  . LEU A 1 191 ? -5.348  14.704  4.172   1.00 89.71  ? 234 LEU A CB  1 
ATOM   1237 C CG  . LEU A 1 191 ? -6.573  14.997  3.308   1.00 98.36  ? 234 LEU A CG  1 
ATOM   1238 C CD1 . LEU A 1 191 ? -6.468  14.305  1.965   1.00 94.91  ? 234 LEU A CD1 1 
ATOM   1239 C CD2 . LEU A 1 191 ? -7.830  14.558  4.040   1.00 104.85 ? 234 LEU A CD2 1 
ATOM   1240 N N   . PHE A 1 192 ? -2.974  15.459  6.499   1.00 87.94  ? 235 PHE A N   1 
ATOM   1241 C CA  . PHE A 1 192 ? -2.136  14.903  7.556   1.00 88.12  ? 235 PHE A CA  1 
ATOM   1242 C C   . PHE A 1 192 ? -1.332  16.028  8.207   1.00 97.69  ? 235 PHE A C   1 
ATOM   1243 O O   . PHE A 1 192 ? -0.967  16.998  7.545   1.00 104.94 ? 235 PHE A O   1 
ATOM   1244 C CB  . PHE A 1 192 ? -1.212  13.812  6.998   1.00 83.95  ? 235 PHE A CB  1 
ATOM   1245 C CG  . PHE A 1 192 ? -1.936  12.734  6.225   1.00 76.19  ? 235 PHE A CG  1 
ATOM   1246 C CD1 . PHE A 1 192 ? -2.212  12.892  4.875   1.00 75.28  ? 235 PHE A CD1 1 
ATOM   1247 C CD2 . PHE A 1 192 ? -2.337  11.566  6.847   1.00 79.88  ? 235 PHE A CD2 1 
ATOM   1248 C CE1 . PHE A 1 192 ? -2.875  11.916  4.166   1.00 76.43  ? 235 PHE A CE1 1 
ATOM   1249 C CE2 . PHE A 1 192 ? -3.001  10.579  6.139   1.00 75.39  ? 235 PHE A CE2 1 
ATOM   1250 C CZ  . PHE A 1 192 ? -3.271  10.756  4.796   1.00 73.05  ? 235 PHE A CZ  1 
ATOM   1251 N N   . ASN A 1 193 ? -1.067  15.908  9.505   1.00 98.18  ? 236 ASN A N   1 
ATOM   1252 C CA  . ASN A 1 193 ? -0.407  16.983  10.247  1.00 104.03 ? 236 ASN A CA  1 
ATOM   1253 C C   . ASN A 1 193 ? 1.051   17.208  9.847   1.00 104.42 ? 236 ASN A C   1 
ATOM   1254 O O   . ASN A 1 193 ? 1.666   16.369  9.190   1.00 113.84 ? 236 ASN A O   1 
ATOM   1255 C CB  . ASN A 1 193 ? -0.489  16.705  11.750  1.00 109.57 ? 236 ASN A CB  1 
ATOM   1256 C CG  . ASN A 1 193 ? -1.842  17.063  12.331  1.00 112.04 ? 236 ASN A CG  1 
ATOM   1257 O OD1 . ASN A 1 193 ? -2.369  18.146  12.079  1.00 106.33 ? 236 ASN A OD1 1 
ATOM   1258 N ND2 . ASN A 1 193 ? -2.415  16.148  13.107  1.00 114.08 ? 236 ASN A ND2 1 
ATOM   1259 N N   . PHE B 2 11  ? -27.192 -15.916 -10.729 1.00 80.24  ? 26  PHE B N   1 
ATOM   1260 C CA  . PHE B 2 11  ? -28.525 -16.514 -10.641 1.00 89.09  ? 26  PHE B CA  1 
ATOM   1261 C C   . PHE B 2 11  ? -29.610 -15.467 -10.379 1.00 88.22  ? 26  PHE B C   1 
ATOM   1262 O O   . PHE B 2 11  ? -30.523 -15.706 -9.589  1.00 95.40  ? 26  PHE B O   1 
ATOM   1263 C CB  . PHE B 2 11  ? -28.563 -17.568 -9.536  1.00 82.41  ? 26  PHE B CB  1 
ATOM   1264 N N   . GLN B 2 12  ? -29.522 -14.323 -11.076 1.00 81.50  ? 27  GLN B N   1 
ATOM   1265 C CA  . GLN B 2 12  ? -30.408 -13.155 -10.915 1.00 84.66  ? 27  GLN B CA  1 
ATOM   1266 C C   . GLN B 2 12  ? -30.893 -12.939 -9.482  1.00 86.73  ? 27  GLN B C   1 
ATOM   1267 O O   . GLN B 2 12  ? -32.107 -12.829 -9.215  1.00 86.81  ? 27  GLN B O   1 
ATOM   1268 C CB  . GLN B 2 12  ? -31.593 -13.260 -11.893 1.00 80.70  ? 27  GLN B CB  1 
ATOM   1269 C CG  . GLN B 2 12  ? -32.419 -11.961 -12.091 1.00 79.43  ? 27  GLN B CG  1 
ATOM   1270 C CD  . GLN B 2 12  ? -31.587 -10.718 -12.419 1.00 91.81  ? 27  GLN B CD  1 
ATOM   1271 O OE1 . GLN B 2 12  ? -31.431 -10.349 -13.587 1.00 94.43  ? 27  GLN B OE1 1 
ATOM   1272 N NE2 . GLN B 2 12  ? -31.087 -10.044 -11.381 1.00 84.60  ? 27  GLN B NE2 1 
ATOM   1273 N N   . LYS B 2 13  ? -29.969 -12.908 -8.554  1.00 88.46  ? 28  LYS B N   1 
ATOM   1274 C CA  . LYS B 2 13  ? -30.277 -12.377 -7.256  1.00 85.18  ? 28  LYS B CA  1 
ATOM   1275 C C   . LYS B 2 13  ? -29.758 -10.950 -7.454  1.00 91.21  ? 28  LYS B C   1 
ATOM   1276 O O   . LYS B 2 13  ? -28.839 -10.719 -8.261  1.00 97.17  ? 28  LYS B O   1 
ATOM   1277 C CB  . LYS B 2 13  ? -29.618 -13.177 -6.093  1.00 82.67  ? 28  LYS B CB  1 
ATOM   1278 C CG  . LYS B 2 13  ? -28.105 -13.266 -6.093  1.00 86.21  ? 28  LYS B CG  1 
ATOM   1279 C CD  . LYS B 2 13  ? -27.602 -14.675 -6.342  1.00 88.65  ? 28  LYS B CD  1 
ATOM   1280 C CE  . LYS B 2 13  ? -27.458 -15.397 -5.027  1.00 80.34  ? 28  LYS B CE  1 
ATOM   1281 N NZ  . LYS B 2 13  ? -26.448 -16.481 -5.075  1.00 79.28  ? 28  LYS B NZ  1 
ATOM   1282 N N   . PHE B 2 14  ? -30.476 -9.997  -6.909  1.00 90.57  ? 29  PHE B N   1 
ATOM   1283 C CA  . PHE B 2 14  ? -29.939 -8.687  -6.718  1.00 64.36  ? 29  PHE B CA  1 
ATOM   1284 C C   . PHE B 2 14  ? -29.146 -8.862  -5.449  1.00 77.51  ? 29  PHE B C   1 
ATOM   1285 O O   . PHE B 2 14  ? -27.936 -9.067  -5.503  1.00 90.00  ? 29  PHE B O   1 
ATOM   1286 C CB  . PHE B 2 14  ? -31.050 -7.643  -6.590  1.00 65.20  ? 29  PHE B CB  1 
ATOM   1287 C CG  . PHE B 2 14  ? -31.746 -7.373  -7.889  1.00 64.88  ? 29  PHE B CG  1 
ATOM   1288 C CD1 . PHE B 2 14  ? -32.752 -8.200  -8.359  1.00 65.18  ? 29  PHE B CD1 1 
ATOM   1289 C CD2 . PHE B 2 14  ? -31.376 -6.287  -8.646  1.00 66.77  ? 29  PHE B CD2 1 
ATOM   1290 C CE1 . PHE B 2 14  ? -33.373 -7.919  -9.569  1.00 68.84  ? 29  PHE B CE1 1 
ATOM   1291 C CE2 . PHE B 2 14  ? -31.990 -6.009  -9.845  1.00 60.50  ? 29  PHE B CE2 1 
ATOM   1292 C CZ  . PHE B 2 14  ? -32.986 -6.816  -10.309 1.00 60.66  ? 29  PHE B CZ  1 
ATOM   1293 N N   . LEU B 2 15  ? -29.836 -8.850  -4.320  1.00 65.60  ? 30  LEU B N   1 
ATOM   1294 C CA  . LEU B 2 15  ? -29.393 -9.209  -2.918  1.00 71.49  ? 30  LEU B CA  1 
ATOM   1295 C C   . LEU B 2 15  ? -28.651 -8.271  -1.923  1.00 79.80  ? 30  LEU B C   1 
ATOM   1296 O O   . LEU B 2 15  ? -29.156 -8.264  -0.799  1.00 83.83  ? 30  LEU B O   1 
ATOM   1297 C CB  . LEU B 2 15  ? -28.533 -10.436 -2.948  1.00 81.16  ? 30  LEU B CB  1 
ATOM   1298 C CG  . LEU B 2 15  ? -29.250 -11.706 -2.646  1.00 75.61  ? 30  LEU B CG  1 
ATOM   1299 C CD1 . LEU B 2 15  ? -28.316 -12.684 -1.970  1.00 75.82  ? 30  LEU B CD1 1 
ATOM   1300 C CD2 . LEU B 2 15  ? -30.555 -11.468 -1.875  1.00 70.54  ? 30  LEU B CD2 1 
ATOM   1301 N N   . ASP B 2 16  ? -27.466 -7.702  -2.194  1.00 78.48  ? 31  ASP B N   1 
ATOM   1302 C CA  . ASP B 2 16  ? -26.361 -8.187  -3.063  1.00 81.03  ? 31  ASP B CA  1 
ATOM   1303 C C   . ASP B 2 16  ? -25.524 -8.448  -1.937  1.00 90.90  ? 31  ASP B C   1 
ATOM   1304 O O   . ASP B 2 16  ? -25.784 -7.909  -0.842  1.00 94.06  ? 31  ASP B O   1 
ATOM   1305 C CB  . ASP B 2 16  ? -25.802 -7.165  -4.185  1.00 83.58  ? 31  ASP B CB  1 
ATOM   1306 C CG  . ASP B 2 16  ? -25.222 -5.855  -3.603  1.00 85.52  ? 31  ASP B CG  1 
ATOM   1307 O OD1 . ASP B 2 16  ? -24.778 -5.769  -2.459  1.00 85.94  ? 31  ASP B OD1 1 
ATOM   1308 O OD2 . ASP B 2 16  ? -25.220 -4.886  -4.414  1.00 83.34  ? 31  ASP B OD2 1 
ATOM   1309 N N   . ARG B 2 17  ? -24.566 -9.290  -2.159  1.00 86.85  ? 32  ARG B N   1 
ATOM   1310 C CA  . ARG B 2 17  ? -23.671 -9.647  -1.108  1.00 85.85  ? 32  ARG B CA  1 
ATOM   1311 C C   . ARG B 2 17  ? -22.275 -9.315  -1.599  1.00 80.25  ? 32  ARG B C   1 
ATOM   1312 O O   . ARG B 2 17  ? -21.933 -9.621  -2.738  1.00 78.70  ? 32  ARG B O   1 
ATOM   1313 C CB  . ARG B 2 17  ? -23.814 -11.134 -0.765  1.00 72.74  ? 32  ARG B CB  1 
ATOM   1314 C CG  . ARG B 2 17  ? -22.898 -11.617 0.350   1.00 74.04  ? 32  ARG B CG  1 
ATOM   1315 C CD  . ARG B 2 17  ? -23.689 -12.079 1.564   1.00 76.65  ? 32  ARG B CD  1 
ATOM   1316 N NE  . ARG B 2 17  ? -24.318 -10.975 2.285   1.00 76.44  ? 32  ARG B NE  1 
ATOM   1317 C CZ  . ARG B 2 17  ? -25.099 -11.127 3.351   1.00 78.08  ? 32  ARG B CZ  1 
ATOM   1318 N NH1 . ARG B 2 17  ? -25.355 -12.343 3.824   1.00 67.34  ? 32  ARG B NH1 1 
ATOM   1319 N NH2 . ARG B 2 17  ? -25.627 -10.063 3.947   1.00 74.30  ? 32  ARG B NH2 1 
ATOM   1320 N N   . ARG B 2 18  ? -21.476 -8.665  -0.762  1.00 78.33  ? 33  ARG B N   1 
ATOM   1321 C CA  . ARG B 2 18  ? -20.122 -8.307  -1.174  1.00 82.34  ? 33  ARG B CA  1 
ATOM   1322 C C   . ARG B 2 18  ? -19.067 -8.850  -0.226  1.00 76.93  ? 33  ARG B C   1 
ATOM   1323 O O   . ARG B 2 18  ? -18.936 -8.399  0.911   1.00 77.53  ? 33  ARG B O   1 
ATOM   1324 C CB  . ARG B 2 18  ? -19.973 -6.792  -1.304  1.00 73.48  ? 33  ARG B CB  1 
ATOM   1325 C CG  . ARG B 2 18  ? -20.988 -5.992  -0.534  1.00 77.09  ? 33  ARG B CG  1 
ATOM   1326 C CD  . ARG B 2 18  ? -21.408 -4.789  -1.348  1.00 81.06  ? 33  ARG B CD  1 
ATOM   1327 N NE  . ARG B 2 18  ? -21.602 -5.149  -2.749  1.00 75.97  ? 33  ARG B NE  1 
ATOM   1328 C CZ  . ARG B 2 18  ? -21.798 -4.267  -3.723  1.00 83.56  ? 33  ARG B CZ  1 
ATOM   1329 N NH1 . ARG B 2 18  ? -21.821 -2.968  -3.449  1.00 78.65  ? 33  ARG B NH1 1 
ATOM   1330 N NH2 . ARG B 2 18  ? -21.966 -4.683  -4.972  1.00 86.29  ? 33  ARG B NH2 1 
ATOM   1331 N N   . ARG B 2 19  ? -18.322 -9.832  -0.708  1.00 71.72  ? 34  ARG B N   1 
ATOM   1332 C CA  . ARG B 2 19  ? -17.221 -10.394 0.050   1.00 72.01  ? 34  ARG B CA  1 
ATOM   1333 C C   . ARG B 2 19  ? -15.950 -10.366 -0.795  1.00 65.27  ? 34  ARG B C   1 
ATOM   1334 O O   . ARG B 2 19  ? -14.963 -11.021 -0.470  1.00 65.84  ? 34  ARG B O   1 
ATOM   1335 C CB  . ARG B 2 19  ? -17.553 -11.821 0.512   1.00 74.10  ? 34  ARG B CB  1 
ATOM   1336 C CG  . ARG B 2 19  ? -18.173 -11.905 1.921   1.00 80.71  ? 34  ARG B CG  1 
ATOM   1337 C CD  . ARG B 2 19  ? -19.588 -11.336 1.976   1.00 83.37  ? 34  ARG B CD  1 
ATOM   1338 N NE  . ARG B 2 19  ? -19.813 -10.472 3.138   1.00 85.00  ? 34  ARG B NE  1 
ATOM   1339 C CZ  . ARG B 2 19  ? -20.649 -10.752 4.135   1.00 87.60  ? 34  ARG B CZ  1 
ATOM   1340 N NH1 . ARG B 2 19  ? -21.351 -11.878 4.123   1.00 86.56  ? 34  ARG B NH1 1 
ATOM   1341 N NH2 . ARG B 2 19  ? -20.790 -9.902  5.145   1.00 88.80  ? 34  ARG B NH2 1 
ATOM   1342 N N   . SER B 2 20  ? -15.981 -9.600  -1.881  1.00 61.51  ? 35  SER B N   1 
ATOM   1343 C CA  . SER B 2 20  ? -14.803 -9.423  -2.726  1.00 66.29  ? 35  SER B CA  1 
ATOM   1344 C C   . SER B 2 20  ? -13.750 -8.579  -2.015  1.00 62.19  ? 35  SER B C   1 
ATOM   1345 O O   . SER B 2 20  ? -14.077 -7.815  -1.106  1.00 68.73  ? 35  SER B O   1 
ATOM   1346 C CB  . SER B 2 20  ? -15.180 -8.768  -4.052  1.00 69.85  ? 35  SER B CB  1 
ATOM   1347 O OG  . SER B 2 20  ? -14.489 -7.538  -4.219  1.00 75.34  ? 35  SER B OG  1 
ATOM   1348 N N   . PHE B 2 21  ? -12.495 -8.714  -2.436  1.00 63.79  ? 36  PHE B N   1 
ATOM   1349 C CA  . PHE B 2 21  ? -11.386 -7.976  -1.833  1.00 60.26  ? 36  PHE B CA  1 
ATOM   1350 C C   . PHE B 2 21  ? -11.678 -6.485  -1.738  1.00 59.65  ? 36  PHE B C   1 
ATOM   1351 O O   . PHE B 2 21  ? -11.574 -5.880  -0.670  1.00 56.37  ? 36  PHE B O   1 
ATOM   1352 C CB  . PHE B 2 21  ? -10.102 -8.191  -2.631  1.00 61.57  ? 36  PHE B CB  1 
ATOM   1353 C CG  . PHE B 2 21  ? -8.988  -7.276  -2.228  1.00 64.09  ? 36  PHE B CG  1 
ATOM   1354 C CD1 . PHE B 2 21  ? -8.250  -7.526  -1.083  1.00 62.69  ? 36  PHE B CD1 1 
ATOM   1355 C CD2 . PHE B 2 21  ? -8.686  -6.154  -2.985  1.00 65.89  ? 36  PHE B CD2 1 
ATOM   1356 C CE1 . PHE B 2 21  ? -7.233  -6.683  -0.702  1.00 57.56  ? 36  PHE B CE1 1 
ATOM   1357 C CE2 . PHE B 2 21  ? -7.667  -5.300  -2.608  1.00 62.18  ? 36  PHE B CE2 1 
ATOM   1358 C CZ  . PHE B 2 21  ? -6.940  -5.565  -1.464  1.00 60.97  ? 36  PHE B CZ  1 
ATOM   1359 N N   . ARG B 2 22  ? -12.061 -5.911  -2.872  1.00 64.99  ? 37  ARG B N   1 
ATOM   1360 C CA  . ARG B 2 22  ? -12.409 -4.497  -2.984  1.00 62.64  ? 37  ARG B CA  1 
ATOM   1361 C C   . ARG B 2 22  ? -13.414 -4.058  -1.926  1.00 67.13  ? 37  ARG B C   1 
ATOM   1362 O O   . ARG B 2 22  ? -13.465 -2.881  -1.560  1.00 62.84  ? 37  ARG B O   1 
ATOM   1363 C CB  . ARG B 2 22  ? -12.981 -4.225  -4.372  1.00 69.55  ? 37  ARG B CB  1 
ATOM   1364 C CG  . ARG B 2 22  ? -12.571 -2.925  -5.002  1.00 70.25  ? 37  ARG B CG  1 
ATOM   1365 C CD  . ARG B 2 22  ? -12.089 -3.190  -6.419  1.00 77.15  ? 37  ARG B CD  1 
ATOM   1366 N NE  . ARG B 2 22  ? -12.230 -2.028  -7.292  1.00 85.43  ? 37  ARG B NE  1 
ATOM   1367 C CZ  . ARG B 2 22  ? -11.864 -2.014  -8.569  1.00 89.17  ? 37  ARG B CZ  1 
ATOM   1368 N NH1 . ARG B 2 22  ? -11.332 -3.101  -9.117  1.00 88.57  ? 37  ARG B NH1 1 
ATOM   1369 N NH2 . ARG B 2 22  ? -12.027 -0.918  -9.299  1.00 88.56  ? 37  ARG B NH2 1 
ATOM   1370 N N   . ASP B 2 23  ? -14.212 -5.010  -1.446  1.00 61.96  ? 38  ASP B N   1 
ATOM   1371 C CA  . ASP B 2 23  ? -15.305 -4.719  -0.527  1.00 62.79  ? 38  ASP B CA  1 
ATOM   1372 C C   . ASP B 2 23  ? -14.952 -4.959  0.938   1.00 60.60  ? 38  ASP B C   1 
ATOM   1373 O O   . ASP B 2 23  ? -15.650 -4.472  1.826   1.00 60.91  ? 38  ASP B O   1 
ATOM   1374 C CB  . ASP B 2 23  ? -16.531 -5.558  -0.890  1.00 71.90  ? 38  ASP B CB  1 
ATOM   1375 C CG  . ASP B 2 23  ? -17.103 -5.206  -2.254  1.00 76.36  ? 38  ASP B CG  1 
ATOM   1376 O OD1 . ASP B 2 23  ? -17.353 -4.004  -2.512  1.00 65.40  ? 38  ASP B OD1 1 
ATOM   1377 O OD2 . ASP B 2 23  ? -17.305 -6.142  -3.064  1.00 77.12  ? 38  ASP B OD2 1 
ATOM   1378 N N   . ILE B 2 24  ? -13.888 -5.716  1.196   1.00 59.82  ? 39  ILE B N   1 
ATOM   1379 C CA  . ILE B 2 24  ? -13.493 -5.997  2.575   1.00 54.97  ? 39  ILE B CA  1 
ATOM   1380 C C   . ILE B 2 24  ? -12.109 -5.467  2.930   1.00 54.26  ? 39  ILE B C   1 
ATOM   1381 O O   . ILE B 2 24  ? -11.612 -5.713  4.032   1.00 55.53  ? 39  ILE B O   1 
ATOM   1382 C CB  . ILE B 2 24  ? -13.510 -7.498  2.870   1.00 59.48  ? 39  ILE B CB  1 
ATOM   1383 C CG1 . ILE B 2 24  ? -12.540 -8.238  1.949   1.00 56.79  ? 39  ILE B CG1 1 
ATOM   1384 C CG2 . ILE B 2 24  ? -14.923 -8.059  2.732   1.00 66.45  ? 39  ILE B CG2 1 
ATOM   1385 C CD1 . ILE B 2 24  ? -12.379 -9.707  2.301   1.00 55.10  ? 39  ILE B CD1 1 
ATOM   1386 N N   . GLN B 2 25  ? -11.493 -4.741  2.002   1.00 53.39  ? 40  GLN B N   1 
ATOM   1387 C CA  . GLN B 2 25  ? -10.153 -4.203  2.211   1.00 55.21  ? 40  GLN B CA  1 
ATOM   1388 C C   . GLN B 2 25  ? -10.053 -3.370  3.479   1.00 55.31  ? 40  GLN B C   1 
ATOM   1389 O O   . GLN B 2 25  ? -9.029  -3.386  4.161   1.00 61.06  ? 40  GLN B O   1 
ATOM   1390 C CB  . GLN B 2 25  ? -9.723  -3.359  1.013   1.00 54.97  ? 40  GLN B CB  1 
ATOM   1391 C CG  . GLN B 2 25  ? -10.744 -2.334  0.592   1.00 57.27  ? 40  GLN B CG  1 
ATOM   1392 C CD  . GLN B 2 25  ? -10.109 -1.023  0.209   1.00 65.74  ? 40  GLN B CD  1 
ATOM   1393 O OE1 . GLN B 2 25  ? -9.176  -0.558  0.866   1.00 68.92  ? 40  GLN B OE1 1 
ATOM   1394 N NE2 . GLN B 2 25  ? -10.603 -0.419  -0.863  1.00 68.98  ? 40  GLN B NE2 1 
ATOM   1395 N N   . GLY B 2 26  ? -11.120 -2.645  3.795   1.00 53.24  ? 41  GLY B N   1 
ATOM   1396 C CA  . GLY B 2 26  ? -11.131 -1.791  4.967   1.00 50.41  ? 41  GLY B CA  1 
ATOM   1397 C C   . GLY B 2 26  ? -10.907 -2.593  6.229   1.00 55.94  ? 41  GLY B C   1 
ATOM   1398 O O   . GLY B 2 26  ? -10.159 -2.192  7.123   1.00 60.75  ? 41  GLY B O   1 
ATOM   1399 N N   . ALA B 2 27  ? -11.551 -3.752  6.285   1.00 56.52  ? 42  ALA B N   1 
ATOM   1400 C CA  . ALA B 2 27  ? -11.417 -4.650  7.417   1.00 51.94  ? 42  ALA B CA  1 
ATOM   1401 C C   . ALA B 2 27  ? -10.087 -5.388  7.355   1.00 49.70  ? 42  ALA B C   1 
ATOM   1402 O O   . ALA B 2 27  ? -9.504  -5.722  8.383   1.00 56.07  ? 42  ALA B O   1 
ATOM   1403 C CB  . ALA B 2 27  ? -12.567 -5.628  7.440   1.00 49.20  ? 42  ALA B CB  1 
ATOM   1404 N N   . ILE B 2 28  ? -9.614  -5.643  6.141   1.00 47.97  ? 43  ILE B N   1 
ATOM   1405 C CA  . ILE B 2 28  ? -8.365  -6.370  5.949   1.00 51.18  ? 43  ILE B CA  1 
ATOM   1406 C C   . ILE B 2 28  ? -7.188  -5.534  6.409   1.00 50.62  ? 43  ILE B C   1 
ATOM   1407 O O   . ILE B 2 28  ? -6.275  -6.027  7.079   1.00 45.52  ? 43  ILE B O   1 
ATOM   1408 C CB  . ILE B 2 28  ? -8.152  -6.760  4.484   1.00 49.82  ? 43  ILE B CB  1 
ATOM   1409 C CG1 . ILE B 2 28  ? -9.161  -7.826  4.061   1.00 45.64  ? 43  ILE B CG1 1 
ATOM   1410 C CG2 . ILE B 2 28  ? -6.751  -7.287  4.278   1.00 47.37  ? 43  ILE B CG2 1 
ATOM   1411 C CD1 . ILE B 2 28  ? -9.010  -8.244  2.616   1.00 44.18  ? 43  ILE B CD1 1 
ATOM   1412 N N   . SER B 2 29  ? -7.235  -4.251  6.063   1.00 57.71  ? 44  SER B N   1 
ATOM   1413 C CA  . SER B 2 29  ? -6.156  -3.323  6.380   1.00 55.20  ? 44  SER B CA  1 
ATOM   1414 C C   . SER B 2 29  ? -5.930  -3.194  7.883   1.00 53.75  ? 44  SER B C   1 
ATOM   1415 O O   . SER B 2 29  ? -4.837  -2.848  8.325   1.00 50.68  ? 44  SER B O   1 
ATOM   1416 C CB  . SER B 2 29  ? -6.446  -1.959  5.774   1.00 51.49  ? 44  SER B CB  1 
ATOM   1417 O OG  . SER B 2 29  ? -5.644  -0.977  6.390   1.00 60.61  ? 44  SER B OG  1 
ATOM   1418 N N   . LYS B 2 30  ? -6.956  -3.515  8.661   1.00 52.83  ? 45  LYS B N   1 
ATOM   1419 C CA  . LYS B 2 30  ? -6.889  -3.410  10.115  1.00 52.90  ? 45  LYS B CA  1 
ATOM   1420 C C   . LYS B 2 30  ? -6.364  -4.687  10.794  1.00 56.36  ? 45  LYS B C   1 
ATOM   1421 O O   . LYS B 2 30  ? -6.194  -4.725  12.011  1.00 58.06  ? 45  LYS B O   1 
ATOM   1422 C CB  . LYS B 2 30  ? -8.276  -3.060  10.659  1.00 65.67  ? 45  LYS B CB  1 
ATOM   1423 C CG  . LYS B 2 30  ? -8.289  -2.476  12.057  1.00 74.28  ? 45  LYS B CG  1 
ATOM   1424 C CD  . LYS B 2 30  ? -9.704  -2.105  12.469  1.00 75.08  ? 45  LYS B CD  1 
ATOM   1425 C CE  . LYS B 2 30  ? -9.754  -1.633  13.912  1.00 82.50  ? 45  LYS B CE  1 
ATOM   1426 N NZ  . LYS B 2 30  ? -11.110 -1.140  14.275  1.00 84.74  ? 45  LYS B NZ  1 
ATOM   1427 N N   . ILE B 2 31  ? -6.109  -5.734  10.016  1.00 53.32  ? 46  ILE B N   1 
ATOM   1428 C CA  . ILE B 2 31  ? -5.574  -6.972  10.587  1.00 54.66  ? 46  ILE B CA  1 
ATOM   1429 C C   . ILE B 2 31  ? -4.068  -6.865  10.836  1.00 50.39  ? 46  ILE B C   1 
ATOM   1430 O O   . ILE B 2 31  ? -3.335  -6.293  10.029  1.00 52.47  ? 46  ILE B O   1 
ATOM   1431 C CB  . ILE B 2 31  ? -5.865  -8.186  9.669   1.00 55.89  ? 46  ILE B CB  1 
ATOM   1432 C CG1 . ILE B 2 31  ? -7.373  -8.375  9.504   1.00 51.87  ? 46  ILE B CG1 1 
ATOM   1433 C CG2 . ILE B 2 31  ? -5.235  -9.462  10.217  1.00 46.81  ? 46  ILE B CG2 1 
ATOM   1434 C CD1 . ILE B 2 31  ? -7.745  -9.635  8.774   1.00 55.56  ? 46  ILE B CD1 1 
ATOM   1435 N N   . ASP B 2 32  ? -3.612  -7.411  11.959  1.00 49.02  ? 47  ASP B N   1 
ATOM   1436 C CA  . ASP B 2 32  ? -2.201  -7.383  12.320  1.00 51.74  ? 47  ASP B CA  1 
ATOM   1437 C C   . ASP B 2 32  ? -1.316  -8.014  11.234  1.00 57.45  ? 47  ASP B C   1 
ATOM   1438 O O   . ASP B 2 32  ? -1.486  -9.195  10.894  1.00 48.17  ? 47  ASP B O   1 
ATOM   1439 C CB  . ASP B 2 32  ? -1.988  -8.097  13.657  1.00 50.67  ? 47  ASP B CB  1 
ATOM   1440 C CG  . ASP B 2 32  ? -0.663  -7.743  14.305  1.00 66.21  ? 47  ASP B CG  1 
ATOM   1441 O OD1 . ASP B 2 32  ? 0.392   -7.947  13.668  1.00 68.89  ? 47  ASP B OD1 1 
ATOM   1442 O OD2 . ASP B 2 32  ? -0.674  -7.244  15.450  1.00 76.19  ? 47  ASP B OD2 1 
ATOM   1443 N N   . PRO B 2 33  ? -0.365  -7.222  10.695  1.00 47.29  ? 48  PRO B N   1 
ATOM   1444 C CA  . PRO B 2 33  ? 0.561   -7.638  9.632   1.00 45.13  ? 48  PRO B CA  1 
ATOM   1445 C C   . PRO B 2 33  ? 1.189   -9.012  9.859   1.00 47.71  ? 48  PRO B C   1 
ATOM   1446 O O   . PRO B 2 33  ? 1.496   -9.707  8.896   1.00 48.63  ? 48  PRO B O   1 
ATOM   1447 C CB  . PRO B 2 33  ? 1.641   -6.546  9.664   1.00 48.90  ? 48  PRO B CB  1 
ATOM   1448 C CG  . PRO B 2 33  ? 0.909   -5.320  10.118  1.00 45.28  ? 48  PRO B CG  1 
ATOM   1449 C CD  . PRO B 2 33  ? -0.140  -5.820  11.101  1.00 49.37  ? 48  PRO B CD  1 
ATOM   1450 N N   . GLU B 2 34  ? 1.377   -9.402  11.111  1.00 49.11  ? 49  GLU B N   1 
ATOM   1451 C CA  . GLU B 2 34  ? 1.994   -10.690 11.390  1.00 57.95  ? 49  GLU B CA  1 
ATOM   1452 C C   . GLU B 2 34  ? 1.056   -11.832 11.014  1.00 53.32  ? 49  GLU B C   1 
ATOM   1453 O O   . GLU B 2 34  ? 1.507   -12.897 10.613  1.00 56.07  ? 49  GLU B O   1 
ATOM   1454 C CB  . GLU B 2 34  ? 2.411   -10.788 12.858  1.00 59.66  ? 49  GLU B CB  1 
ATOM   1455 C CG  . GLU B 2 34  ? 3.917   -10.986 13.054  1.00 63.35  ? 49  GLU B CG  1 
ATOM   1456 C CD  . GLU B 2 34  ? 4.763   -9.883  12.415  1.00 67.51  ? 49  GLU B CD  1 
ATOM   1457 O OE1 . GLU B 2 34  ? 5.846   -10.193 11.871  1.00 65.70  ? 49  GLU B OE1 1 
ATOM   1458 O OE2 . GLU B 2 34  ? 4.355   -8.701  12.461  1.00 75.07  ? 49  GLU B OE2 1 
ATOM   1459 N N   . ILE B 2 35  ? -0.250  -11.601 11.119  1.00 53.02  ? 50  ILE B N   1 
ATOM   1460 C CA  . ILE B 2 35  ? -1.222  -12.597 10.674  1.00 52.31  ? 50  ILE B CA  1 
ATOM   1461 C C   . ILE B 2 35  ? -1.220  -12.695 9.153   1.00 48.67  ? 50  ILE B C   1 
ATOM   1462 O O   . ILE B 2 35  ? -1.260  -13.799 8.605   1.00 52.91  ? 50  ILE B O   1 
ATOM   1463 C CB  . ILE B 2 35  ? -2.644  -12.283 11.171  1.00 50.36  ? 50  ILE B CB  1 
ATOM   1464 C CG1 . ILE B 2 35  ? -2.805  -12.726 12.625  1.00 55.42  ? 50  ILE B CG1 1 
ATOM   1465 C CG2 . ILE B 2 35  ? -3.687  -12.996 10.320  1.00 51.80  ? 50  ILE B CG2 1 
ATOM   1466 C CD1 . ILE B 2 35  ? -2.567  -11.636 13.630  1.00 59.71  ? 50  ILE B CD1 1 
ATOM   1467 N N   . ILE B 2 36  ? -1.154  -11.550 8.473   1.00 48.53  ? 51  ILE B N   1 
ATOM   1468 C CA  . ILE B 2 36  ? -1.091  -11.547 7.014   1.00 46.41  ? 51  ILE B CA  1 
ATOM   1469 C C   . ILE B 2 36  ? 0.160   -12.291 6.547   1.00 48.44  ? 51  ILE B C   1 
ATOM   1470 O O   . ILE B 2 36  ? 0.114   -13.026 5.562   1.00 47.43  ? 51  ILE B O   1 
ATOM   1471 C CB  . ILE B 2 36  ? -1.108  -10.118 6.430   1.00 45.90  ? 51  ILE B CB  1 
ATOM   1472 C CG1 . ILE B 2 36  ? -2.480  -9.479  6.618   1.00 51.83  ? 51  ILE B CG1 1 
ATOM   1473 C CG2 . ILE B 2 36  ? -0.822  -10.128 4.941   1.00 41.36  ? 51  ILE B CG2 1 
ATOM   1474 C CD1 . ILE B 2 36  ? -2.584  -8.629  7.848   1.00 53.60  ? 51  ILE B CD1 1 
ATOM   1475 N N   . LYS B 2 37  ? 1.262   -12.133 7.275   1.00 45.96  ? 52  LYS B N   1 
ATOM   1476 C CA  . LYS B 2 37  ? 2.487   -12.874 6.963   1.00 52.97  ? 52  LYS B CA  1 
ATOM   1477 C C   . LYS B 2 37  ? 2.267   -14.387 6.969   1.00 51.32  ? 52  LYS B C   1 
ATOM   1478 O O   . LYS B 2 37  ? 2.653   -15.078 6.028   1.00 53.62  ? 52  LYS B O   1 
ATOM   1479 C CB  . LYS B 2 37  ? 3.599   -12.522 7.954   1.00 53.10  ? 52  LYS B CB  1 
ATOM   1480 C CG  . LYS B 2 37  ? 4.340   -11.222 7.665   1.00 50.41  ? 52  LYS B CG  1 
ATOM   1481 C CD  . LYS B 2 37  ? 5.299   -10.891 8.804   1.00 53.20  ? 52  LYS B CD  1 
ATOM   1482 C CE  . LYS B 2 37  ? 5.946   -9.522  8.616   1.00 58.24  ? 52  LYS B CE  1 
ATOM   1483 N NZ  . LYS B 2 37  ? 6.862   -9.159  9.741   1.00 51.73  ? 52  LYS B NZ  1 
ATOM   1484 N N   . SER B 2 38  ? 1.645   -14.895 8.028   1.00 52.29  ? 53  SER B N   1 
ATOM   1485 C CA  . SER B 2 38  ? 1.399   -16.335 8.173   1.00 57.86  ? 53  SER B CA  1 
ATOM   1486 C C   . SER B 2 38  ? 0.447   -16.886 7.114   1.00 52.09  ? 53  SER B C   1 
ATOM   1487 O O   . SER B 2 38  ? 0.688   -17.952 6.552   1.00 56.68  ? 53  SER B O   1 
ATOM   1488 C CB  . SER B 2 38  ? 0.850   -16.633 9.564   1.00 53.53  ? 53  SER B CB  1 
ATOM   1489 O OG  . SER B 2 38  ? -0.021  -15.596 9.969   1.00 62.84  ? 53  SER B OG  1 
ATOM   1490 N N   . LEU B 2 39  ? -0.631  -16.157 6.848   1.00 47.89  ? 54  LEU B N   1 
ATOM   1491 C CA  . LEU B 2 39  ? -1.582  -16.559 5.815   1.00 47.55  ? 54  LEU B CA  1 
ATOM   1492 C C   . LEU B 2 39  ? -0.930  -16.558 4.441   1.00 52.39  ? 54  LEU B C   1 
ATOM   1493 O O   . LEU B 2 39  ? -1.190  -17.442 3.627   1.00 59.50  ? 54  LEU B O   1 
ATOM   1494 C CB  . LEU B 2 39  ? -2.807  -15.637 5.808   1.00 45.56  ? 54  LEU B CB  1 
ATOM   1495 C CG  . LEU B 2 39  ? -3.673  -15.614 7.071   1.00 53.51  ? 54  LEU B CG  1 
ATOM   1496 C CD1 . LEU B 2 39  ? -4.837  -14.647 6.922   1.00 59.29  ? 54  LEU B CD1 1 
ATOM   1497 C CD2 . LEU B 2 39  ? -4.176  -16.998 7.397   1.00 51.81  ? 54  LEU B CD2 1 
ATOM   1498 N N   . LEU B 2 40  ? -0.088  -15.560 4.183   1.00 54.26  ? 55  LEU B N   1 
ATOM   1499 C CA  . LEU B 2 40  ? 0.591   -15.457 2.897   1.00 54.66  ? 55  LEU B CA  1 
ATOM   1500 C C   . LEU B 2 40  ? 1.692   -16.501 2.776   1.00 60.29  ? 55  LEU B C   1 
ATOM   1501 O O   . LEU B 2 40  ? 1.965   -16.999 1.683   1.00 63.86  ? 55  LEU B O   1 
ATOM   1502 C CB  . LEU B 2 40  ? 1.169   -14.061 2.698   1.00 56.13  ? 55  LEU B CB  1 
ATOM   1503 C CG  . LEU B 2 40  ? 0.133   -12.968 2.439   1.00 55.79  ? 55  LEU B CG  1 
ATOM   1504 C CD1 . LEU B 2 40  ? 0.822   -11.661 2.133   1.00 52.99  ? 55  LEU B CD1 1 
ATOM   1505 C CD2 . LEU B 2 40  ? -0.779  -13.371 1.301   1.00 50.99  ? 55  LEU B CD2 1 
ATOM   1506 N N   . ALA B 2 41  ? 2.312   -16.838 3.902   1.00 60.48  ? 56  ALA B N   1 
ATOM   1507 C CA  . ALA B 2 41  ? 3.306   -17.909 3.939   1.00 66.54  ? 56  ALA B CA  1 
ATOM   1508 C C   . ALA B 2 41  ? 2.676   -19.278 3.703   1.00 66.91  ? 56  ALA B C   1 
ATOM   1509 O O   . ALA B 2 41  ? 3.387   -20.256 3.485   1.00 75.65  ? 56  ALA B O   1 
ATOM   1510 C CB  . ALA B 2 41  ? 4.042   -17.901 5.268   1.00 73.30  ? 56  ALA B CB  1 
ATOM   1511 N N   . SER B 2 42  ? 1.346   -19.331 3.752   1.00 70.57  ? 57  SER B N   1 
ATOM   1512 C CA  . SER B 2 42  ? 0.579   -20.571 3.627   1.00 72.36  ? 57  SER B CA  1 
ATOM   1513 C C   . SER B 2 42  ? 0.884   -21.519 4.786   1.00 73.93  ? 57  SER B C   1 
ATOM   1514 O O   . SER B 2 42  ? 0.952   -22.738 4.608   1.00 79.02  ? 57  SER B O   1 
ATOM   1515 C CB  . SER B 2 42  ? 0.857   -21.256 2.284   1.00 73.64  ? 57  SER B CB  1 
ATOM   1516 O OG  . SER B 2 42  ? 0.044   -22.403 2.111   1.00 72.08  ? 57  SER B OG  1 
HETATM 1517 O O   . HOH C 3 .   ? -12.160 0.357   -16.126 1.00 93.81  ? 301 HOH A O   1 
HETATM 1518 O O   . HOH C 3 .   ? 12.173  -7.688  1.112   1.00 74.53  ? 302 HOH A O   1 
HETATM 1519 O O   . HOH C 3 .   ? 7.980   -6.926  -1.286  1.00 45.94  ? 303 HOH A O   1 
HETATM 1520 O O   . HOH C 3 .   ? 8.091   16.937  3.674   1.00 58.57  ? 304 HOH A O   1 
HETATM 1521 O O   . HOH C 3 .   ? -6.026  -0.326  -12.099 1.00 77.84  ? 305 HOH A O   1 
HETATM 1522 O O   . HOH C 3 .   ? 10.212  -5.939  5.450   1.00 50.94  ? 306 HOH A O   1 
HETATM 1523 O O   . HOH C 3 .   ? 0.463   12.806  -16.380 1.00 67.42  ? 307 HOH A O   1 
HETATM 1524 O O   . HOH C 3 .   ? 12.208  19.266  4.400   1.00 64.38  ? 308 HOH A O   1 
HETATM 1525 O O   . HOH D 3 .   ? 3.042   -23.777 5.160   1.00 72.73  ? 101 HOH B O   1 
HETATM 1526 O O   . HOH D 3 .   ? -3.136  -3.645  10.658  1.00 50.43  ? 102 HOH B O   1 
HETATM 1527 O O   . HOH D 3 .   ? 2.412   -20.197 7.347   0.50 67.25  ? 103 HOH B O   1 
HETATM 1528 O O   . HOH D 3 .   ? -12.329 -6.241  -9.205  1.00 66.03  ? 104 HOH B O   1 
HETATM 1529 O O   . HOH D 3 .   ? -35.778 -14.251 -9.223  1.00 59.14  ? 105 HOH B O   1 
# 
loop_
_pdbx_poly_seq_scheme.asym_id 
_pdbx_poly_seq_scheme.entity_id 
_pdbx_poly_seq_scheme.seq_id 
_pdbx_poly_seq_scheme.mon_id 
_pdbx_poly_seq_scheme.ndb_seq_num 
_pdbx_poly_seq_scheme.pdb_seq_num 
_pdbx_poly_seq_scheme.auth_seq_num 
_pdbx_poly_seq_scheme.pdb_mon_id 
_pdbx_poly_seq_scheme.auth_mon_id 
_pdbx_poly_seq_scheme.pdb_strand_id 
_pdbx_poly_seq_scheme.pdb_ins_code 
_pdbx_poly_seq_scheme.hetero 
A 1 1   GLN 1   44  ?   ?   ?   A . n 
A 1 2   PRO 2   45  ?   ?   ?   A . n 
A 1 3   GLN 3   46  ?   ?   ?   A . n 
A 1 4   PHE 4   47  ?   ?   ?   A . n 
A 1 5   ASN 5   48  ?   ?   ?   A . n 
A 1 6   GLU 6   49  ?   ?   ?   A . n 
A 1 7   ASP 7   50  ?   ?   ?   A . n 
A 1 8   THR 8   51  51  THR THR A . n 
A 1 9   LEU 9   52  52  LEU LEU A . n 
A 1 10  GLN 10  53  53  GLN GLN A . n 
A 1 11  GLN 11  54  54  GLN GLN A . n 
A 1 12  ARG 12  55  55  ARG ARG A . n 
A 1 13  LEU 13  56  56  LEU LEU A . n 
A 1 14  GLN 14  57  57  GLN GLN A . n 
A 1 15  ALA 15  58  58  ALA ALA A . n 
A 1 16  LEU 16  59  59  LEU LEU A . n 
A 1 17  ILE 17  60  60  ILE ILE A . n 
A 1 18  GLU 18  61  61  GLU GLU A . n 
A 1 19  SER 19  62  62  SER SER A . n 
A 1 20  ALA 20  63  63  ALA ALA A . n 
A 1 21  GLY 21  64  64  GLY GLY A . n 
A 1 22  GLU 22  65  65  GLU GLU A . n 
A 1 23  ASN 23  66  66  ASN ASN A . n 
A 1 24  TRP 24  67  67  TRP TRP A . n 
A 1 25  THR 25  68  68  THR THR A . n 
A 1 26  TYR 26  69  69  TYR TYR A . n 
A 1 27  ALA 27  70  70  ALA ALA A . n 
A 1 28  ILE 28  71  71  ILE ILE A . n 
A 1 29  PHE 29  72  72  PHE PHE A . n 
A 1 30  TRP 30  73  73  TRP TRP A . n 
A 1 31  GLN 31  74  74  GLN GLN A . n 
A 1 32  ILE 32  75  75  ILE ILE A . n 
A 1 33  SER 33  76  76  SER SER A . n 
A 1 34  HIS 34  77  77  HIS HIS A . n 
A 1 35  ASP 35  78  78  ASP ASP A . n 
A 1 36  PHE 36  79  79  PHE PHE A . n 
A 1 37  ASP 37  80  80  ASP ASP A . n 
A 1 38  SER 38  81  81  SER SER A . n 
A 1 39  SER 39  82  82  SER SER A . n 
A 1 40  THR 40  83  83  THR THR A . n 
A 1 41  GLY 41  84  84  GLY GLY A . n 
A 1 42  ASP 42  85  85  ASP ASP A . n 
A 1 43  ASN 43  86  86  ASN ASN A . n 
A 1 44  THR 44  87  87  THR THR A . n 
A 1 45  VAL 45  88  88  VAL VAL A . n 
A 1 46  ILE 46  89  89  ILE ILE A . n 
A 1 47  LEU 47  90  90  LEU LEU A . n 
A 1 48  GLY 48  91  91  GLY GLY A . n 
A 1 49  TRP 49  92  92  TRP TRP A . n 
A 1 50  GLY 50  93  93  GLY GLY A . n 
A 1 51  ASP 51  94  94  ASP ASP A . n 
A 1 52  GLY 52  95  95  GLY GLY A . n 
A 1 53  TYR 53  96  96  TYR TYR A . n 
A 1 54  TYR 54  97  97  TYR TYR A . n 
A 1 55  LYS 55  98  98  LYS LYS A . n 
A 1 56  GLY 56  99  99  GLY GLY A . n 
A 1 57  GLU 57  100 100 GLU GLU A . n 
A 1 58  GLU 58  101 ?   ?   ?   A . n 
A 1 59  ASP 59  102 ?   ?   ?   A . n 
A 1 60  LYS 60  103 ?   ?   ?   A . n 
A 1 61  GLU 61  104 ?   ?   ?   A . n 
A 1 62  LYS 62  105 ?   ?   ?   A . n 
A 1 63  LYS 63  106 ?   ?   ?   A . n 
A 1 64  LYS 64  107 ?   ?   ?   A . n 
A 1 65  ASN 65  108 ?   ?   ?   A . n 
A 1 66  ASN 66  109 ?   ?   ?   A . n 
A 1 67  THR 67  110 110 THR THR A . n 
A 1 68  ASN 68  111 111 ASN ASN A . n 
A 1 69  THR 69  112 112 THR THR A . n 
A 1 70  ALA 70  113 113 ALA ALA A . n 
A 1 71  GLU 71  114 114 GLU GLU A . n 
A 1 72  GLN 72  115 115 GLN GLN A . n 
A 1 73  GLU 73  116 116 GLU GLU A . n 
A 1 74  HIS 74  117 117 HIS HIS A . n 
A 1 75  ARG 75  118 118 ARG ARG A . n 
A 1 76  LYS 76  119 119 LYS LYS A . n 
A 1 77  ARG 77  120 120 ARG ARG A . n 
A 1 78  VAL 78  121 121 VAL VAL A . n 
A 1 79  ILE 79  122 122 ILE ILE A . n 
A 1 80  ARG 80  123 123 ARG ARG A . n 
A 1 81  GLU 81  124 124 GLU GLU A . n 
A 1 82  LEU 82  125 125 LEU LEU A . n 
A 1 83  ASN 83  126 126 ASN ASN A . n 
A 1 84  SER 84  127 127 SER SER A . n 
A 1 85  LEU 85  128 128 LEU LEU A . n 
A 1 86  ILE 86  129 129 ILE ILE A . n 
A 1 87  SER 87  130 130 SER SER A . n 
A 1 88  GLY 88  131 ?   ?   ?   A . n 
A 1 89  GLY 89  132 ?   ?   ?   A . n 
A 1 90  ILE 90  133 ?   ?   ?   A . n 
A 1 91  GLY 91  134 ?   ?   ?   A . n 
A 1 92  VAL 92  135 ?   ?   ?   A . n 
A 1 93  SER 93  136 ?   ?   ?   A . n 
A 1 94  ASP 94  137 ?   ?   ?   A . n 
A 1 95  GLU 95  138 ?   ?   ?   A . n 
A 1 96  SER 96  139 ?   ?   ?   A . n 
A 1 97  ASN 97  140 ?   ?   ?   A . n 
A 1 98  ASP 98  141 141 ASP ASP A . n 
A 1 99  GLU 99  142 142 GLU GLU A . n 
A 1 100 GLU 100 143 143 GLU GLU A . n 
A 1 101 VAL 101 144 144 VAL VAL A . n 
A 1 102 THR 102 145 145 THR THR A . n 
A 1 103 ASP 103 146 146 ASP ASP A . n 
A 1 104 THR 104 147 147 THR THR A . n 
A 1 105 GLU 105 148 148 GLU GLU A . n 
A 1 106 TRP 106 149 149 TRP TRP A . n 
A 1 107 PHE 107 150 150 PHE PHE A . n 
A 1 108 PHE 108 151 151 PHE PHE A . n 
A 1 109 LEU 109 152 152 LEU LEU A . n 
A 1 110 VAL 110 153 153 VAL VAL A . n 
A 1 111 SER 111 154 154 SER SER A . n 
A 1 112 MET 112 155 155 MET MET A . n 
A 1 113 THR 113 156 156 THR THR A . n 
A 1 114 GLN 114 157 157 GLN GLN A . n 
A 1 115 SER 115 158 158 SER SER A . n 
A 1 116 PHE 116 159 159 PHE PHE A . n 
A 1 117 VAL 117 160 160 VAL VAL A . n 
A 1 118 ASN 118 161 161 ASN ASN A . n 
A 1 119 GLY 119 162 162 GLY GLY A . n 
A 1 120 VAL 120 163 163 VAL VAL A . n 
A 1 121 GLY 121 164 164 GLY GLY A . n 
A 1 122 LEU 122 165 165 LEU LEU A . n 
A 1 123 PRO 123 166 166 PRO PRO A . n 
A 1 124 GLY 124 167 167 GLY GLY A . n 
A 1 125 GLU 125 168 168 GLU GLU A . n 
A 1 126 SER 126 169 169 SER SER A . n 
A 1 127 PHE 127 170 170 PHE PHE A . n 
A 1 128 LEU 128 171 171 LEU LEU A . n 
A 1 129 ASN 129 172 172 ASN ASN A . n 
A 1 130 SER 130 173 173 SER SER A . n 
A 1 131 ARG 131 174 174 ARG ARG A . n 
A 1 132 VAL 132 175 175 VAL VAL A . n 
A 1 133 ILE 133 176 176 ILE ILE A . n 
A 1 134 TRP 134 177 177 TRP TRP A . n 
A 1 135 LEU 135 178 178 LEU LEU A . n 
A 1 136 SER 136 179 179 SER SER A . n 
A 1 137 GLY 137 180 180 GLY GLY A . n 
A 1 138 SER 138 181 181 SER SER A . n 
A 1 139 GLY 139 182 182 GLY GLY A . n 
A 1 140 ALA 140 183 183 ALA ALA A . n 
A 1 141 LEU 141 184 184 LEU LEU A . n 
A 1 142 THR 142 185 185 THR THR A . n 
A 1 143 GLY 143 186 186 GLY GLY A . n 
A 1 144 SER 144 187 187 SER SER A . n 
A 1 145 GLY 145 188 188 GLY GLY A . n 
A 1 146 CYS 146 189 189 CYS CYS A . n 
A 1 147 GLU 147 190 190 GLU GLU A . n 
A 1 148 ARG 148 191 191 ARG ARG A . n 
A 1 149 ALA 149 192 192 ALA ALA A . n 
A 1 150 GLY 150 193 193 GLY GLY A . n 
A 1 151 GLN 151 194 194 GLN GLN A . n 
A 1 152 GLY 152 195 195 GLY GLY A . n 
A 1 153 GLN 153 196 196 GLN GLN A . n 
A 1 154 ILE 154 197 197 ILE ILE A . n 
A 1 155 TYR 155 198 198 TYR TYR A . n 
A 1 156 GLY 156 199 199 GLY GLY A . n 
A 1 157 LEU 157 200 200 LEU LEU A . n 
A 1 158 LYS 158 201 201 LYS LYS A . n 
A 1 159 THR 159 202 202 THR THR A . n 
A 1 160 MET 160 203 203 MET MET A . n 
A 1 161 VAL 161 204 204 VAL VAL A . n 
A 1 162 CYS 162 205 205 CYS CYS A . n 
A 1 163 ILE 163 206 206 ILE ILE A . n 
A 1 164 ALA 164 207 207 ALA ALA A . n 
A 1 165 THR 165 208 208 THR THR A . n 
A 1 166 GLN 166 209 209 GLN GLN A . n 
A 1 167 ASN 167 210 210 ASN ASN A . n 
A 1 168 GLY 168 211 211 GLY GLY A . n 
A 1 169 VAL 169 212 212 VAL VAL A . n 
A 1 170 VAL 170 213 213 VAL VAL A . n 
A 1 171 GLU 171 214 214 GLU GLU A . n 
A 1 172 LEU 172 215 215 LEU LEU A . n 
A 1 173 GLY 173 216 216 GLY GLY A . n 
A 1 174 SER 174 217 217 SER SER A . n 
A 1 175 SER 175 218 218 SER SER A . n 
A 1 176 GLU 176 219 219 GLU GLU A . n 
A 1 177 VAL 177 220 220 VAL VAL A . n 
A 1 178 ILE 178 221 221 ILE ILE A . n 
A 1 179 SER 179 222 222 SER SER A . n 
A 1 180 GLN 180 223 223 GLN GLN A . n 
A 1 181 SER 181 224 224 SER SER A . n 
A 1 182 SER 182 225 225 SER SER A . n 
A 1 183 ASP 183 226 226 ASP ASP A . n 
A 1 184 LEU 184 227 227 LEU LEU A . n 
A 1 185 MET 185 228 228 MET MET A . n 
A 1 186 HIS 186 229 229 HIS HIS A . n 
A 1 187 LYS 187 230 230 LYS LYS A . n 
A 1 188 VAL 188 231 231 VAL VAL A . n 
A 1 189 ASN 189 232 232 ASN ASN A . n 
A 1 190 ASN 190 233 233 ASN ASN A . n 
A 1 191 LEU 191 234 234 LEU LEU A . n 
A 1 192 PHE 192 235 235 PHE PHE A . n 
A 1 193 ASN 193 236 236 ASN ASN A . n 
A 1 194 PHE 194 237 ?   ?   ?   A . n 
A 1 195 ASN 195 238 ?   ?   ?   A . n 
A 1 196 ASN 196 239 ?   ?   ?   A . n 
A 1 197 GLY 197 240 ?   ?   ?   A . n 
A 1 198 GLY 198 241 ?   ?   ?   A . n 
A 1 199 GLY 199 242 ?   ?   ?   A . n 
B 2 1   LYS 1   16  ?   ?   ?   B . n 
B 2 2   GLN 2   17  ?   ?   ?   B . n 
B 2 3   THR 3   18  ?   ?   ?   B . n 
B 2 4   ASN 4   19  ?   ?   ?   B . n 
B 2 5   ASN 5   20  ?   ?   ?   B . n 
B 2 6   ALA 6   21  ?   ?   ?   B . n 
B 2 7   PRO 7   22  ?   ?   ?   B . n 
B 2 8   LYS 8   23  ?   ?   ?   B . n 
B 2 9   PRO 9   24  ?   ?   ?   B . n 
B 2 10  LYS 10  25  ?   ?   ?   B . n 
B 2 11  PHE 11  26  26  PHE PHE B . n 
B 2 12  GLN 12  27  27  GLN GLN B . n 
B 2 13  LYS 13  28  28  LYS LYS B . n 
B 2 14  PHE 14  29  29  PHE PHE B . n 
B 2 15  LEU 15  30  30  LEU LEU B . n 
B 2 16  ASP 16  31  31  ASP ASP B . n 
B 2 17  ARG 17  32  32  ARG ARG B . n 
B 2 18  ARG 18  33  33  ARG ARG B . n 
B 2 19  ARG 19  34  34  ARG ARG B . n 
B 2 20  SER 20  35  35  SER SER B . n 
B 2 21  PHE 21  36  36  PHE PHE B . n 
B 2 22  ARG 22  37  37  ARG ARG B . n 
B 2 23  ASP 23  38  38  ASP ASP B . n 
B 2 24  ILE 24  39  39  ILE ILE B . n 
B 2 25  GLN 25  40  40  GLN GLN B . n 
B 2 26  GLY 26  41  41  GLY GLY B . n 
B 2 27  ALA 27  42  42  ALA ALA B . n 
B 2 28  ILE 28  43  43  ILE ILE B . n 
B 2 29  SER 29  44  44  SER SER B . n 
B 2 30  LYS 30  45  45  LYS LYS B . n 
B 2 31  ILE 31  46  46  ILE ILE B . n 
B 2 32  ASP 32  47  47  ASP ASP B . n 
B 2 33  PRO 33  48  48  PRO PRO B . n 
B 2 34  GLU 34  49  49  GLU GLU B . n 
B 2 35  ILE 35  50  50  ILE ILE B . n 
B 2 36  ILE 36  51  51  ILE ILE B . n 
B 2 37  LYS 37  52  52  LYS LYS B . n 
B 2 38  SER 38  53  53  SER SER B . n 
B 2 39  LEU 39  54  54  LEU LEU B . n 
B 2 40  LEU 40  55  55  LEU LEU B . n 
B 2 41  ALA 41  56  56  ALA ALA B . n 
B 2 42  SER 42  57  57  SER SER B . n 
B 2 43  THR 43  58  ?   ?   ?   B . n 
# 
loop_
_pdbx_nonpoly_scheme.asym_id 
_pdbx_nonpoly_scheme.entity_id 
_pdbx_nonpoly_scheme.mon_id 
_pdbx_nonpoly_scheme.ndb_seq_num 
_pdbx_nonpoly_scheme.pdb_seq_num 
_pdbx_nonpoly_scheme.auth_seq_num 
_pdbx_nonpoly_scheme.pdb_mon_id 
_pdbx_nonpoly_scheme.auth_mon_id 
_pdbx_nonpoly_scheme.pdb_strand_id 
_pdbx_nonpoly_scheme.pdb_ins_code 
C 3 HOH 1 301 7  HOH HOH A . 
C 3 HOH 2 302 9  HOH HOH A . 
C 3 HOH 3 303 1  HOH HOH A . 
C 3 HOH 4 304 2  HOH HOH A . 
C 3 HOH 5 305 10 HOH HOH A . 
C 3 HOH 6 306 3  HOH HOH A . 
C 3 HOH 7 307 12 HOH HOH A . 
C 3 HOH 8 308 8  HOH HOH A . 
D 3 HOH 1 101 14 HOH HOH B . 
D 3 HOH 2 102 4  HOH HOH B . 
D 3 HOH 3 103 6  HOH HOH B . 
D 3 HOH 4 104 11 HOH HOH B . 
D 3 HOH 5 105 5  HOH HOH B . 
# 
_pdbx_struct_assembly.id                   1 
_pdbx_struct_assembly.details              author_and_software_defined_assembly 
_pdbx_struct_assembly.method_details       PISA 
_pdbx_struct_assembly.oligomeric_details   dimeric 
_pdbx_struct_assembly.oligomeric_count     2 
# 
_pdbx_struct_assembly_gen.assembly_id       1 
_pdbx_struct_assembly_gen.oper_expression   1 
_pdbx_struct_assembly_gen.asym_id_list      A,B,C,D 
# 
loop_
_pdbx_struct_assembly_prop.biol_id 
_pdbx_struct_assembly_prop.type 
_pdbx_struct_assembly_prop.value 
_pdbx_struct_assembly_prop.details 
1 'ABSA (A^2)' 2130  ? 
1 MORE         -15   ? 
1 'SSA (A^2)'  10320 ? 
# 
_pdbx_struct_oper_list.id                   1 
_pdbx_struct_oper_list.type                 'identity operation' 
_pdbx_struct_oper_list.name                 1_555 
_pdbx_struct_oper_list.symmetry_operation   x,y,z 
_pdbx_struct_oper_list.matrix[1][1]         1.0000000000 
_pdbx_struct_oper_list.matrix[1][2]         0.0000000000 
_pdbx_struct_oper_list.matrix[1][3]         0.0000000000 
_pdbx_struct_oper_list.vector[1]            0.0000000000 
_pdbx_struct_oper_list.matrix[2][1]         0.0000000000 
_pdbx_struct_oper_list.matrix[2][2]         1.0000000000 
_pdbx_struct_oper_list.matrix[2][3]         0.0000000000 
_pdbx_struct_oper_list.vector[2]            0.0000000000 
_pdbx_struct_oper_list.matrix[3][1]         0.0000000000 
_pdbx_struct_oper_list.matrix[3][2]         0.0000000000 
_pdbx_struct_oper_list.matrix[3][3]         1.0000000000 
_pdbx_struct_oper_list.vector[3]            0.0000000000 
# 
_pdbx_struct_special_symmetry.id              1 
_pdbx_struct_special_symmetry.PDB_model_num   1 
_pdbx_struct_special_symmetry.auth_asym_id    B 
_pdbx_struct_special_symmetry.auth_comp_id    HOH 
_pdbx_struct_special_symmetry.auth_seq_id     103 
_pdbx_struct_special_symmetry.PDB_ins_code    ? 
_pdbx_struct_special_symmetry.label_asym_id   D 
_pdbx_struct_special_symmetry.label_comp_id   HOH 
_pdbx_struct_special_symmetry.label_seq_id    . 
# 
loop_
_pdbx_audit_revision_history.ordinal 
_pdbx_audit_revision_history.data_content_type 
_pdbx_audit_revision_history.major_revision 
_pdbx_audit_revision_history.minor_revision 
_pdbx_audit_revision_history.revision_date 
1 'Structure model' 1 0 2017-01-25 
2 'Structure model' 1 1 2017-02-15 
3 'Structure model' 1 2 2017-02-22 
4 'Structure model' 1 3 2017-09-20 
5 'Structure model' 1 4 2017-11-01 
6 'Structure model' 1 5 2017-11-29 
7 'Structure model' 1 6 2019-12-25 
8 'Structure model' 1 7 2023-10-04 
# 
_pdbx_audit_revision_details.ordinal             1 
_pdbx_audit_revision_details.revision_ordinal    1 
_pdbx_audit_revision_details.data_content_type   'Structure model' 
_pdbx_audit_revision_details.provider            repository 
_pdbx_audit_revision_details.type                'Initial release' 
_pdbx_audit_revision_details.description         ? 
_pdbx_audit_revision_details.details             ? 
# 
loop_
_pdbx_audit_revision_group.ordinal 
_pdbx_audit_revision_group.revision_ordinal 
_pdbx_audit_revision_group.data_content_type 
_pdbx_audit_revision_group.group 
1 2 'Structure model' 'Database references'        
2 3 'Structure model' 'Database references'        
3 4 'Structure model' 'Author supporting evidence' 
4 5 'Structure model' 'Author supporting evidence' 
5 6 'Structure model' 'Database references'        
6 7 'Structure model' 'Author supporting evidence' 
7 8 'Structure model' 'Data collection'            
8 8 'Structure model' 'Database references'        
9 8 'Structure model' 'Refinement description'     
# 
loop_
_pdbx_audit_revision_category.ordinal 
_pdbx_audit_revision_category.revision_ordinal 
_pdbx_audit_revision_category.data_content_type 
_pdbx_audit_revision_category.category 
1 4 'Structure model' pdbx_audit_support                 
2 5 'Structure model' pdbx_struct_assembly_auth_evidence 
3 6 'Structure model' pdbx_database_related              
4 7 'Structure model' pdbx_audit_support                 
5 8 'Structure model' chem_comp_atom                     
6 8 'Structure model' chem_comp_bond                     
7 8 'Structure model' database_2                         
8 8 'Structure model' pdbx_initial_refinement_model      
# 
loop_
_pdbx_audit_revision_item.ordinal 
_pdbx_audit_revision_item.revision_ordinal 
_pdbx_audit_revision_item.data_content_type 
_pdbx_audit_revision_item.item 
1 4 'Structure model' '_pdbx_audit_support.funding_organization' 
2 7 'Structure model' '_pdbx_audit_support.funding_organization' 
3 8 'Structure model' '_database_2.pdbx_DOI'                     
4 8 'Structure model' '_database_2.pdbx_database_accession'      
# 
loop_
_software.citation_id 
_software.classification 
_software.compiler_name 
_software.compiler_version 
_software.contact_author 
_software.contact_author_email 
_software.date 
_software.description 
_software.dependencies 
_software.hardware 
_software.language 
_software.location 
_software.mods 
_software.name 
_software.os 
_software.os_version 
_software.type 
_software.version 
_software.pdbx_ordinal 
? refinement       ? ? ? ? ? ? ? ? ? ? ? PHENIX  ? ? ? 1.9_1692 1 
? 'data reduction' ? ? ? ? ? ? ? ? ? ? ? XDS     ? ? ? .        2 
? 'data scaling'   ? ? ? ? ? ? ? ? ? ? ? Aimless ? ? ? .        3 
? phasing          ? ? ? ? ? ? ? ? ? ? ? PHASER  ? ? ? .        4 
# 
_pdbx_validate_symm_contact.id                1 
_pdbx_validate_symm_contact.PDB_model_num     1 
_pdbx_validate_symm_contact.auth_atom_id_1    NE1 
_pdbx_validate_symm_contact.auth_asym_id_1    A 
_pdbx_validate_symm_contact.auth_comp_id_1    TRP 
_pdbx_validate_symm_contact.auth_seq_id_1     149 
_pdbx_validate_symm_contact.PDB_ins_code_1    ? 
_pdbx_validate_symm_contact.label_alt_id_1    ? 
_pdbx_validate_symm_contact.site_symmetry_1   1_555 
_pdbx_validate_symm_contact.auth_atom_id_2    O 
_pdbx_validate_symm_contact.auth_asym_id_2    B 
_pdbx_validate_symm_contact.auth_comp_id_2    LEU 
_pdbx_validate_symm_contact.auth_seq_id_2     30 
_pdbx_validate_symm_contact.PDB_ins_code_2    ? 
_pdbx_validate_symm_contact.label_alt_id_2    ? 
_pdbx_validate_symm_contact.site_symmetry_2   8_445 
_pdbx_validate_symm_contact.dist              2.11 
# 
_pdbx_validate_rmsd_angle.id                         1 
_pdbx_validate_rmsd_angle.PDB_model_num              1 
_pdbx_validate_rmsd_angle.auth_atom_id_1             N 
_pdbx_validate_rmsd_angle.auth_asym_id_1             B 
_pdbx_validate_rmsd_angle.auth_comp_id_1             ASP 
_pdbx_validate_rmsd_angle.auth_seq_id_1              31 
_pdbx_validate_rmsd_angle.PDB_ins_code_1             ? 
_pdbx_validate_rmsd_angle.label_alt_id_1             ? 
_pdbx_validate_rmsd_angle.auth_atom_id_2             CA 
_pdbx_validate_rmsd_angle.auth_asym_id_2             B 
_pdbx_validate_rmsd_angle.auth_comp_id_2             ASP 
_pdbx_validate_rmsd_angle.auth_seq_id_2              31 
_pdbx_validate_rmsd_angle.PDB_ins_code_2             ? 
_pdbx_validate_rmsd_angle.label_alt_id_2             ? 
_pdbx_validate_rmsd_angle.auth_atom_id_3             C 
_pdbx_validate_rmsd_angle.auth_asym_id_3             B 
_pdbx_validate_rmsd_angle.auth_comp_id_3             ASP 
_pdbx_validate_rmsd_angle.auth_seq_id_3              31 
_pdbx_validate_rmsd_angle.PDB_ins_code_3             ? 
_pdbx_validate_rmsd_angle.label_alt_id_3             ? 
_pdbx_validate_rmsd_angle.angle_value                91.95 
_pdbx_validate_rmsd_angle.angle_target_value         111.00 
_pdbx_validate_rmsd_angle.angle_deviation            -19.05 
_pdbx_validate_rmsd_angle.angle_standard_deviation   2.70 
_pdbx_validate_rmsd_angle.linker_flag                N 
# 
loop_
_pdbx_validate_torsion.id 
_pdbx_validate_torsion.PDB_model_num 
_pdbx_validate_torsion.auth_comp_id 
_pdbx_validate_torsion.auth_asym_id 
_pdbx_validate_torsion.auth_seq_id 
_pdbx_validate_torsion.PDB_ins_code 
_pdbx_validate_torsion.label_alt_id 
_pdbx_validate_torsion.phi 
_pdbx_validate_torsion.psi 
1 1 THR A 208 ? ? -121.92 -164.64 
2 1 GLN A 223 ? ? -53.60  105.64  
3 1 GLN B 27  ? ? 33.51   51.75   
4 1 PHE B 29  ? ? -81.25  -79.25  
5 1 LEU B 30  ? ? 83.38   -58.66  
# 
loop_
_pdbx_unobs_or_zero_occ_atoms.id 
_pdbx_unobs_or_zero_occ_atoms.PDB_model_num 
_pdbx_unobs_or_zero_occ_atoms.polymer_flag 
_pdbx_unobs_or_zero_occ_atoms.occupancy_flag 
_pdbx_unobs_or_zero_occ_atoms.auth_asym_id 
_pdbx_unobs_or_zero_occ_atoms.auth_comp_id 
_pdbx_unobs_or_zero_occ_atoms.auth_seq_id 
_pdbx_unobs_or_zero_occ_atoms.PDB_ins_code 
_pdbx_unobs_or_zero_occ_atoms.auth_atom_id 
_pdbx_unobs_or_zero_occ_atoms.label_alt_id 
_pdbx_unobs_or_zero_occ_atoms.label_asym_id 
_pdbx_unobs_or_zero_occ_atoms.label_comp_id 
_pdbx_unobs_or_zero_occ_atoms.label_seq_id 
_pdbx_unobs_or_zero_occ_atoms.label_atom_id 
1  1 Y 1 A GLN 54  ? CG  ? A GLN 11  CG  
2  1 Y 1 A GLN 54  ? CD  ? A GLN 11  CD  
3  1 Y 1 A GLN 54  ? OE1 ? A GLN 11  OE1 
4  1 Y 1 A GLN 54  ? NE2 ? A GLN 11  NE2 
5  1 Y 1 A GLU 65  ? CG  ? A GLU 22  CG  
6  1 Y 1 A GLU 65  ? CD  ? A GLU 22  CD  
7  1 Y 1 A GLU 65  ? OE1 ? A GLU 22  OE1 
8  1 Y 1 A GLU 65  ? OE2 ? A GLU 22  OE2 
9  1 Y 1 A PHE 79  ? CG  ? A PHE 36  CG  
10 1 Y 1 A PHE 79  ? CD1 ? A PHE 36  CD1 
11 1 Y 1 A PHE 79  ? CD2 ? A PHE 36  CD2 
12 1 Y 1 A PHE 79  ? CE1 ? A PHE 36  CE1 
13 1 Y 1 A PHE 79  ? CE2 ? A PHE 36  CE2 
14 1 Y 1 A PHE 79  ? CZ  ? A PHE 36  CZ  
15 1 Y 1 A ASP 80  ? CG  ? A ASP 37  CG  
16 1 Y 1 A ASP 80  ? OD1 ? A ASP 37  OD1 
17 1 Y 1 A ASP 80  ? OD2 ? A ASP 37  OD2 
18 1 Y 1 A ASP 85  ? CG  ? A ASP 42  CG  
19 1 Y 1 A ASP 85  ? OD1 ? A ASP 42  OD1 
20 1 Y 1 A ASP 85  ? OD2 ? A ASP 42  OD2 
21 1 Y 1 A ASN 86  ? CG  ? A ASN 43  CG  
22 1 Y 1 A ASN 86  ? OD1 ? A ASN 43  OD1 
23 1 Y 1 A ASN 86  ? ND2 ? A ASN 43  ND2 
24 1 Y 1 A THR 110 ? OG1 ? A THR 67  OG1 
25 1 Y 1 A THR 110 ? CG2 ? A THR 67  CG2 
26 1 Y 1 A LYS 201 ? CG  ? A LYS 158 CG  
27 1 Y 1 A LYS 201 ? CD  ? A LYS 158 CD  
28 1 Y 1 A LYS 201 ? CE  ? A LYS 158 CE  
29 1 Y 1 A LYS 201 ? NZ  ? A LYS 158 NZ  
30 1 Y 1 A SER 224 ? OG  ? A SER 181 OG  
31 1 Y 1 A ASP 226 ? CG  ? A ASP 183 CG  
32 1 Y 1 A ASP 226 ? OD1 ? A ASP 183 OD1 
33 1 Y 1 A ASP 226 ? OD2 ? A ASP 183 OD2 
34 1 Y 1 A HIS 229 ? CG  ? A HIS 186 CG  
35 1 Y 1 A HIS 229 ? ND1 ? A HIS 186 ND1 
36 1 Y 1 A HIS 229 ? CD2 ? A HIS 186 CD2 
37 1 Y 1 A HIS 229 ? CE1 ? A HIS 186 CE1 
38 1 Y 1 A HIS 229 ? NE2 ? A HIS 186 NE2 
39 1 Y 1 B PHE 26  ? CG  ? B PHE 11  CG  
40 1 Y 1 B PHE 26  ? CD1 ? B PHE 11  CD1 
41 1 Y 1 B PHE 26  ? CD2 ? B PHE 11  CD2 
42 1 Y 1 B PHE 26  ? CE1 ? B PHE 11  CE1 
43 1 Y 1 B PHE 26  ? CE2 ? B PHE 11  CE2 
44 1 Y 1 B PHE 26  ? CZ  ? B PHE 11  CZ  
# 
loop_
_pdbx_unobs_or_zero_occ_residues.id 
_pdbx_unobs_or_zero_occ_residues.PDB_model_num 
_pdbx_unobs_or_zero_occ_residues.polymer_flag 
_pdbx_unobs_or_zero_occ_residues.occupancy_flag 
_pdbx_unobs_or_zero_occ_residues.auth_asym_id 
_pdbx_unobs_or_zero_occ_residues.auth_comp_id 
_pdbx_unobs_or_zero_occ_residues.auth_seq_id 
_pdbx_unobs_or_zero_occ_residues.PDB_ins_code 
_pdbx_unobs_or_zero_occ_residues.label_asym_id 
_pdbx_unobs_or_zero_occ_residues.label_comp_id 
_pdbx_unobs_or_zero_occ_residues.label_seq_id 
1  1 Y 1 A GLN 44  ? A GLN 1   
2  1 Y 1 A PRO 45  ? A PRO 2   
3  1 Y 1 A GLN 46  ? A GLN 3   
4  1 Y 1 A PHE 47  ? A PHE 4   
5  1 Y 1 A ASN 48  ? A ASN 5   
6  1 Y 1 A GLU 49  ? A GLU 6   
7  1 Y 1 A ASP 50  ? A ASP 7   
8  1 Y 1 A GLU 101 ? A GLU 58  
9  1 Y 1 A ASP 102 ? A ASP 59  
10 1 Y 1 A LYS 103 ? A LYS 60  
11 1 Y 1 A GLU 104 ? A GLU 61  
12 1 Y 1 A LYS 105 ? A LYS 62  
13 1 Y 1 A LYS 106 ? A LYS 63  
14 1 Y 1 A LYS 107 ? A LYS 64  
15 1 Y 1 A ASN 108 ? A ASN 65  
16 1 Y 1 A ASN 109 ? A ASN 66  
17 1 Y 1 A GLY 131 ? A GLY 88  
18 1 Y 1 A GLY 132 ? A GLY 89  
19 1 Y 1 A ILE 133 ? A ILE 90  
20 1 Y 1 A GLY 134 ? A GLY 91  
21 1 Y 1 A VAL 135 ? A VAL 92  
22 1 Y 1 A SER 136 ? A SER 93  
23 1 Y 1 A ASP 137 ? A ASP 94  
24 1 Y 1 A GLU 138 ? A GLU 95  
25 1 Y 1 A SER 139 ? A SER 96  
26 1 Y 1 A ASN 140 ? A ASN 97  
27 1 Y 1 A PHE 237 ? A PHE 194 
28 1 Y 1 A ASN 238 ? A ASN 195 
29 1 Y 1 A ASN 239 ? A ASN 196 
30 1 Y 1 A GLY 240 ? A GLY 197 
31 1 Y 1 A GLY 241 ? A GLY 198 
32 1 Y 1 A GLY 242 ? A GLY 199 
33 1 Y 1 B LYS 16  ? B LYS 1   
34 1 Y 1 B GLN 17  ? B GLN 2   
35 1 Y 1 B THR 18  ? B THR 3   
36 1 Y 1 B ASN 19  ? B ASN 4   
37 1 Y 1 B ASN 20  ? B ASN 5   
38 1 Y 1 B ALA 21  ? B ALA 6   
39 1 Y 1 B PRO 22  ? B PRO 7   
40 1 Y 1 B LYS 23  ? B LYS 8   
41 1 Y 1 B PRO 24  ? B PRO 9   
42 1 Y 1 B LYS 25  ? B LYS 10  
43 1 Y 1 B THR 58  ? B THR 43  
# 
loop_
_chem_comp_atom.comp_id 
_chem_comp_atom.atom_id 
_chem_comp_atom.type_symbol 
_chem_comp_atom.pdbx_aromatic_flag 
_chem_comp_atom.pdbx_stereo_config 
_chem_comp_atom.pdbx_ordinal 
ALA N    N N N 1   
ALA CA   C N S 2   
ALA C    C N N 3   
ALA O    O N N 4   
ALA CB   C N N 5   
ALA OXT  O N N 6   
ALA H    H N N 7   
ALA H2   H N N 8   
ALA HA   H N N 9   
ALA HB1  H N N 10  
ALA HB2  H N N 11  
ALA HB3  H N N 12  
ALA HXT  H N N 13  
ARG N    N N N 14  
ARG CA   C N S 15  
ARG C    C N N 16  
ARG O    O N N 17  
ARG CB   C N N 18  
ARG CG   C N N 19  
ARG CD   C N N 20  
ARG NE   N N N 21  
ARG CZ   C N N 22  
ARG NH1  N N N 23  
ARG NH2  N N N 24  
ARG OXT  O N N 25  
ARG H    H N N 26  
ARG H2   H N N 27  
ARG HA   H N N 28  
ARG HB2  H N N 29  
ARG HB3  H N N 30  
ARG HG2  H N N 31  
ARG HG3  H N N 32  
ARG HD2  H N N 33  
ARG HD3  H N N 34  
ARG HE   H N N 35  
ARG HH11 H N N 36  
ARG HH12 H N N 37  
ARG HH21 H N N 38  
ARG HH22 H N N 39  
ARG HXT  H N N 40  
ASN N    N N N 41  
ASN CA   C N S 42  
ASN C    C N N 43  
ASN O    O N N 44  
ASN CB   C N N 45  
ASN CG   C N N 46  
ASN OD1  O N N 47  
ASN ND2  N N N 48  
ASN OXT  O N N 49  
ASN H    H N N 50  
ASN H2   H N N 51  
ASN HA   H N N 52  
ASN HB2  H N N 53  
ASN HB3  H N N 54  
ASN HD21 H N N 55  
ASN HD22 H N N 56  
ASN HXT  H N N 57  
ASP N    N N N 58  
ASP CA   C N S 59  
ASP C    C N N 60  
ASP O    O N N 61  
ASP CB   C N N 62  
ASP CG   C N N 63  
ASP OD1  O N N 64  
ASP OD2  O N N 65  
ASP OXT  O N N 66  
ASP H    H N N 67  
ASP H2   H N N 68  
ASP HA   H N N 69  
ASP HB2  H N N 70  
ASP HB3  H N N 71  
ASP HD2  H N N 72  
ASP HXT  H N N 73  
CYS N    N N N 74  
CYS CA   C N R 75  
CYS C    C N N 76  
CYS O    O N N 77  
CYS CB   C N N 78  
CYS SG   S N N 79  
CYS OXT  O N N 80  
CYS H    H N N 81  
CYS H2   H N N 82  
CYS HA   H N N 83  
CYS HB2  H N N 84  
CYS HB3  H N N 85  
CYS HG   H N N 86  
CYS HXT  H N N 87  
GLN N    N N N 88  
GLN CA   C N S 89  
GLN C    C N N 90  
GLN O    O N N 91  
GLN CB   C N N 92  
GLN CG   C N N 93  
GLN CD   C N N 94  
GLN OE1  O N N 95  
GLN NE2  N N N 96  
GLN OXT  O N N 97  
GLN H    H N N 98  
GLN H2   H N N 99  
GLN HA   H N N 100 
GLN HB2  H N N 101 
GLN HB3  H N N 102 
GLN HG2  H N N 103 
GLN HG3  H N N 104 
GLN HE21 H N N 105 
GLN HE22 H N N 106 
GLN HXT  H N N 107 
GLU N    N N N 108 
GLU CA   C N S 109 
GLU C    C N N 110 
GLU O    O N N 111 
GLU CB   C N N 112 
GLU CG   C N N 113 
GLU CD   C N N 114 
GLU OE1  O N N 115 
GLU OE2  O N N 116 
GLU OXT  O N N 117 
GLU H    H N N 118 
GLU H2   H N N 119 
GLU HA   H N N 120 
GLU HB2  H N N 121 
GLU HB3  H N N 122 
GLU HG2  H N N 123 
GLU HG3  H N N 124 
GLU HE2  H N N 125 
GLU HXT  H N N 126 
GLY N    N N N 127 
GLY CA   C N N 128 
GLY C    C N N 129 
GLY O    O N N 130 
GLY OXT  O N N 131 
GLY H    H N N 132 
GLY H2   H N N 133 
GLY HA2  H N N 134 
GLY HA3  H N N 135 
GLY HXT  H N N 136 
HIS N    N N N 137 
HIS CA   C N S 138 
HIS C    C N N 139 
HIS O    O N N 140 
HIS CB   C N N 141 
HIS CG   C Y N 142 
HIS ND1  N Y N 143 
HIS CD2  C Y N 144 
HIS CE1  C Y N 145 
HIS NE2  N Y N 146 
HIS OXT  O N N 147 
HIS H    H N N 148 
HIS H2   H N N 149 
HIS HA   H N N 150 
HIS HB2  H N N 151 
HIS HB3  H N N 152 
HIS HD1  H N N 153 
HIS HD2  H N N 154 
HIS HE1  H N N 155 
HIS HE2  H N N 156 
HIS HXT  H N N 157 
HOH O    O N N 158 
HOH H1   H N N 159 
HOH H2   H N N 160 
ILE N    N N N 161 
ILE CA   C N S 162 
ILE C    C N N 163 
ILE O    O N N 164 
ILE CB   C N S 165 
ILE CG1  C N N 166 
ILE CG2  C N N 167 
ILE CD1  C N N 168 
ILE OXT  O N N 169 
ILE H    H N N 170 
ILE H2   H N N 171 
ILE HA   H N N 172 
ILE HB   H N N 173 
ILE HG12 H N N 174 
ILE HG13 H N N 175 
ILE HG21 H N N 176 
ILE HG22 H N N 177 
ILE HG23 H N N 178 
ILE HD11 H N N 179 
ILE HD12 H N N 180 
ILE HD13 H N N 181 
ILE HXT  H N N 182 
LEU N    N N N 183 
LEU CA   C N S 184 
LEU C    C N N 185 
LEU O    O N N 186 
LEU CB   C N N 187 
LEU CG   C N N 188 
LEU CD1  C N N 189 
LEU CD2  C N N 190 
LEU OXT  O N N 191 
LEU H    H N N 192 
LEU H2   H N N 193 
LEU HA   H N N 194 
LEU HB2  H N N 195 
LEU HB3  H N N 196 
LEU HG   H N N 197 
LEU HD11 H N N 198 
LEU HD12 H N N 199 
LEU HD13 H N N 200 
LEU HD21 H N N 201 
LEU HD22 H N N 202 
LEU HD23 H N N 203 
LEU HXT  H N N 204 
LYS N    N N N 205 
LYS CA   C N S 206 
LYS C    C N N 207 
LYS O    O N N 208 
LYS CB   C N N 209 
LYS CG   C N N 210 
LYS CD   C N N 211 
LYS CE   C N N 212 
LYS NZ   N N N 213 
LYS OXT  O N N 214 
LYS H    H N N 215 
LYS H2   H N N 216 
LYS HA   H N N 217 
LYS HB2  H N N 218 
LYS HB3  H N N 219 
LYS HG2  H N N 220 
LYS HG3  H N N 221 
LYS HD2  H N N 222 
LYS HD3  H N N 223 
LYS HE2  H N N 224 
LYS HE3  H N N 225 
LYS HZ1  H N N 226 
LYS HZ2  H N N 227 
LYS HZ3  H N N 228 
LYS HXT  H N N 229 
MET N    N N N 230 
MET CA   C N S 231 
MET C    C N N 232 
MET O    O N N 233 
MET CB   C N N 234 
MET CG   C N N 235 
MET SD   S N N 236 
MET CE   C N N 237 
MET OXT  O N N 238 
MET H    H N N 239 
MET H2   H N N 240 
MET HA   H N N 241 
MET HB2  H N N 242 
MET HB3  H N N 243 
MET HG2  H N N 244 
MET HG3  H N N 245 
MET HE1  H N N 246 
MET HE2  H N N 247 
MET HE3  H N N 248 
MET HXT  H N N 249 
PHE N    N N N 250 
PHE CA   C N S 251 
PHE C    C N N 252 
PHE O    O N N 253 
PHE CB   C N N 254 
PHE CG   C Y N 255 
PHE CD1  C Y N 256 
PHE CD2  C Y N 257 
PHE CE1  C Y N 258 
PHE CE2  C Y N 259 
PHE CZ   C Y N 260 
PHE OXT  O N N 261 
PHE H    H N N 262 
PHE H2   H N N 263 
PHE HA   H N N 264 
PHE HB2  H N N 265 
PHE HB3  H N N 266 
PHE HD1  H N N 267 
PHE HD2  H N N 268 
PHE HE1  H N N 269 
PHE HE2  H N N 270 
PHE HZ   H N N 271 
PHE HXT  H N N 272 
PRO N    N N N 273 
PRO CA   C N S 274 
PRO C    C N N 275 
PRO O    O N N 276 
PRO CB   C N N 277 
PRO CG   C N N 278 
PRO CD   C N N 279 
PRO OXT  O N N 280 
PRO H    H N N 281 
PRO HA   H N N 282 
PRO HB2  H N N 283 
PRO HB3  H N N 284 
PRO HG2  H N N 285 
PRO HG3  H N N 286 
PRO HD2  H N N 287 
PRO HD3  H N N 288 
PRO HXT  H N N 289 
SER N    N N N 290 
SER CA   C N S 291 
SER C    C N N 292 
SER O    O N N 293 
SER CB   C N N 294 
SER OG   O N N 295 
SER OXT  O N N 296 
SER H    H N N 297 
SER H2   H N N 298 
SER HA   H N N 299 
SER HB2  H N N 300 
SER HB3  H N N 301 
SER HG   H N N 302 
SER HXT  H N N 303 
THR N    N N N 304 
THR CA   C N S 305 
THR C    C N N 306 
THR O    O N N 307 
THR CB   C N R 308 
THR OG1  O N N 309 
THR CG2  C N N 310 
THR OXT  O N N 311 
THR H    H N N 312 
THR H2   H N N 313 
THR HA   H N N 314 
THR HB   H N N 315 
THR HG1  H N N 316 
THR HG21 H N N 317 
THR HG22 H N N 318 
THR HG23 H N N 319 
THR HXT  H N N 320 
TRP N    N N N 321 
TRP CA   C N S 322 
TRP C    C N N 323 
TRP O    O N N 324 
TRP CB   C N N 325 
TRP CG   C Y N 326 
TRP CD1  C Y N 327 
TRP CD2  C Y N 328 
TRP NE1  N Y N 329 
TRP CE2  C Y N 330 
TRP CE3  C Y N 331 
TRP CZ2  C Y N 332 
TRP CZ3  C Y N 333 
TRP CH2  C Y N 334 
TRP OXT  O N N 335 
TRP H    H N N 336 
TRP H2   H N N 337 
TRP HA   H N N 338 
TRP HB2  H N N 339 
TRP HB3  H N N 340 
TRP HD1  H N N 341 
TRP HE1  H N N 342 
TRP HE3  H N N 343 
TRP HZ2  H N N 344 
TRP HZ3  H N N 345 
TRP HH2  H N N 346 
TRP HXT  H N N 347 
TYR N    N N N 348 
TYR CA   C N S 349 
TYR C    C N N 350 
TYR O    O N N 351 
TYR CB   C N N 352 
TYR CG   C Y N 353 
TYR CD1  C Y N 354 
TYR CD2  C Y N 355 
TYR CE1  C Y N 356 
TYR CE2  C Y N 357 
TYR CZ   C Y N 358 
TYR OH   O N N 359 
TYR OXT  O N N 360 
TYR H    H N N 361 
TYR H2   H N N 362 
TYR HA   H N N 363 
TYR HB2  H N N 364 
TYR HB3  H N N 365 
TYR HD1  H N N 366 
TYR HD2  H N N 367 
TYR HE1  H N N 368 
TYR HE2  H N N 369 
TYR HH   H N N 370 
TYR HXT  H N N 371 
VAL N    N N N 372 
VAL CA   C N S 373 
VAL C    C N N 374 
VAL O    O N N 375 
VAL CB   C N N 376 
VAL CG1  C N N 377 
VAL CG2  C N N 378 
VAL OXT  O N N 379 
VAL H    H N N 380 
VAL H2   H N N 381 
VAL HA   H N N 382 
VAL HB   H N N 383 
VAL HG11 H N N 384 
VAL HG12 H N N 385 
VAL HG13 H N N 386 
VAL HG21 H N N 387 
VAL HG22 H N N 388 
VAL HG23 H N N 389 
VAL HXT  H N N 390 
# 
loop_
_chem_comp_bond.comp_id 
_chem_comp_bond.atom_id_1 
_chem_comp_bond.atom_id_2 
_chem_comp_bond.value_order 
_chem_comp_bond.pdbx_aromatic_flag 
_chem_comp_bond.pdbx_stereo_config 
_chem_comp_bond.pdbx_ordinal 
ALA N   CA   sing N N 1   
ALA N   H    sing N N 2   
ALA N   H2   sing N N 3   
ALA CA  C    sing N N 4   
ALA CA  CB   sing N N 5   
ALA CA  HA   sing N N 6   
ALA C   O    doub N N 7   
ALA C   OXT  sing N N 8   
ALA CB  HB1  sing N N 9   
ALA CB  HB2  sing N N 10  
ALA CB  HB3  sing N N 11  
ALA OXT HXT  sing N N 12  
ARG N   CA   sing N N 13  
ARG N   H    sing N N 14  
ARG N   H2   sing N N 15  
ARG CA  C    sing N N 16  
ARG CA  CB   sing N N 17  
ARG CA  HA   sing N N 18  
ARG C   O    doub N N 19  
ARG C   OXT  sing N N 20  
ARG CB  CG   sing N N 21  
ARG CB  HB2  sing N N 22  
ARG CB  HB3  sing N N 23  
ARG CG  CD   sing N N 24  
ARG CG  HG2  sing N N 25  
ARG CG  HG3  sing N N 26  
ARG CD  NE   sing N N 27  
ARG CD  HD2  sing N N 28  
ARG CD  HD3  sing N N 29  
ARG NE  CZ   sing N N 30  
ARG NE  HE   sing N N 31  
ARG CZ  NH1  sing N N 32  
ARG CZ  NH2  doub N N 33  
ARG NH1 HH11 sing N N 34  
ARG NH1 HH12 sing N N 35  
ARG NH2 HH21 sing N N 36  
ARG NH2 HH22 sing N N 37  
ARG OXT HXT  sing N N 38  
ASN N   CA   sing N N 39  
ASN N   H    sing N N 40  
ASN N   H2   sing N N 41  
ASN CA  C    sing N N 42  
ASN CA  CB   sing N N 43  
ASN CA  HA   sing N N 44  
ASN C   O    doub N N 45  
ASN C   OXT  sing N N 46  
ASN CB  CG   sing N N 47  
ASN CB  HB2  sing N N 48  
ASN CB  HB3  sing N N 49  
ASN CG  OD1  doub N N 50  
ASN CG  ND2  sing N N 51  
ASN ND2 HD21 sing N N 52  
ASN ND2 HD22 sing N N 53  
ASN OXT HXT  sing N N 54  
ASP N   CA   sing N N 55  
ASP N   H    sing N N 56  
ASP N   H2   sing N N 57  
ASP CA  C    sing N N 58  
ASP CA  CB   sing N N 59  
ASP CA  HA   sing N N 60  
ASP C   O    doub N N 61  
ASP C   OXT  sing N N 62  
ASP CB  CG   sing N N 63  
ASP CB  HB2  sing N N 64  
ASP CB  HB3  sing N N 65  
ASP CG  OD1  doub N N 66  
ASP CG  OD2  sing N N 67  
ASP OD2 HD2  sing N N 68  
ASP OXT HXT  sing N N 69  
CYS N   CA   sing N N 70  
CYS N   H    sing N N 71  
CYS N   H2   sing N N 72  
CYS CA  C    sing N N 73  
CYS CA  CB   sing N N 74  
CYS CA  HA   sing N N 75  
CYS C   O    doub N N 76  
CYS C   OXT  sing N N 77  
CYS CB  SG   sing N N 78  
CYS CB  HB2  sing N N 79  
CYS CB  HB3  sing N N 80  
CYS SG  HG   sing N N 81  
CYS OXT HXT  sing N N 82  
GLN N   CA   sing N N 83  
GLN N   H    sing N N 84  
GLN N   H2   sing N N 85  
GLN CA  C    sing N N 86  
GLN CA  CB   sing N N 87  
GLN CA  HA   sing N N 88  
GLN C   O    doub N N 89  
GLN C   OXT  sing N N 90  
GLN CB  CG   sing N N 91  
GLN CB  HB2  sing N N 92  
GLN CB  HB3  sing N N 93  
GLN CG  CD   sing N N 94  
GLN CG  HG2  sing N N 95  
GLN CG  HG3  sing N N 96  
GLN CD  OE1  doub N N 97  
GLN CD  NE2  sing N N 98  
GLN NE2 HE21 sing N N 99  
GLN NE2 HE22 sing N N 100 
GLN OXT HXT  sing N N 101 
GLU N   CA   sing N N 102 
GLU N   H    sing N N 103 
GLU N   H2   sing N N 104 
GLU CA  C    sing N N 105 
GLU CA  CB   sing N N 106 
GLU CA  HA   sing N N 107 
GLU C   O    doub N N 108 
GLU C   OXT  sing N N 109 
GLU CB  CG   sing N N 110 
GLU CB  HB2  sing N N 111 
GLU CB  HB3  sing N N 112 
GLU CG  CD   sing N N 113 
GLU CG  HG2  sing N N 114 
GLU CG  HG3  sing N N 115 
GLU CD  OE1  doub N N 116 
GLU CD  OE2  sing N N 117 
GLU OE2 HE2  sing N N 118 
GLU OXT HXT  sing N N 119 
GLY N   CA   sing N N 120 
GLY N   H    sing N N 121 
GLY N   H2   sing N N 122 
GLY CA  C    sing N N 123 
GLY CA  HA2  sing N N 124 
GLY CA  HA3  sing N N 125 
GLY C   O    doub N N 126 
GLY C   OXT  sing N N 127 
GLY OXT HXT  sing N N 128 
HIS N   CA   sing N N 129 
HIS N   H    sing N N 130 
HIS N   H2   sing N N 131 
HIS CA  C    sing N N 132 
HIS CA  CB   sing N N 133 
HIS CA  HA   sing N N 134 
HIS C   O    doub N N 135 
HIS C   OXT  sing N N 136 
HIS CB  CG   sing N N 137 
HIS CB  HB2  sing N N 138 
HIS CB  HB3  sing N N 139 
HIS CG  ND1  sing Y N 140 
HIS CG  CD2  doub Y N 141 
HIS ND1 CE1  doub Y N 142 
HIS ND1 HD1  sing N N 143 
HIS CD2 NE2  sing Y N 144 
HIS CD2 HD2  sing N N 145 
HIS CE1 NE2  sing Y N 146 
HIS CE1 HE1  sing N N 147 
HIS NE2 HE2  sing N N 148 
HIS OXT HXT  sing N N 149 
HOH O   H1   sing N N 150 
HOH O   H2   sing N N 151 
ILE N   CA   sing N N 152 
ILE N   H    sing N N 153 
ILE N   H2   sing N N 154 
ILE CA  C    sing N N 155 
ILE CA  CB   sing N N 156 
ILE CA  HA   sing N N 157 
ILE C   O    doub N N 158 
ILE C   OXT  sing N N 159 
ILE CB  CG1  sing N N 160 
ILE CB  CG2  sing N N 161 
ILE CB  HB   sing N N 162 
ILE CG1 CD1  sing N N 163 
ILE CG1 HG12 sing N N 164 
ILE CG1 HG13 sing N N 165 
ILE CG2 HG21 sing N N 166 
ILE CG2 HG22 sing N N 167 
ILE CG2 HG23 sing N N 168 
ILE CD1 HD11 sing N N 169 
ILE CD1 HD12 sing N N 170 
ILE CD1 HD13 sing N N 171 
ILE OXT HXT  sing N N 172 
LEU N   CA   sing N N 173 
LEU N   H    sing N N 174 
LEU N   H2   sing N N 175 
LEU CA  C    sing N N 176 
LEU CA  CB   sing N N 177 
LEU CA  HA   sing N N 178 
LEU C   O    doub N N 179 
LEU C   OXT  sing N N 180 
LEU CB  CG   sing N N 181 
LEU CB  HB2  sing N N 182 
LEU CB  HB3  sing N N 183 
LEU CG  CD1  sing N N 184 
LEU CG  CD2  sing N N 185 
LEU CG  HG   sing N N 186 
LEU CD1 HD11 sing N N 187 
LEU CD1 HD12 sing N N 188 
LEU CD1 HD13 sing N N 189 
LEU CD2 HD21 sing N N 190 
LEU CD2 HD22 sing N N 191 
LEU CD2 HD23 sing N N 192 
LEU OXT HXT  sing N N 193 
LYS N   CA   sing N N 194 
LYS N   H    sing N N 195 
LYS N   H2   sing N N 196 
LYS CA  C    sing N N 197 
LYS CA  CB   sing N N 198 
LYS CA  HA   sing N N 199 
LYS C   O    doub N N 200 
LYS C   OXT  sing N N 201 
LYS CB  CG   sing N N 202 
LYS CB  HB2  sing N N 203 
LYS CB  HB3  sing N N 204 
LYS CG  CD   sing N N 205 
LYS CG  HG2  sing N N 206 
LYS CG  HG3  sing N N 207 
LYS CD  CE   sing N N 208 
LYS CD  HD2  sing N N 209 
LYS CD  HD3  sing N N 210 
LYS CE  NZ   sing N N 211 
LYS CE  HE2  sing N N 212 
LYS CE  HE3  sing N N 213 
LYS NZ  HZ1  sing N N 214 
LYS NZ  HZ2  sing N N 215 
LYS NZ  HZ3  sing N N 216 
LYS OXT HXT  sing N N 217 
MET N   CA   sing N N 218 
MET N   H    sing N N 219 
MET N   H2   sing N N 220 
MET CA  C    sing N N 221 
MET CA  CB   sing N N 222 
MET CA  HA   sing N N 223 
MET C   O    doub N N 224 
MET C   OXT  sing N N 225 
MET CB  CG   sing N N 226 
MET CB  HB2  sing N N 227 
MET CB  HB3  sing N N 228 
MET CG  SD   sing N N 229 
MET CG  HG2  sing N N 230 
MET CG  HG3  sing N N 231 
MET SD  CE   sing N N 232 
MET CE  HE1  sing N N 233 
MET CE  HE2  sing N N 234 
MET CE  HE3  sing N N 235 
MET OXT HXT  sing N N 236 
PHE N   CA   sing N N 237 
PHE N   H    sing N N 238 
PHE N   H2   sing N N 239 
PHE CA  C    sing N N 240 
PHE CA  CB   sing N N 241 
PHE CA  HA   sing N N 242 
PHE C   O    doub N N 243 
PHE C   OXT  sing N N 244 
PHE CB  CG   sing N N 245 
PHE CB  HB2  sing N N 246 
PHE CB  HB3  sing N N 247 
PHE CG  CD1  doub Y N 248 
PHE CG  CD2  sing Y N 249 
PHE CD1 CE1  sing Y N 250 
PHE CD1 HD1  sing N N 251 
PHE CD2 CE2  doub Y N 252 
PHE CD2 HD2  sing N N 253 
PHE CE1 CZ   doub Y N 254 
PHE CE1 HE1  sing N N 255 
PHE CE2 CZ   sing Y N 256 
PHE CE2 HE2  sing N N 257 
PHE CZ  HZ   sing N N 258 
PHE OXT HXT  sing N N 259 
PRO N   CA   sing N N 260 
PRO N   CD   sing N N 261 
PRO N   H    sing N N 262 
PRO CA  C    sing N N 263 
PRO CA  CB   sing N N 264 
PRO CA  HA   sing N N 265 
PRO C   O    doub N N 266 
PRO C   OXT  sing N N 267 
PRO CB  CG   sing N N 268 
PRO CB  HB2  sing N N 269 
PRO CB  HB3  sing N N 270 
PRO CG  CD   sing N N 271 
PRO CG  HG2  sing N N 272 
PRO CG  HG3  sing N N 273 
PRO CD  HD2  sing N N 274 
PRO CD  HD3  sing N N 275 
PRO OXT HXT  sing N N 276 
SER N   CA   sing N N 277 
SER N   H    sing N N 278 
SER N   H2   sing N N 279 
SER CA  C    sing N N 280 
SER CA  CB   sing N N 281 
SER CA  HA   sing N N 282 
SER C   O    doub N N 283 
SER C   OXT  sing N N 284 
SER CB  OG   sing N N 285 
SER CB  HB2  sing N N 286 
SER CB  HB3  sing N N 287 
SER OG  HG   sing N N 288 
SER OXT HXT  sing N N 289 
THR N   CA   sing N N 290 
THR N   H    sing N N 291 
THR N   H2   sing N N 292 
THR CA  C    sing N N 293 
THR CA  CB   sing N N 294 
THR CA  HA   sing N N 295 
THR C   O    doub N N 296 
THR C   OXT  sing N N 297 
THR CB  OG1  sing N N 298 
THR CB  CG2  sing N N 299 
THR CB  HB   sing N N 300 
THR OG1 HG1  sing N N 301 
THR CG2 HG21 sing N N 302 
THR CG2 HG22 sing N N 303 
THR CG2 HG23 sing N N 304 
THR OXT HXT  sing N N 305 
TRP N   CA   sing N N 306 
TRP N   H    sing N N 307 
TRP N   H2   sing N N 308 
TRP CA  C    sing N N 309 
TRP CA  CB   sing N N 310 
TRP CA  HA   sing N N 311 
TRP C   O    doub N N 312 
TRP C   OXT  sing N N 313 
TRP CB  CG   sing N N 314 
TRP CB  HB2  sing N N 315 
TRP CB  HB3  sing N N 316 
TRP CG  CD1  doub Y N 317 
TRP CG  CD2  sing Y N 318 
TRP CD1 NE1  sing Y N 319 
TRP CD1 HD1  sing N N 320 
TRP CD2 CE2  doub Y N 321 
TRP CD2 CE3  sing Y N 322 
TRP NE1 CE2  sing Y N 323 
TRP NE1 HE1  sing N N 324 
TRP CE2 CZ2  sing Y N 325 
TRP CE3 CZ3  doub Y N 326 
TRP CE3 HE3  sing N N 327 
TRP CZ2 CH2  doub Y N 328 
TRP CZ2 HZ2  sing N N 329 
TRP CZ3 CH2  sing Y N 330 
TRP CZ3 HZ3  sing N N 331 
TRP CH2 HH2  sing N N 332 
TRP OXT HXT  sing N N 333 
TYR N   CA   sing N N 334 
TYR N   H    sing N N 335 
TYR N   H2   sing N N 336 
TYR CA  C    sing N N 337 
TYR CA  CB   sing N N 338 
TYR CA  HA   sing N N 339 
TYR C   O    doub N N 340 
TYR C   OXT  sing N N 341 
TYR CB  CG   sing N N 342 
TYR CB  HB2  sing N N 343 
TYR CB  HB3  sing N N 344 
TYR CG  CD1  doub Y N 345 
TYR CG  CD2  sing Y N 346 
TYR CD1 CE1  sing Y N 347 
TYR CD1 HD1  sing N N 348 
TYR CD2 CE2  doub Y N 349 
TYR CD2 HD2  sing N N 350 
TYR CE1 CZ   doub Y N 351 
TYR CE1 HE1  sing N N 352 
TYR CE2 CZ   sing Y N 353 
TYR CE2 HE2  sing N N 354 
TYR CZ  OH   sing N N 355 
TYR OH  HH   sing N N 356 
TYR OXT HXT  sing N N 357 
VAL N   CA   sing N N 358 
VAL N   H    sing N N 359 
VAL N   H2   sing N N 360 
VAL CA  C    sing N N 361 
VAL CA  CB   sing N N 362 
VAL CA  HA   sing N N 363 
VAL C   O    doub N N 364 
VAL C   OXT  sing N N 365 
VAL CB  CG1  sing N N 366 
VAL CB  CG2  sing N N 367 
VAL CB  HB   sing N N 368 
VAL CG1 HG11 sing N N 369 
VAL CG1 HG12 sing N N 370 
VAL CG1 HG13 sing N N 371 
VAL CG2 HG21 sing N N 372 
VAL CG2 HG22 sing N N 373 
VAL CG2 HG23 sing N N 374 
VAL OXT HXT  sing N N 375 
# 
loop_
_pdbx_audit_support.funding_organization 
_pdbx_audit_support.country 
_pdbx_audit_support.grant_number 
_pdbx_audit_support.ordinal 
'National Institutes of Health/National Institute of General Medical Sciences (NIH/NIGMS)'                  'United States' 
GM104212 1 
'National Institutes of Health/National Institute of General Medical Sciences (NIH/NIGMS)'                  'United States' 
GM102545 2 
'National Institutes of Health/National Institute of Diabetes and Digestive and Kidney Disease (NIH/NIDDK)' 'United States' 
DK071662 3 
# 
_pdbx_entity_nonpoly.entity_id   3 
_pdbx_entity_nonpoly.name        water 
_pdbx_entity_nonpoly.comp_id     HOH 
# 
_pdbx_initial_refinement_model.id               1 
_pdbx_initial_refinement_model.entity_id_list   ? 
_pdbx_initial_refinement_model.type             'experimental model' 
_pdbx_initial_refinement_model.source_name      PDB 
_pdbx_initial_refinement_model.accession_code   4RQW 
_pdbx_initial_refinement_model.details          ? 
# 
_pdbx_struct_assembly_auth_evidence.id                     1 
_pdbx_struct_assembly_auth_evidence.assembly_id            1 
_pdbx_struct_assembly_auth_evidence.experimental_support   'gel filtration' 
_pdbx_struct_assembly_auth_evidence.details                ? 
# 
